data_1T1H
#
_entry.id   1T1H
#
_entity_poly.entity_id   1
_entity_poly.type   'polypeptide(L)'
_entity_poly.pdbx_seq_one_letter_code
;GSPEFPEYFRCPISLELMKDPVIVSTGQTYERSSIQKWLDAGHKTCPKSQETLLHAGLTPNYVLKSLIALWCESNGIE
;
_entity_poly.pdbx_strand_id   A
#
# COMPACT_ATOMS: atom_id res chain seq x y z
N GLY A 1 22.71 0.88 4.80
CA GLY A 1 21.72 0.27 5.71
C GLY A 1 20.57 1.20 6.05
N SER A 2 19.49 1.11 5.28
CA SER A 2 18.32 1.93 5.53
C SER A 2 17.04 1.10 5.40
N PRO A 3 16.07 1.29 6.31
CA PRO A 3 14.82 0.53 6.32
C PRO A 3 13.81 1.07 5.31
N GLU A 4 14.29 1.44 4.13
CA GLU A 4 13.42 2.00 3.10
C GLU A 4 12.97 0.91 2.13
N PHE A 5 11.66 0.75 2.03
CA PHE A 5 11.07 -0.21 1.11
C PHE A 5 9.67 0.26 0.71
N PRO A 6 9.35 0.21 -0.59
CA PRO A 6 8.04 0.63 -1.10
C PRO A 6 6.90 -0.23 -0.54
N GLU A 7 6.89 -1.51 -0.89
CA GLU A 7 5.87 -2.41 -0.39
C GLU A 7 6.45 -3.34 0.67
N TYR A 8 5.77 -4.47 0.88
CA TYR A 8 6.20 -5.53 1.78
C TYR A 8 5.97 -5.17 3.25
N PHE A 9 6.27 -3.94 3.64
CA PHE A 9 6.07 -3.53 5.04
C PHE A 9 5.36 -2.18 5.13
N ARG A 10 6.11 -1.09 5.24
CA ARG A 10 5.51 0.22 5.42
C ARG A 10 5.03 0.78 4.09
N CYS A 11 3.96 1.55 4.13
CA CYS A 11 3.46 2.20 2.93
C CYS A 11 4.28 3.45 2.63
N PRO A 12 4.58 3.71 1.35
CA PRO A 12 5.29 4.91 0.93
C PRO A 12 4.40 6.13 0.97
N ILE A 13 3.14 5.90 1.34
CA ILE A 13 2.14 6.95 1.37
C ILE A 13 2.49 7.97 2.45
N SER A 14 2.59 7.52 3.70
CA SER A 14 2.96 8.40 4.80
C SER A 14 3.74 7.65 5.88
N LEU A 15 4.33 6.50 5.53
CA LEU A 15 5.06 5.67 6.49
C LEU A 15 4.11 5.24 7.61
N GLU A 16 2.88 4.95 7.25
CA GLU A 16 1.88 4.52 8.21
C GLU A 16 1.92 3.01 8.36
N LEU A 17 2.41 2.36 7.30
CA LEU A 17 2.42 0.90 7.21
C LEU A 17 0.98 0.37 7.10
N MET A 18 0.84 -0.77 6.46
CA MET A 18 -0.47 -1.31 6.17
C MET A 18 -0.80 -2.48 7.07
N LYS A 19 -2.08 -2.70 7.31
CA LYS A 19 -2.52 -3.86 8.06
C LYS A 19 -3.13 -4.87 7.09
N ASP A 20 -4.27 -4.52 6.54
CA ASP A 20 -4.86 -5.23 5.42
C ASP A 20 -4.44 -4.53 4.14
N PRO A 21 -3.53 -5.14 3.37
CA PRO A 21 -3.00 -4.54 2.16
C PRO A 21 -3.83 -4.87 0.93
N VAL A 22 -4.12 -3.87 0.13
CA VAL A 22 -4.93 -4.06 -1.04
C VAL A 22 -4.10 -3.86 -2.31
N ILE A 23 -4.24 -4.82 -3.22
CA ILE A 23 -3.57 -4.74 -4.50
C ILE A 23 -4.47 -4.03 -5.50
N VAL A 24 -3.87 -3.25 -6.36
CA VAL A 24 -4.59 -2.61 -7.45
C VAL A 24 -3.83 -2.89 -8.73
N SER A 25 -4.41 -2.52 -9.87
CA SER A 25 -3.72 -2.71 -11.14
C SER A 25 -2.41 -1.93 -11.14
N THR A 26 -1.45 -2.41 -11.93
CA THR A 26 -0.06 -1.95 -11.90
C THR A 26 0.72 -2.75 -10.86
N GLY A 27 -0.02 -3.49 -10.03
CA GLY A 27 0.60 -4.39 -9.09
C GLY A 27 1.05 -3.72 -7.81
N GLN A 28 0.31 -2.70 -7.39
CA GLN A 28 0.62 -2.00 -6.15
C GLN A 28 -0.11 -2.63 -4.96
N THR A 29 0.57 -2.78 -3.83
CA THR A 29 -0.09 -3.25 -2.61
C THR A 29 0.21 -2.29 -1.46
N TYR A 30 -0.77 -1.44 -1.16
CA TYR A 30 -0.66 -0.47 -0.07
C TYR A 30 -1.89 -0.59 0.82
N GLU A 31 -1.94 0.15 1.93
CA GLU A 31 -3.12 0.09 2.79
C GLU A 31 -4.27 0.86 2.17
N ARG A 32 -5.45 0.26 2.25
CA ARG A 32 -6.67 0.81 1.68
C ARG A 32 -6.92 2.25 2.14
N SER A 33 -6.70 2.52 3.41
CA SER A 33 -6.96 3.85 3.97
C SER A 33 -6.04 4.90 3.36
N SER A 34 -4.92 4.47 2.80
CA SER A 34 -3.98 5.38 2.19
C SER A 34 -4.21 5.49 0.69
N ILE A 35 -4.45 4.34 0.04
CA ILE A 35 -4.60 4.29 -1.41
C ILE A 35 -6.03 4.63 -1.85
N GLN A 36 -7.00 4.00 -1.23
CA GLN A 36 -8.39 4.17 -1.64
C GLN A 36 -8.91 5.51 -1.17
N LYS A 37 -8.13 6.14 -0.34
CA LYS A 37 -8.37 7.50 0.05
C LYS A 37 -8.31 8.42 -1.16
N TRP A 38 -7.31 8.21 -2.01
CA TRP A 38 -7.16 9.06 -3.19
C TRP A 38 -7.73 8.38 -4.43
N LEU A 39 -7.72 7.04 -4.49
CA LEU A 39 -8.33 6.35 -5.62
C LEU A 39 -9.82 6.63 -5.69
N ASP A 40 -10.47 6.66 -4.52
CA ASP A 40 -11.90 6.93 -4.45
C ASP A 40 -12.21 8.34 -4.94
N ALA A 41 -11.23 9.24 -4.77
CA ALA A 41 -11.38 10.63 -5.19
C ALA A 41 -11.55 10.76 -6.71
N GLY A 42 -11.28 9.67 -7.43
CA GLY A 42 -11.47 9.67 -8.87
C GLY A 42 -10.17 9.51 -9.63
N HIS A 43 -9.08 9.37 -8.89
CA HIS A 43 -7.77 9.22 -9.51
C HIS A 43 -7.39 7.75 -9.58
N LYS A 44 -6.66 7.37 -10.60
CA LYS A 44 -6.18 6.01 -10.75
C LYS A 44 -4.75 6.01 -11.27
N THR A 45 -3.83 6.43 -10.41
CA THR A 45 -2.40 6.45 -10.73
C THR A 45 -1.60 6.01 -9.50
N CYS A 46 -0.52 5.28 -9.73
CA CYS A 46 0.35 4.86 -8.64
C CYS A 46 1.09 6.05 -8.02
N PRO A 47 1.43 5.98 -6.72
CA PRO A 47 2.10 7.07 -6.00
C PRO A 47 3.60 7.14 -6.29
N LYS A 48 4.08 6.21 -7.09
CA LYS A 48 5.50 6.09 -7.37
C LYS A 48 5.91 7.03 -8.50
N SER A 49 5.30 6.85 -9.66
CA SER A 49 5.61 7.68 -10.82
C SER A 49 4.31 8.06 -11.53
N GLN A 50 3.19 7.78 -10.86
CA GLN A 50 1.87 8.11 -11.36
C GLN A 50 1.50 7.22 -12.52
N GLU A 51 2.00 5.98 -12.47
CA GLU A 51 1.63 4.96 -13.42
C GLU A 51 0.12 4.77 -13.37
N THR A 52 -0.55 5.17 -14.43
CA THR A 52 -2.00 5.08 -14.49
C THR A 52 -2.45 3.63 -14.34
N LEU A 53 -3.28 3.39 -13.34
CA LEU A 53 -3.73 2.05 -13.02
C LEU A 53 -4.70 1.54 -14.09
N LEU A 54 -5.20 2.48 -14.90
CA LEU A 54 -6.15 2.21 -15.99
C LEU A 54 -7.48 1.70 -15.44
N HIS A 55 -7.54 0.44 -15.06
CA HIS A 55 -8.73 -0.12 -14.45
C HIS A 55 -8.61 -0.06 -12.94
N ALA A 56 -9.37 0.83 -12.33
CA ALA A 56 -9.32 1.01 -10.89
C ALA A 56 -10.21 -0.02 -10.20
N GLY A 57 -9.59 -1.13 -9.83
CA GLY A 57 -10.29 -2.16 -9.09
C GLY A 57 -9.45 -2.60 -7.92
N LEU A 58 -10.07 -2.75 -6.76
CA LEU A 58 -9.32 -3.06 -5.57
C LEU A 58 -9.32 -4.56 -5.31
N THR A 59 -8.17 -5.17 -5.50
CA THR A 59 -8.01 -6.61 -5.34
C THR A 59 -7.23 -6.90 -4.05
N PRO A 60 -7.90 -7.40 -3.01
CA PRO A 60 -7.27 -7.65 -1.71
C PRO A 60 -6.12 -8.66 -1.79
N ASN A 61 -4.93 -8.22 -1.41
CA ASN A 61 -3.75 -9.07 -1.48
C ASN A 61 -3.34 -9.52 -0.08
N TYR A 62 -3.61 -10.78 0.23
CA TYR A 62 -3.42 -11.30 1.58
C TYR A 62 -1.98 -11.73 1.84
N VAL A 63 -1.14 -11.68 0.82
CA VAL A 63 0.25 -12.13 0.96
C VAL A 63 1.01 -11.24 1.94
N LEU A 64 0.63 -9.98 2.00
CA LEU A 64 1.44 -8.97 2.64
C LEU A 64 1.01 -8.72 4.08
N LYS A 65 -0.21 -9.08 4.44
CA LYS A 65 -0.76 -8.78 5.75
C LYS A 65 0.07 -9.41 6.85
N SER A 66 0.36 -10.70 6.72
CA SER A 66 1.14 -11.40 7.73
C SER A 66 2.57 -10.84 7.84
N LEU A 67 3.01 -10.18 6.78
CA LEU A 67 4.34 -9.60 6.72
C LEU A 67 4.34 -8.20 7.35
N ILE A 68 3.40 -7.37 6.92
CA ILE A 68 3.28 -6.02 7.46
C ILE A 68 2.84 -6.05 8.92
N ALA A 69 1.98 -7.02 9.26
CA ALA A 69 1.51 -7.18 10.62
C ALA A 69 2.66 -7.58 11.54
N LEU A 70 3.69 -8.16 10.93
CA LEU A 70 4.89 -8.57 11.63
C LEU A 70 5.78 -7.36 11.93
N TRP A 71 5.78 -6.39 11.03
CA TRP A 71 6.68 -5.26 11.14
C TRP A 71 6.15 -4.23 12.13
N CYS A 72 4.84 -3.97 12.08
CA CYS A 72 4.22 -3.03 13.03
C CYS A 72 4.20 -3.63 14.44
N GLU A 73 4.53 -4.91 14.53
CA GLU A 73 4.67 -5.58 15.81
C GLU A 73 6.06 -5.31 16.38
N SER A 74 7.03 -5.16 15.49
CA SER A 74 8.38 -4.82 15.86
C SER A 74 8.44 -3.36 16.29
N ASN A 75 7.74 -2.52 15.56
CA ASN A 75 7.61 -1.10 15.88
C ASN A 75 6.18 -0.65 15.65
N GLY A 76 5.57 -0.06 16.67
CA GLY A 76 4.18 0.37 16.56
C GLY A 76 4.01 1.48 15.54
N ILE A 77 3.78 1.09 14.29
CA ILE A 77 3.75 2.04 13.19
C ILE A 77 2.36 2.16 12.57
N GLU A 78 1.87 3.39 12.53
CA GLU A 78 0.63 3.75 11.86
C GLU A 78 0.39 5.24 12.02
N GLY A 1 20.03 5.81 7.00
CA GLY A 1 18.96 4.78 7.09
C GLY A 1 19.44 3.51 7.73
N SER A 2 19.06 3.30 8.98
CA SER A 2 19.43 2.08 9.70
C SER A 2 18.66 0.86 9.18
N PRO A 3 17.32 0.93 9.04
CA PRO A 3 16.54 -0.17 8.49
C PRO A 3 16.60 -0.21 6.98
N GLU A 4 16.32 -1.35 6.39
CA GLU A 4 16.36 -1.49 4.94
C GLU A 4 15.18 -2.31 4.44
N PHE A 5 14.19 -1.62 3.91
CA PHE A 5 13.04 -2.26 3.30
C PHE A 5 12.48 -1.39 2.18
N PRO A 6 12.96 -1.63 0.95
CA PRO A 6 12.58 -0.82 -0.21
C PRO A 6 11.16 -1.11 -0.71
N GLU A 7 10.99 -2.26 -1.35
CA GLU A 7 9.72 -2.61 -1.98
C GLU A 7 9.24 -3.98 -1.51
N TYR A 8 8.23 -3.97 -0.66
CA TYR A 8 7.62 -5.19 -0.14
C TYR A 8 6.40 -4.83 0.66
N PHE A 9 6.60 -4.54 1.94
CA PHE A 9 5.49 -4.31 2.86
C PHE A 9 5.47 -2.90 3.43
N ARG A 10 5.89 -1.92 2.65
CA ARG A 10 5.83 -0.54 3.11
C ARG A 10 4.92 0.28 2.22
N CYS A 11 4.00 1.02 2.85
CA CYS A 11 3.20 1.97 2.13
C CYS A 11 3.99 3.27 1.95
N PRO A 12 4.26 3.66 0.70
CA PRO A 12 5.07 4.84 0.38
C PRO A 12 4.30 6.13 0.54
N ILE A 13 3.08 6.04 1.06
CA ILE A 13 2.22 7.20 1.19
C ILE A 13 2.47 7.94 2.51
N SER A 14 2.44 7.23 3.63
CA SER A 14 2.63 7.88 4.93
C SER A 14 3.68 7.15 5.78
N LEU A 15 4.31 6.13 5.20
CA LEU A 15 5.23 5.26 5.93
C LEU A 15 4.49 4.60 7.09
N GLU A 16 3.24 4.24 6.84
CA GLU A 16 2.39 3.68 7.88
C GLU A 16 2.55 2.16 7.93
N LEU A 17 3.24 1.63 6.92
CA LEU A 17 3.60 0.21 6.85
C LEU A 17 2.34 -0.65 6.64
N MET A 18 1.20 0.00 6.48
CA MET A 18 -0.09 -0.69 6.28
C MET A 18 -0.48 -1.57 7.45
N LYS A 19 -1.74 -1.98 7.47
CA LYS A 19 -2.27 -2.92 8.45
C LYS A 19 -2.98 -4.04 7.73
N ASP A 20 -3.85 -3.64 6.81
CA ASP A 20 -4.60 -4.57 5.98
C ASP A 20 -4.76 -3.95 4.60
N PRO A 21 -3.93 -4.39 3.64
CA PRO A 21 -3.75 -3.70 2.38
C PRO A 21 -4.65 -4.19 1.26
N VAL A 22 -4.86 -3.31 0.29
CA VAL A 22 -5.63 -3.63 -0.90
C VAL A 22 -4.78 -3.47 -2.14
N ILE A 23 -4.99 -4.34 -3.10
CA ILE A 23 -4.24 -4.35 -4.32
C ILE A 23 -5.11 -3.84 -5.46
N VAL A 24 -4.46 -3.28 -6.48
CA VAL A 24 -5.15 -2.80 -7.66
C VAL A 24 -4.30 -3.17 -8.87
N SER A 25 -4.77 -2.87 -10.06
CA SER A 25 -3.97 -3.10 -11.26
C SER A 25 -2.69 -2.28 -11.16
N THR A 26 -1.66 -2.68 -11.92
CA THR A 26 -0.31 -2.10 -11.83
C THR A 26 0.53 -2.84 -10.78
N GLY A 27 -0.15 -3.56 -9.89
CA GLY A 27 0.55 -4.31 -8.86
C GLY A 27 0.62 -3.54 -7.57
N GLN A 28 -0.24 -2.56 -7.44
CA GLN A 28 -0.28 -1.67 -6.30
C GLN A 28 -0.94 -2.35 -5.10
N THR A 29 -0.24 -2.39 -3.98
CA THR A 29 -0.82 -2.88 -2.73
C THR A 29 -0.50 -1.92 -1.59
N TYR A 30 -1.46 -1.08 -1.23
CA TYR A 30 -1.25 -0.06 -0.20
C TYR A 30 -2.43 -0.02 0.76
N GLU A 31 -2.32 0.77 1.83
CA GLU A 31 -3.35 0.85 2.85
C GLU A 31 -4.56 1.61 2.31
N ARG A 32 -5.75 1.07 2.57
CA ARG A 32 -6.96 1.58 1.94
C ARG A 32 -7.30 3.00 2.40
N SER A 33 -6.95 3.32 3.64
CA SER A 33 -7.21 4.65 4.18
C SER A 33 -6.36 5.68 3.45
N SER A 34 -5.29 5.20 2.85
CA SER A 34 -4.36 6.07 2.15
C SER A 34 -4.69 6.11 0.66
N ILE A 35 -5.05 4.95 0.11
CA ILE A 35 -5.30 4.84 -1.32
C ILE A 35 -6.76 5.09 -1.70
N GLN A 36 -7.68 4.36 -1.07
CA GLN A 36 -9.10 4.44 -1.44
C GLN A 36 -9.62 5.83 -1.24
N LYS A 37 -9.04 6.54 -0.28
CA LYS A 37 -9.40 7.91 0.01
C LYS A 37 -9.33 8.77 -1.26
N TRP A 38 -8.29 8.57 -2.07
CA TRP A 38 -8.14 9.36 -3.28
C TRP A 38 -8.66 8.59 -4.51
N LEU A 39 -8.52 7.25 -4.50
CA LEU A 39 -9.10 6.44 -5.56
C LEU A 39 -10.60 6.67 -5.67
N ASP A 40 -11.26 6.81 -4.53
CA ASP A 40 -12.70 7.03 -4.49
C ASP A 40 -13.05 8.38 -5.08
N ALA A 41 -12.12 9.33 -4.98
CA ALA A 41 -12.29 10.66 -5.55
C ALA A 41 -12.31 10.60 -7.08
N GLY A 42 -11.61 9.62 -7.64
CA GLY A 42 -11.61 9.44 -9.07
C GLY A 42 -10.25 9.70 -9.71
N HIS A 43 -9.20 9.11 -9.15
CA HIS A 43 -7.86 9.25 -9.71
C HIS A 43 -7.12 7.91 -9.70
N LYS A 44 -7.28 7.15 -10.77
CA LYS A 44 -6.70 5.81 -10.87
C LYS A 44 -5.21 5.87 -11.24
N THR A 45 -4.39 6.29 -10.29
CA THR A 45 -2.96 6.41 -10.50
C THR A 45 -2.19 5.98 -9.26
N CYS A 46 -1.08 5.29 -9.44
CA CYS A 46 -0.28 4.82 -8.32
C CYS A 46 0.69 5.90 -7.83
N PRO A 47 0.95 5.95 -6.51
CA PRO A 47 1.80 6.99 -5.91
C PRO A 47 3.30 6.80 -6.22
N LYS A 48 3.60 5.81 -7.02
CA LYS A 48 4.98 5.51 -7.37
C LYS A 48 5.49 6.46 -8.45
N SER A 49 4.94 6.33 -9.65
CA SER A 49 5.31 7.22 -10.74
C SER A 49 4.06 7.64 -11.52
N GLN A 50 2.89 7.39 -10.95
CA GLN A 50 1.61 7.70 -11.59
C GLN A 50 1.48 6.93 -12.89
N GLU A 51 1.73 5.63 -12.83
CA GLU A 51 1.70 4.77 -14.01
C GLU A 51 0.28 4.52 -14.49
N THR A 52 -0.70 5.05 -13.75
CA THR A 52 -2.11 4.83 -14.03
C THR A 52 -2.50 3.39 -13.75
N LEU A 53 -3.56 3.20 -12.99
CA LEU A 53 -4.00 1.86 -12.65
C LEU A 53 -4.95 1.34 -13.73
N LEU A 54 -5.21 2.21 -14.72
CA LEU A 54 -6.10 1.93 -15.84
C LEU A 54 -7.52 1.64 -15.37
N HIS A 55 -7.77 0.41 -15.00
CA HIS A 55 -9.07 0.00 -14.48
C HIS A 55 -8.97 -0.14 -12.97
N ALA A 56 -9.66 0.72 -12.25
CA ALA A 56 -9.60 0.69 -10.80
C ALA A 56 -10.50 -0.42 -10.26
N GLY A 57 -9.91 -1.59 -10.10
CA GLY A 57 -10.61 -2.71 -9.53
C GLY A 57 -9.93 -3.20 -8.28
N LEU A 58 -10.36 -2.65 -7.15
CA LEU A 58 -9.71 -2.93 -5.88
C LEU A 58 -9.86 -4.41 -5.51
N THR A 59 -8.77 -5.00 -5.12
CA THR A 59 -8.71 -6.43 -4.84
C THR A 59 -7.92 -6.67 -3.54
N PRO A 60 -8.33 -7.64 -2.70
CA PRO A 60 -7.58 -7.97 -1.49
C PRO A 60 -6.29 -8.75 -1.81
N ASN A 61 -5.15 -8.21 -1.38
CA ASN A 61 -3.87 -8.89 -1.55
C ASN A 61 -3.29 -9.29 -0.19
N TYR A 62 -3.34 -10.58 0.11
CA TYR A 62 -3.00 -11.07 1.44
C TYR A 62 -1.51 -11.38 1.60
N VAL A 63 -0.74 -11.25 0.52
CA VAL A 63 0.70 -11.50 0.60
C VAL A 63 1.35 -10.51 1.57
N LEU A 64 0.73 -9.35 1.70
CA LEU A 64 1.33 -8.27 2.43
C LEU A 64 0.84 -8.21 3.87
N LYS A 65 -0.42 -8.53 4.08
CA LYS A 65 -1.06 -8.47 5.39
C LYS A 65 -0.26 -9.23 6.43
N SER A 66 0.14 -10.44 6.09
CA SER A 66 0.92 -11.29 6.99
C SER A 66 2.34 -10.74 7.20
N LEU A 67 2.82 -9.94 6.24
CA LEU A 67 4.19 -9.42 6.29
C LEU A 67 4.25 -8.05 6.98
N ILE A 68 3.32 -7.17 6.62
CA ILE A 68 3.25 -5.86 7.26
C ILE A 68 2.92 -6.01 8.74
N ALA A 69 2.09 -7.01 9.03
CA ALA A 69 1.61 -7.24 10.37
C ALA A 69 2.76 -7.55 11.32
N LEU A 70 3.73 -8.33 10.85
CA LEU A 70 4.85 -8.73 11.69
C LEU A 70 5.85 -7.60 11.87
N TRP A 71 5.92 -6.71 10.88
CA TRP A 71 6.89 -5.63 10.92
C TRP A 71 6.39 -4.51 11.81
N CYS A 72 5.13 -4.13 11.63
CA CYS A 72 4.54 -3.07 12.44
C CYS A 72 4.36 -3.55 13.87
N GLU A 73 4.19 -4.86 14.03
CA GLU A 73 4.15 -5.50 15.36
C GLU A 73 5.40 -5.14 16.16
N SER A 74 6.52 -5.09 15.46
CA SER A 74 7.82 -4.94 16.07
C SER A 74 8.09 -3.50 16.52
N ASN A 75 7.48 -2.53 15.86
CA ASN A 75 7.82 -1.12 16.10
C ASN A 75 6.61 -0.29 16.48
N GLY A 76 5.42 -0.77 16.16
CA GLY A 76 4.22 0.03 16.36
C GLY A 76 4.10 1.13 15.32
N ILE A 77 4.76 0.91 14.19
CA ILE A 77 4.82 1.91 13.12
C ILE A 77 3.45 2.16 12.52
N GLU A 78 3.11 3.44 12.32
CA GLU A 78 1.81 3.83 11.80
C GLU A 78 1.75 5.35 11.64
N GLY A 1 22.75 2.23 5.88
CA GLY A 1 21.49 1.81 5.23
C GLY A 1 20.65 0.91 6.11
N SER A 2 20.44 1.34 7.35
CA SER A 2 19.70 0.56 8.32
C SER A 2 18.20 0.49 7.99
N PRO A 3 17.53 1.66 7.80
CA PRO A 3 16.10 1.70 7.53
C PRO A 3 15.78 1.58 6.04
N GLU A 4 16.59 0.82 5.33
CA GLU A 4 16.39 0.61 3.91
C GLU A 4 15.36 -0.49 3.68
N PHE A 5 14.14 -0.09 3.36
CA PHE A 5 13.03 -1.01 3.19
C PHE A 5 12.64 -1.13 1.72
N PRO A 6 12.42 -2.36 1.24
CA PRO A 6 11.84 -2.62 -0.07
C PRO A 6 10.32 -2.40 -0.04
N GLU A 7 9.72 -2.24 -1.22
CA GLU A 7 8.29 -1.95 -1.30
C GLU A 7 7.44 -3.19 -1.00
N TYR A 8 7.10 -3.35 0.27
CA TYR A 8 6.17 -4.37 0.72
C TYR A 8 5.85 -4.16 2.20
N PHE A 9 6.82 -3.66 2.96
CA PHE A 9 6.55 -3.29 4.35
C PHE A 9 5.97 -1.88 4.44
N ARG A 10 6.83 -0.90 4.25
CA ARG A 10 6.49 0.50 4.47
C ARG A 10 5.49 1.00 3.43
N CYS A 11 4.41 1.58 3.91
CA CYS A 11 3.48 2.27 3.02
C CYS A 11 4.03 3.65 2.71
N PRO A 12 4.44 3.87 1.46
CA PRO A 12 5.15 5.09 1.03
C PRO A 12 4.23 6.30 0.88
N ILE A 13 3.04 6.23 1.45
CA ILE A 13 2.09 7.32 1.33
C ILE A 13 2.16 8.24 2.55
N SER A 14 1.92 7.69 3.74
CA SER A 14 1.98 8.50 4.95
C SER A 14 2.67 7.73 6.09
N LEU A 15 3.46 6.72 5.73
CA LEU A 15 4.19 5.90 6.71
C LEU A 15 3.21 5.20 7.63
N GLU A 16 2.02 4.93 7.13
CA GLU A 16 0.99 4.29 7.93
C GLU A 16 1.25 2.81 8.03
N LEU A 17 2.10 2.33 7.10
CA LEU A 17 2.48 0.92 7.00
C LEU A 17 1.27 0.01 7.22
N MET A 18 0.54 -0.20 6.14
CA MET A 18 -0.73 -0.94 6.09
C MET A 18 -0.81 -2.12 7.07
N LYS A 19 -2.02 -2.35 7.59
CA LYS A 19 -2.29 -3.49 8.45
C LYS A 19 -2.80 -4.65 7.60
N ASP A 20 -3.85 -4.34 6.84
CA ASP A 20 -4.45 -5.25 5.88
C ASP A 20 -4.49 -4.53 4.54
N PRO A 21 -3.62 -4.88 3.61
CA PRO A 21 -3.42 -4.12 2.40
C PRO A 21 -4.35 -4.51 1.27
N VAL A 22 -4.63 -3.57 0.40
CA VAL A 22 -5.44 -3.81 -0.76
C VAL A 22 -4.60 -3.66 -2.02
N ILE A 23 -4.73 -4.62 -2.91
CA ILE A 23 -3.98 -4.62 -4.14
C ILE A 23 -4.86 -4.09 -5.26
N VAL A 24 -4.25 -3.37 -6.19
CA VAL A 24 -4.97 -2.80 -7.30
C VAL A 24 -4.18 -3.10 -8.57
N SER A 25 -4.71 -2.68 -9.72
CA SER A 25 -4.01 -2.86 -10.98
C SER A 25 -2.67 -2.12 -10.96
N THR A 26 -1.75 -2.55 -11.82
CA THR A 26 -0.38 -2.05 -11.85
C THR A 26 0.50 -2.81 -10.85
N GLY A 27 -0.14 -3.55 -9.96
CA GLY A 27 0.59 -4.30 -8.96
C GLY A 27 0.80 -3.47 -7.71
N GLN A 28 -0.19 -2.65 -7.42
CA GLN A 28 -0.13 -1.72 -6.31
C GLN A 28 -0.76 -2.34 -5.07
N THR A 29 -0.07 -2.27 -3.94
CA THR A 29 -0.59 -2.78 -2.69
C THR A 29 -0.27 -1.83 -1.54
N TYR A 30 -1.28 -1.10 -1.05
CA TYR A 30 -1.09 -0.12 0.02
C TYR A 30 -2.22 -0.18 1.05
N GLU A 31 -2.13 0.65 2.07
CA GLU A 31 -3.15 0.76 3.09
C GLU A 31 -4.43 1.32 2.47
N ARG A 32 -5.54 0.66 2.75
CA ARG A 32 -6.82 0.96 2.10
C ARG A 32 -7.26 2.40 2.36
N SER A 33 -7.11 2.85 3.60
CA SER A 33 -7.55 4.18 3.99
C SER A 33 -6.65 5.25 3.38
N SER A 34 -5.52 4.82 2.83
CA SER A 34 -4.58 5.72 2.18
C SER A 34 -4.83 5.76 0.69
N ILE A 35 -4.98 4.59 0.09
CA ILE A 35 -5.12 4.48 -1.36
C ILE A 35 -6.52 4.86 -1.83
N GLN A 36 -7.55 4.27 -1.24
CA GLN A 36 -8.91 4.50 -1.70
C GLN A 36 -9.34 5.91 -1.37
N LYS A 37 -8.64 6.48 -0.41
CA LYS A 37 -8.84 7.86 -0.04
C LYS A 37 -8.71 8.76 -1.28
N TRP A 38 -7.71 8.49 -2.12
CA TRP A 38 -7.51 9.29 -3.30
C TRP A 38 -8.11 8.60 -4.54
N LEU A 39 -8.07 7.25 -4.59
CA LEU A 39 -8.70 6.54 -5.71
C LEU A 39 -10.19 6.85 -5.80
N ASP A 40 -10.88 6.78 -4.67
CA ASP A 40 -12.32 7.01 -4.66
C ASP A 40 -12.65 8.49 -4.79
N ALA A 41 -11.63 9.33 -4.63
CA ALA A 41 -11.78 10.75 -4.86
C ALA A 41 -12.07 11.03 -6.33
N GLY A 42 -11.49 10.20 -7.19
CA GLY A 42 -11.67 10.34 -8.62
C GLY A 42 -10.36 10.26 -9.37
N HIS A 43 -9.56 9.27 -9.01
CA HIS A 43 -8.24 9.09 -9.59
C HIS A 43 -8.01 7.65 -10.00
N LYS A 44 -6.91 7.39 -10.68
CA LYS A 44 -6.65 6.09 -11.25
C LYS A 44 -5.17 5.88 -11.54
N THR A 45 -4.32 6.41 -10.69
CA THR A 45 -2.89 6.37 -10.95
C THR A 45 -2.08 6.02 -9.68
N CYS A 46 -1.00 5.26 -9.85
CA CYS A 46 -0.10 4.90 -8.75
C CYS A 46 0.63 6.12 -8.19
N PRO A 47 0.98 6.08 -6.90
CA PRO A 47 1.72 7.15 -6.22
C PRO A 47 3.22 7.08 -6.49
N LYS A 48 3.61 6.14 -7.34
CA LYS A 48 5.02 5.81 -7.53
C LYS A 48 5.63 6.53 -8.73
N SER A 49 5.15 6.20 -9.93
CA SER A 49 5.71 6.76 -11.14
C SER A 49 4.60 7.28 -12.04
N GLN A 50 3.37 7.20 -11.53
CA GLN A 50 2.18 7.58 -12.29
C GLN A 50 2.00 6.64 -13.47
N GLU A 51 2.12 5.36 -13.17
CA GLU A 51 2.01 4.28 -14.15
C GLU A 51 0.60 4.18 -14.71
N THR A 52 -0.36 4.74 -13.97
CA THR A 52 -1.77 4.68 -14.33
C THR A 52 -2.32 3.27 -14.13
N LEU A 53 -3.35 3.15 -13.32
CA LEU A 53 -3.92 1.85 -13.01
C LEU A 53 -4.91 1.44 -14.08
N LEU A 54 -5.34 2.43 -14.86
CA LEU A 54 -6.33 2.23 -15.93
C LEU A 54 -7.69 1.83 -15.35
N HIS A 55 -7.88 0.53 -15.15
CA HIS A 55 -9.09 0.02 -14.54
C HIS A 55 -8.90 -0.06 -13.04
N ALA A 56 -9.56 0.84 -12.31
CA ALA A 56 -9.42 0.90 -10.87
C ALA A 56 -10.26 -0.17 -10.20
N GLY A 57 -9.63 -1.30 -9.93
CA GLY A 57 -10.31 -2.39 -9.27
C GLY A 57 -9.57 -2.82 -8.03
N LEU A 58 -10.22 -2.71 -6.88
CA LEU A 58 -9.57 -3.03 -5.62
C LEU A 58 -9.68 -4.53 -5.34
N THR A 59 -8.60 -5.12 -4.88
CA THR A 59 -8.53 -6.55 -4.64
C THR A 59 -7.82 -6.83 -3.31
N PRO A 60 -8.40 -7.71 -2.47
CA PRO A 60 -7.78 -8.09 -1.19
C PRO A 60 -6.42 -8.76 -1.39
N ASN A 61 -5.38 -8.15 -0.80
CA ASN A 61 -4.03 -8.67 -0.94
C ASN A 61 -3.67 -9.55 0.26
N TYR A 62 -3.43 -10.83 -0.01
CA TYR A 62 -3.11 -11.78 1.04
C TYR A 62 -1.60 -11.88 1.31
N VAL A 63 -0.79 -11.55 0.30
CA VAL A 63 0.67 -11.72 0.42
C VAL A 63 1.26 -10.83 1.50
N LEU A 64 0.76 -9.61 1.57
CA LEU A 64 1.46 -8.58 2.27
C LEU A 64 1.01 -8.41 3.72
N LYS A 65 -0.24 -8.78 4.02
CA LYS A 65 -0.75 -8.60 5.37
C LYS A 65 -0.01 -9.51 6.34
N SER A 66 0.64 -10.53 5.81
CA SER A 66 1.43 -11.43 6.62
C SER A 66 2.81 -10.84 6.89
N LEU A 67 3.25 -9.96 6.00
CA LEU A 67 4.59 -9.38 6.08
C LEU A 67 4.56 -8.06 6.85
N ILE A 68 3.60 -7.21 6.55
CA ILE A 68 3.46 -5.94 7.24
C ILE A 68 3.12 -6.17 8.71
N ALA A 69 2.41 -7.26 8.97
CA ALA A 69 1.93 -7.58 10.31
C ALA A 69 3.08 -7.89 11.26
N LEU A 70 4.20 -8.35 10.72
CA LEU A 70 5.36 -8.66 11.56
C LEU A 70 6.17 -7.39 11.82
N TRP A 71 6.03 -6.42 10.95
CA TRP A 71 6.79 -5.19 11.07
C TRP A 71 6.11 -4.26 12.07
N CYS A 72 4.80 -4.07 11.92
CA CYS A 72 4.03 -3.25 12.85
C CYS A 72 3.92 -3.97 14.20
N GLU A 73 4.31 -5.24 14.19
CA GLU A 73 4.40 -6.04 15.42
C GLU A 73 5.65 -5.64 16.19
N SER A 74 6.73 -5.42 15.46
CA SER A 74 7.99 -5.02 16.06
C SER A 74 7.91 -3.55 16.47
N ASN A 75 7.47 -2.72 15.54
CA ASN A 75 7.33 -1.29 15.76
C ASN A 75 5.89 -0.87 15.51
N GLY A 76 5.23 -0.34 16.54
CA GLY A 76 3.87 0.15 16.39
C GLY A 76 3.78 1.24 15.35
N ILE A 77 3.29 0.89 14.16
CA ILE A 77 3.40 1.78 13.02
C ILE A 77 2.03 2.03 12.37
N GLU A 78 1.75 3.31 12.17
CA GLU A 78 0.56 3.79 11.47
C GLU A 78 0.41 5.29 11.69
N GLY A 1 18.49 -4.00 14.42
CA GLY A 1 17.70 -3.00 13.68
C GLY A 1 18.24 -2.74 12.30
N SER A 2 18.56 -1.48 12.01
CA SER A 2 19.14 -1.08 10.72
C SER A 2 18.10 -1.15 9.60
N PRO A 3 17.78 0.00 8.99
CA PRO A 3 16.79 0.07 7.91
C PRO A 3 17.29 -0.58 6.62
N GLU A 4 17.06 -1.87 6.48
CA GLU A 4 17.39 -2.59 5.26
C GLU A 4 16.43 -2.22 4.14
N PHE A 5 15.13 -2.27 4.48
CA PHE A 5 14.06 -1.94 3.54
C PHE A 5 13.99 -2.93 2.38
N PRO A 6 13.20 -4.00 2.54
CA PRO A 6 12.86 -4.92 1.46
C PRO A 6 11.76 -4.34 0.55
N GLU A 7 11.38 -5.11 -0.47
CA GLU A 7 10.43 -4.64 -1.48
C GLU A 7 8.98 -4.76 -1.00
N TYR A 8 8.78 -5.28 0.21
CA TYR A 8 7.44 -5.60 0.68
C TYR A 8 7.15 -4.99 2.07
N PHE A 9 7.14 -3.67 2.17
CA PHE A 9 6.84 -3.03 3.44
C PHE A 9 6.19 -1.65 3.30
N ARG A 10 6.95 -0.66 2.86
CA ARG A 10 6.52 0.74 2.95
C ARG A 10 5.25 1.02 2.19
N CYS A 11 4.38 1.79 2.82
CA CYS A 11 3.25 2.38 2.14
C CYS A 11 3.62 3.81 1.76
N PRO A 12 3.73 4.10 0.46
CA PRO A 12 4.22 5.39 -0.03
C PRO A 12 3.21 6.52 0.15
N ILE A 13 2.07 6.23 0.76
CA ILE A 13 1.04 7.24 0.95
C ILE A 13 1.47 8.24 2.01
N SER A 14 1.85 7.73 3.18
CA SER A 14 2.33 8.60 4.26
C SER A 14 3.32 7.86 5.17
N LEU A 15 3.93 6.79 4.67
CA LEU A 15 4.79 5.94 5.49
C LEU A 15 4.02 5.45 6.71
N GLU A 16 2.76 5.13 6.51
CA GLU A 16 1.91 4.64 7.58
C GLU A 16 2.12 3.14 7.74
N LEU A 17 2.67 2.53 6.68
CA LEU A 17 2.96 1.10 6.67
C LEU A 17 1.65 0.33 6.88
N MET A 18 0.98 0.00 5.78
CA MET A 18 -0.34 -0.62 5.79
C MET A 18 -0.46 -1.81 6.76
N LYS A 19 -1.69 -2.06 7.20
CA LYS A 19 -1.98 -3.22 8.04
C LYS A 19 -2.39 -4.39 7.16
N ASP A 20 -3.32 -4.13 6.27
CA ASP A 20 -3.73 -5.10 5.26
C ASP A 20 -4.07 -4.34 3.98
N PRO A 21 -3.22 -4.48 2.96
CA PRO A 21 -3.27 -3.68 1.77
C PRO A 21 -4.05 -4.32 0.64
N VAL A 22 -4.59 -3.50 -0.23
CA VAL A 22 -5.33 -3.98 -1.37
C VAL A 22 -4.52 -3.79 -2.64
N ILE A 23 -4.49 -4.82 -3.46
CA ILE A 23 -3.82 -4.75 -4.75
C ILE A 23 -4.80 -4.23 -5.78
N VAL A 24 -4.30 -3.44 -6.71
CA VAL A 24 -5.10 -2.95 -7.82
C VAL A 24 -4.24 -3.04 -9.07
N SER A 25 -4.80 -2.69 -10.22
CA SER A 25 -4.04 -2.69 -11.47
C SER A 25 -2.86 -1.72 -11.34
N THR A 26 -1.83 -1.93 -12.18
CA THR A 26 -0.52 -1.30 -12.03
C THR A 26 0.35 -2.15 -11.08
N GLY A 27 -0.31 -2.99 -10.29
CA GLY A 27 0.39 -3.90 -9.39
C GLY A 27 0.64 -3.28 -8.04
N GLN A 28 -0.18 -2.29 -7.70
CA GLN A 28 -0.02 -1.57 -6.45
C GLN A 28 -0.64 -2.32 -5.28
N THR A 29 0.08 -2.35 -4.16
CA THR A 29 -0.48 -2.86 -2.92
C THR A 29 -0.27 -1.82 -1.82
N TYR A 30 -1.30 -1.03 -1.52
CA TYR A 30 -1.19 0.05 -0.54
C TYR A 30 -2.27 -0.09 0.52
N GLU A 31 -2.16 0.67 1.59
CA GLU A 31 -3.19 0.68 2.63
C GLU A 31 -4.53 1.07 2.05
N ARG A 32 -5.54 0.27 2.36
CA ARG A 32 -6.86 0.40 1.76
C ARG A 32 -7.49 1.75 2.08
N SER A 33 -7.28 2.22 3.30
CA SER A 33 -7.85 3.48 3.75
C SER A 33 -7.09 4.66 3.15
N SER A 34 -5.93 4.39 2.58
CA SER A 34 -5.11 5.41 1.97
C SER A 34 -5.36 5.48 0.47
N ILE A 35 -5.43 4.32 -0.17
CA ILE A 35 -5.63 4.24 -1.61
C ILE A 35 -7.06 4.61 -2.00
N GLN A 36 -8.04 3.97 -1.38
CA GLN A 36 -9.43 4.19 -1.75
C GLN A 36 -9.87 5.57 -1.31
N LYS A 37 -9.12 6.13 -0.40
CA LYS A 37 -9.33 7.50 0.05
C LYS A 37 -9.25 8.46 -1.14
N TRP A 38 -8.27 8.24 -2.02
CA TRP A 38 -8.11 9.12 -3.16
C TRP A 38 -8.75 8.52 -4.42
N LEU A 39 -8.81 7.18 -4.50
CA LEU A 39 -9.49 6.53 -5.61
C LEU A 39 -10.96 6.91 -5.63
N ASP A 40 -11.57 6.88 -4.46
CA ASP A 40 -12.98 7.22 -4.31
C ASP A 40 -13.22 8.70 -4.63
N ALA A 41 -12.18 9.50 -4.54
CA ALA A 41 -12.27 10.92 -4.86
C ALA A 41 -12.51 11.12 -6.36
N GLY A 42 -12.12 10.14 -7.17
CA GLY A 42 -12.35 10.22 -8.59
C GLY A 42 -11.08 10.14 -9.40
N HIS A 43 -10.04 9.57 -8.83
CA HIS A 43 -8.77 9.41 -9.52
C HIS A 43 -8.47 7.94 -9.76
N LYS A 44 -7.58 7.68 -10.69
CA LYS A 44 -7.22 6.32 -11.05
C LYS A 44 -5.75 6.25 -11.47
N THR A 45 -4.91 6.89 -10.67
CA THR A 45 -3.48 6.92 -10.90
C THR A 45 -2.72 6.55 -9.62
N CYS A 46 -1.60 5.84 -9.76
CA CYS A 46 -0.77 5.53 -8.61
C CYS A 46 0.08 6.75 -8.23
N PRO A 47 0.47 6.85 -6.95
CA PRO A 47 1.24 7.99 -6.45
C PRO A 47 2.71 7.90 -6.82
N LYS A 48 3.10 6.77 -7.38
CA LYS A 48 4.48 6.54 -7.79
C LYS A 48 4.91 7.55 -8.83
N SER A 49 4.13 7.62 -9.90
CA SER A 49 4.48 8.47 -11.03
C SER A 49 3.27 8.72 -11.94
N GLN A 50 2.07 8.43 -11.42
CA GLN A 50 0.85 8.51 -12.21
C GLN A 50 0.94 7.55 -13.40
N GLU A 51 0.88 6.26 -13.10
CA GLU A 51 1.03 5.23 -14.12
C GLU A 51 -0.33 4.85 -14.69
N THR A 52 -1.37 5.46 -14.13
CA THR A 52 -2.76 5.18 -14.53
C THR A 52 -3.12 3.72 -14.25
N LEU A 53 -3.98 3.52 -13.27
CA LEU A 53 -4.36 2.19 -12.84
C LEU A 53 -5.28 1.54 -13.86
N LEU A 54 -6.02 2.38 -14.59
CA LEU A 54 -6.94 1.90 -15.63
C LEU A 54 -8.02 1.00 -15.05
N HIS A 55 -9.14 1.62 -14.67
CA HIS A 55 -10.25 0.90 -14.03
C HIS A 55 -9.83 0.31 -12.69
N ALA A 56 -10.24 0.96 -11.62
CA ALA A 56 -9.81 0.56 -10.29
C ALA A 56 -10.58 -0.66 -9.79
N GLY A 57 -10.03 -1.83 -10.05
CA GLY A 57 -10.58 -3.05 -9.51
C GLY A 57 -9.69 -3.59 -8.41
N LEU A 58 -10.19 -3.53 -7.18
CA LEU A 58 -9.36 -3.85 -6.04
C LEU A 58 -9.37 -5.34 -5.74
N THR A 59 -8.21 -5.83 -5.33
CA THR A 59 -7.98 -7.22 -5.07
C THR A 59 -7.09 -7.38 -3.84
N PRO A 60 -7.64 -7.86 -2.72
CA PRO A 60 -6.89 -8.01 -1.46
C PRO A 60 -5.65 -8.87 -1.62
N ASN A 61 -4.50 -8.31 -1.30
CA ASN A 61 -3.23 -9.00 -1.47
C ASN A 61 -2.64 -9.39 -0.11
N TYR A 62 -2.67 -10.68 0.20
CA TYR A 62 -2.24 -11.16 1.50
C TYR A 62 -0.75 -11.46 1.56
N VAL A 63 -0.05 -11.33 0.43
CA VAL A 63 1.40 -11.55 0.41
C VAL A 63 2.08 -10.54 1.32
N LEU A 64 1.46 -9.37 1.43
CA LEU A 64 2.04 -8.25 2.13
C LEU A 64 1.53 -8.18 3.57
N LYS A 65 0.30 -8.63 3.77
CA LYS A 65 -0.38 -8.52 5.04
C LYS A 65 0.36 -9.32 6.11
N SER A 66 0.89 -10.48 5.74
CA SER A 66 1.63 -11.32 6.67
C SER A 66 2.97 -10.66 7.05
N LEU A 67 3.47 -9.79 6.19
CA LEU A 67 4.78 -9.20 6.37
C LEU A 67 4.69 -7.84 7.07
N ILE A 68 3.84 -6.96 6.55
CA ILE A 68 3.66 -5.63 7.15
C ILE A 68 3.18 -5.74 8.59
N ALA A 69 2.49 -6.84 8.89
CA ALA A 69 1.88 -7.07 10.18
C ALA A 69 2.92 -7.27 11.28
N LEU A 70 4.14 -7.64 10.90
CA LEU A 70 5.20 -7.87 11.87
C LEU A 70 6.04 -6.61 12.08
N TRP A 71 6.13 -5.78 11.05
CA TRP A 71 7.00 -4.62 11.10
C TRP A 71 6.40 -3.53 11.98
N CYS A 72 5.10 -3.29 11.80
CA CYS A 72 4.40 -2.29 12.58
C CYS A 72 4.34 -2.71 14.05
N GLU A 73 4.62 -3.98 14.31
CA GLU A 73 4.70 -4.49 15.67
C GLU A 73 6.05 -4.15 16.28
N SER A 74 7.09 -4.28 15.47
CA SER A 74 8.45 -4.00 15.90
C SER A 74 8.66 -2.52 16.17
N ASN A 75 8.04 -1.68 15.34
CA ASN A 75 8.19 -0.24 15.46
C ASN A 75 6.84 0.44 15.25
N GLY A 76 6.52 1.40 16.13
CA GLY A 76 5.29 2.16 15.99
C GLY A 76 5.32 3.05 14.76
N ILE A 77 4.96 2.49 13.63
CA ILE A 77 5.07 3.16 12.35
C ILE A 77 3.81 3.94 12.02
N GLU A 78 2.74 3.64 12.73
CA GLU A 78 1.45 4.26 12.47
C GLU A 78 1.14 5.26 13.57
N GLY A 1 22.31 -1.92 12.46
CA GLY A 1 22.42 -1.14 11.21
C GLY A 1 21.51 -1.68 10.13
N SER A 2 20.22 -1.74 10.43
CA SER A 2 19.25 -2.25 9.48
C SER A 2 17.85 -1.69 9.75
N PRO A 3 17.43 -0.70 8.96
CA PRO A 3 16.06 -0.16 9.05
C PRO A 3 15.05 -1.05 8.34
N GLU A 4 15.57 -2.12 7.74
CA GLU A 4 14.78 -3.12 7.00
C GLU A 4 13.83 -2.47 6.00
N PHE A 5 14.37 -2.13 4.84
CA PHE A 5 13.54 -1.63 3.75
C PHE A 5 14.12 -2.06 2.41
N PRO A 6 13.93 -3.34 2.04
CA PRO A 6 14.28 -3.83 0.73
C PRO A 6 13.10 -3.78 -0.24
N GLU A 7 11.92 -4.13 0.28
CA GLU A 7 10.69 -4.19 -0.48
C GLU A 7 9.61 -4.80 0.41
N TYR A 8 8.41 -5.03 -0.15
CA TYR A 8 7.30 -5.76 0.50
C TYR A 8 7.00 -5.25 1.92
N PHE A 9 7.20 -3.96 2.17
CA PHE A 9 6.96 -3.41 3.49
C PHE A 9 6.29 -2.04 3.46
N ARG A 10 7.06 -1.01 3.15
CA ARG A 10 6.67 0.35 3.45
C ARG A 10 5.61 0.89 2.49
N CYS A 11 4.73 1.72 3.04
CA CYS A 11 3.68 2.35 2.26
C CYS A 11 4.12 3.75 1.82
N PRO A 12 4.14 4.00 0.51
CA PRO A 12 4.55 5.30 -0.04
C PRO A 12 3.49 6.38 0.08
N ILE A 13 2.41 6.11 0.82
CA ILE A 13 1.37 7.11 1.02
C ILE A 13 1.79 8.13 2.07
N SER A 14 2.14 7.66 3.27
CA SER A 14 2.63 8.56 4.31
C SER A 14 3.61 7.85 5.25
N LEU A 15 4.20 6.75 4.78
CA LEU A 15 5.11 5.93 5.58
C LEU A 15 4.33 5.35 6.77
N GLU A 16 3.15 4.85 6.49
CA GLU A 16 2.33 4.22 7.52
C GLU A 16 2.57 2.72 7.54
N LEU A 17 3.31 2.25 6.53
CA LEU A 17 3.72 0.84 6.40
C LEU A 17 2.53 -0.07 6.07
N MET A 18 1.31 0.44 6.26
CA MET A 18 0.08 -0.32 6.08
C MET A 18 -0.10 -1.37 7.16
N LYS A 19 -1.35 -1.60 7.54
CA LYS A 19 -1.71 -2.73 8.38
C LYS A 19 -2.62 -3.64 7.58
N ASP A 20 -3.45 -3.02 6.74
CA ASP A 20 -4.33 -3.72 5.83
C ASP A 20 -4.29 -3.06 4.47
N PRO A 21 -3.54 -3.67 3.53
CA PRO A 21 -3.41 -3.17 2.18
C PRO A 21 -4.31 -3.89 1.20
N VAL A 22 -4.62 -3.21 0.11
CA VAL A 22 -5.37 -3.81 -0.98
C VAL A 22 -4.63 -3.56 -2.29
N ILE A 23 -4.71 -4.50 -3.19
CA ILE A 23 -4.01 -4.42 -4.46
C ILE A 23 -4.94 -3.90 -5.54
N VAL A 24 -4.38 -3.14 -6.47
CA VAL A 24 -5.14 -2.63 -7.61
C VAL A 24 -4.31 -2.87 -8.87
N SER A 25 -4.90 -2.66 -10.04
CA SER A 25 -4.16 -2.80 -11.29
C SER A 25 -3.01 -1.81 -11.32
N THR A 26 -2.05 -2.06 -12.21
CA THR A 26 -0.77 -1.34 -12.26
C THR A 26 0.23 -2.06 -11.37
N GLY A 27 -0.27 -2.76 -10.37
CA GLY A 27 0.59 -3.54 -9.51
C GLY A 27 0.98 -2.78 -8.26
N GLN A 28 0.05 -2.00 -7.74
CA GLN A 28 0.30 -1.26 -6.52
C GLN A 28 -0.36 -1.95 -5.33
N THR A 29 0.20 -1.73 -4.15
CA THR A 29 -0.38 -2.25 -2.92
C THR A 29 -0.30 -1.20 -1.81
N TYR A 30 -1.40 -0.52 -1.56
CA TYR A 30 -1.46 0.50 -0.53
C TYR A 30 -2.50 0.14 0.53
N GLU A 31 -2.46 0.81 1.66
CA GLU A 31 -3.45 0.60 2.71
C GLU A 31 -4.80 1.09 2.24
N ARG A 32 -5.83 0.32 2.52
CA ARG A 32 -7.19 0.60 2.05
C ARG A 32 -7.59 2.04 2.30
N SER A 33 -7.44 2.50 3.53
CA SER A 33 -7.83 3.85 3.92
C SER A 33 -6.93 4.91 3.27
N SER A 34 -5.84 4.46 2.67
CA SER A 34 -4.91 5.35 1.99
C SER A 34 -5.23 5.40 0.50
N ILE A 35 -5.51 4.24 -0.08
CA ILE A 35 -5.74 4.12 -1.52
C ILE A 35 -7.20 4.34 -1.90
N GLN A 36 -8.11 3.63 -1.24
CA GLN A 36 -9.50 3.65 -1.64
C GLN A 36 -10.15 4.95 -1.24
N LYS A 37 -9.48 5.65 -0.35
CA LYS A 37 -9.85 7.00 0.01
C LYS A 37 -9.93 7.87 -1.24
N TRP A 38 -8.96 7.69 -2.13
CA TRP A 38 -8.93 8.49 -3.35
C TRP A 38 -9.51 7.71 -4.54
N LEU A 39 -9.34 6.39 -4.57
CA LEU A 39 -9.96 5.59 -5.64
C LEU A 39 -11.47 5.76 -5.64
N ASP A 40 -12.06 5.74 -4.45
CA ASP A 40 -13.51 5.92 -4.33
C ASP A 40 -13.89 7.40 -4.49
N ALA A 41 -12.87 8.26 -4.54
CA ALA A 41 -13.07 9.68 -4.77
C ALA A 41 -13.20 9.97 -6.26
N GLY A 42 -12.78 9.01 -7.09
CA GLY A 42 -12.90 9.16 -8.53
C GLY A 42 -11.57 9.30 -9.22
N HIS A 43 -10.47 9.24 -8.46
CA HIS A 43 -9.15 9.36 -9.04
C HIS A 43 -8.51 7.99 -9.21
N LYS A 44 -7.71 7.82 -10.25
CA LYS A 44 -7.16 6.52 -10.58
C LYS A 44 -5.72 6.63 -11.09
N THR A 45 -4.82 7.01 -10.22
CA THR A 45 -3.40 7.11 -10.56
C THR A 45 -2.54 6.59 -9.41
N CYS A 46 -1.42 5.94 -9.73
CA CYS A 46 -0.50 5.46 -8.70
C CYS A 46 0.48 6.58 -8.31
N PRO A 47 0.55 6.95 -7.03
CA PRO A 47 1.35 8.09 -6.57
C PRO A 47 2.85 7.93 -6.81
N LYS A 48 3.29 6.69 -7.01
CA LYS A 48 4.72 6.39 -7.08
C LYS A 48 5.28 6.50 -8.50
N SER A 49 4.40 6.69 -9.49
CA SER A 49 4.84 6.84 -10.87
C SER A 49 3.83 7.63 -11.72
N GLN A 50 2.56 7.55 -11.35
CA GLN A 50 1.48 8.26 -12.04
C GLN A 50 1.30 7.74 -13.47
N GLU A 51 1.27 6.42 -13.59
CA GLU A 51 1.04 5.78 -14.88
C GLU A 51 -0.44 5.63 -15.17
N THR A 52 -1.26 6.05 -14.21
CA THR A 52 -2.71 5.99 -14.33
C THR A 52 -3.20 4.53 -14.24
N LEU A 53 -4.05 4.26 -13.27
CA LEU A 53 -4.56 2.91 -13.09
C LEU A 53 -5.74 2.70 -14.03
N LEU A 54 -5.42 2.30 -15.26
CA LEU A 54 -6.40 2.20 -16.34
C LEU A 54 -7.66 1.48 -15.90
N HIS A 55 -7.49 0.26 -15.39
CA HIS A 55 -8.62 -0.50 -14.90
C HIS A 55 -8.74 -0.35 -13.39
N ALA A 56 -9.68 0.47 -12.96
CA ALA A 56 -9.85 0.72 -11.53
C ALA A 56 -10.67 -0.38 -10.89
N GLY A 57 -9.97 -1.37 -10.36
CA GLY A 57 -10.61 -2.48 -9.67
C GLY A 57 -9.74 -2.99 -8.55
N LEU A 58 -10.36 -3.30 -7.42
CA LEU A 58 -9.61 -3.72 -6.25
C LEU A 58 -9.40 -5.23 -6.26
N THR A 59 -8.24 -5.65 -5.82
CA THR A 59 -7.91 -7.05 -5.71
C THR A 59 -7.27 -7.32 -4.35
N PRO A 60 -7.90 -8.16 -3.52
CA PRO A 60 -7.41 -8.43 -2.16
C PRO A 60 -6.09 -9.19 -2.16
N ASN A 61 -5.08 -8.58 -1.56
CA ASN A 61 -3.76 -9.21 -1.45
C ASN A 61 -3.55 -9.72 -0.03
N TYR A 62 -3.13 -10.96 0.09
CA TYR A 62 -2.77 -11.51 1.40
C TYR A 62 -1.28 -11.32 1.65
N VAL A 63 -0.54 -11.13 0.57
CA VAL A 63 0.92 -11.04 0.62
C VAL A 63 1.41 -9.97 1.60
N LEU A 64 0.94 -8.75 1.45
CA LEU A 64 1.53 -7.63 2.14
C LEU A 64 1.07 -7.54 3.59
N LYS A 65 -0.21 -7.78 3.84
CA LYS A 65 -0.74 -7.70 5.20
C LYS A 65 -0.03 -8.68 6.14
N SER A 66 0.29 -9.85 5.63
CA SER A 66 0.98 -10.87 6.43
C SER A 66 2.40 -10.43 6.78
N LEU A 67 2.96 -9.55 5.96
CA LEU A 67 4.34 -9.11 6.10
C LEU A 67 4.43 -7.82 6.91
N ILE A 68 3.61 -6.85 6.56
CA ILE A 68 3.63 -5.55 7.22
C ILE A 68 3.16 -5.65 8.68
N ALA A 69 2.22 -6.55 8.92
CA ALA A 69 1.60 -6.69 10.23
C ALA A 69 2.61 -7.06 11.31
N LEU A 70 3.66 -7.78 10.92
CA LEU A 70 4.67 -8.21 11.87
C LEU A 70 5.71 -7.12 12.10
N TRP A 71 5.87 -6.23 11.12
CA TRP A 71 6.91 -5.21 11.20
C TRP A 71 6.41 -4.00 12.00
N CYS A 72 5.13 -3.69 11.85
CA CYS A 72 4.54 -2.60 12.62
C CYS A 72 4.47 -2.96 14.10
N GLU A 73 4.57 -4.25 14.39
CA GLU A 73 4.66 -4.73 15.76
C GLU A 73 6.08 -4.48 16.30
N SER A 74 7.06 -4.55 15.41
CA SER A 74 8.44 -4.36 15.78
C SER A 74 8.72 -2.90 16.12
N ASN A 75 7.91 -2.00 15.56
CA ASN A 75 8.09 -0.58 15.78
C ASN A 75 6.84 0.18 15.41
N GLY A 76 6.41 1.09 16.29
CA GLY A 76 5.27 1.94 16.01
C GLY A 76 5.52 2.84 14.82
N ILE A 77 5.17 2.34 13.65
CA ILE A 77 5.50 3.01 12.39
C ILE A 77 4.48 4.09 12.05
N GLU A 78 3.24 3.89 12.46
CA GLU A 78 2.16 4.81 12.10
C GLU A 78 2.02 5.88 13.17
N GLY A 1 20.68 2.82 10.96
CA GLY A 1 20.44 3.05 9.52
C GLY A 1 18.97 3.22 9.22
N SER A 2 18.65 3.56 7.98
CA SER A 2 17.28 3.76 7.56
C SER A 2 16.63 2.41 7.25
N PRO A 3 15.41 2.18 7.76
CA PRO A 3 14.66 0.95 7.48
C PRO A 3 14.15 0.93 6.05
N GLU A 4 15.04 0.58 5.12
CA GLU A 4 14.74 0.62 3.70
C GLU A 4 14.16 -0.72 3.23
N PHE A 5 12.86 -0.74 3.00
CA PHE A 5 12.18 -1.94 2.50
C PHE A 5 10.89 -1.58 1.76
N PRO A 6 11.02 -1.20 0.48
CA PRO A 6 9.88 -0.78 -0.33
C PRO A 6 9.28 -1.91 -1.17
N GLU A 7 9.59 -3.16 -0.81
CA GLU A 7 9.07 -4.29 -1.56
C GLU A 7 7.92 -4.96 -0.81
N TYR A 8 8.22 -5.61 0.32
CA TYR A 8 7.21 -6.39 1.02
C TYR A 8 6.99 -5.89 2.44
N PHE A 9 7.28 -4.62 2.69
CA PHE A 9 7.09 -4.06 4.02
C PHE A 9 6.43 -2.69 4.00
N ARG A 10 7.21 -1.64 3.80
CA ARG A 10 6.73 -0.30 4.07
C ARG A 10 5.74 0.16 3.01
N CYS A 11 4.69 0.82 3.46
CA CYS A 11 3.76 1.49 2.58
C CYS A 11 4.33 2.85 2.21
N PRO A 12 4.78 3.01 0.95
CA PRO A 12 5.45 4.23 0.50
C PRO A 12 4.50 5.41 0.32
N ILE A 13 3.28 5.26 0.84
CA ILE A 13 2.31 6.34 0.81
C ILE A 13 2.70 7.39 1.84
N SER A 14 2.75 6.98 3.11
CA SER A 14 3.15 7.88 4.19
C SER A 14 4.13 7.18 5.13
N LEU A 15 4.55 5.98 4.73
CA LEU A 15 5.32 5.09 5.60
C LEU A 15 4.51 4.78 6.85
N GLU A 16 3.23 4.52 6.64
CA GLU A 16 2.33 4.17 7.72
C GLU A 16 2.38 2.67 7.96
N LEU A 17 3.07 1.97 7.04
CA LEU A 17 3.24 0.53 7.11
C LEU A 17 1.89 -0.17 7.23
N MET A 18 1.31 -0.46 6.08
CA MET A 18 0.02 -1.12 5.96
C MET A 18 -0.07 -2.39 6.80
N LYS A 19 -1.26 -2.68 7.31
CA LYS A 19 -1.50 -3.92 8.05
C LYS A 19 -2.39 -4.83 7.22
N ASP A 20 -3.43 -4.24 6.67
CA ASP A 20 -4.34 -4.92 5.75
C ASP A 20 -4.29 -4.21 4.40
N PRO A 21 -3.55 -4.77 3.44
CA PRO A 21 -3.31 -4.13 2.16
C PRO A 21 -4.24 -4.60 1.05
N VAL A 22 -4.43 -3.72 0.08
CA VAL A 22 -5.24 -4.03 -1.08
C VAL A 22 -4.41 -3.91 -2.36
N ILE A 23 -4.59 -4.85 -3.26
CA ILE A 23 -3.89 -4.84 -4.53
C ILE A 23 -4.82 -4.31 -5.59
N VAL A 24 -4.26 -3.66 -6.59
CA VAL A 24 -5.03 -3.17 -7.72
C VAL A 24 -4.26 -3.39 -9.01
N SER A 25 -4.84 -2.97 -10.12
CA SER A 25 -4.17 -3.08 -11.41
C SER A 25 -2.85 -2.29 -11.40
N THR A 26 -1.97 -2.60 -12.35
CA THR A 26 -0.61 -2.05 -12.38
C THR A 26 0.31 -2.81 -11.40
N GLY A 27 -0.30 -3.39 -10.37
CA GLY A 27 0.45 -4.23 -9.46
C GLY A 27 0.73 -3.54 -8.13
N GLN A 28 -0.16 -2.66 -7.74
CA GLN A 28 -0.03 -1.92 -6.49
C GLN A 28 -0.60 -2.69 -5.32
N THR A 29 0.13 -2.75 -4.20
CA THR A 29 -0.44 -3.27 -2.96
C THR A 29 -0.08 -2.35 -1.79
N TYR A 30 -1.02 -1.48 -1.42
CA TYR A 30 -0.83 -0.56 -0.29
C TYR A 30 -2.06 -0.62 0.61
N GLU A 31 -2.05 0.13 1.70
CA GLU A 31 -3.17 0.13 2.63
C GLU A 31 -4.36 0.89 2.04
N ARG A 32 -5.56 0.36 2.26
CA ARG A 32 -6.78 0.91 1.66
C ARG A 32 -6.99 2.37 2.01
N SER A 33 -6.68 2.75 3.25
CA SER A 33 -6.91 4.10 3.72
C SER A 33 -5.91 5.08 3.09
N SER A 34 -4.90 4.53 2.43
CA SER A 34 -3.91 5.35 1.75
C SER A 34 -4.27 5.49 0.27
N ILE A 35 -4.63 4.37 -0.35
CA ILE A 35 -4.96 4.34 -1.77
C ILE A 35 -6.35 4.89 -2.03
N GLN A 36 -7.34 4.39 -1.32
CA GLN A 36 -8.73 4.74 -1.61
C GLN A 36 -9.00 6.15 -1.14
N LYS A 37 -8.12 6.63 -0.28
CA LYS A 37 -8.12 8.02 0.12
C LYS A 37 -8.13 8.92 -1.11
N TRP A 38 -7.33 8.56 -2.12
CA TRP A 38 -7.24 9.35 -3.32
C TRP A 38 -8.13 8.77 -4.45
N LEU A 39 -8.30 7.44 -4.48
CA LEU A 39 -9.22 6.82 -5.44
C LEU A 39 -10.63 7.37 -5.26
N ASP A 40 -11.04 7.52 -4.01
CA ASP A 40 -12.37 8.04 -3.71
C ASP A 40 -12.38 9.56 -3.75
N ALA A 41 -11.18 10.13 -3.96
CA ALA A 41 -11.05 11.56 -4.12
C ALA A 41 -11.31 11.96 -5.57
N GLY A 42 -10.83 11.14 -6.49
CA GLY A 42 -11.09 11.37 -7.90
C GLY A 42 -9.86 11.20 -8.78
N HIS A 43 -8.94 10.33 -8.37
CA HIS A 43 -7.74 10.04 -9.16
C HIS A 43 -7.45 8.55 -9.13
N LYS A 44 -6.65 8.09 -10.08
CA LYS A 44 -6.30 6.67 -10.14
C LYS A 44 -4.95 6.45 -10.83
N THR A 45 -3.87 6.78 -10.14
CA THR A 45 -2.53 6.62 -10.68
C THR A 45 -1.59 6.07 -9.59
N CYS A 46 -0.73 5.13 -9.96
CA CYS A 46 0.26 4.60 -9.02
C CYS A 46 1.28 5.68 -8.65
N PRO A 47 1.43 5.97 -7.34
CA PRO A 47 2.23 7.11 -6.86
C PRO A 47 3.74 6.94 -7.09
N LYS A 48 4.13 5.86 -7.76
CA LYS A 48 5.55 5.60 -8.00
C LYS A 48 5.97 6.15 -9.36
N SER A 49 5.04 6.17 -10.30
CA SER A 49 5.34 6.55 -11.67
C SER A 49 4.20 7.35 -12.28
N GLN A 50 3.07 7.38 -11.57
CA GLN A 50 1.88 8.07 -12.01
C GLN A 50 1.23 7.33 -13.16
N GLU A 51 1.44 6.02 -13.17
CA GLU A 51 0.77 5.14 -14.12
C GLU A 51 -0.70 5.03 -13.77
N THR A 52 -1.54 5.45 -14.69
CA THR A 52 -2.98 5.40 -14.48
C THR A 52 -3.43 3.95 -14.35
N LEU A 53 -4.10 3.63 -13.25
CA LEU A 53 -4.56 2.27 -12.99
C LEU A 53 -5.66 1.90 -13.98
N LEU A 54 -6.29 2.93 -14.56
CA LEU A 54 -7.36 2.77 -15.55
C LEU A 54 -8.62 2.19 -14.91
N HIS A 55 -8.63 0.87 -14.76
CA HIS A 55 -9.74 0.19 -14.13
C HIS A 55 -9.45 0.04 -12.65
N ALA A 56 -10.18 0.78 -11.83
CA ALA A 56 -9.96 0.76 -10.39
C ALA A 56 -10.77 -0.35 -9.73
N GLY A 57 -10.14 -1.51 -9.58
CA GLY A 57 -10.74 -2.62 -8.89
C GLY A 57 -9.78 -3.19 -7.87
N LEU A 58 -10.19 -3.18 -6.61
CA LEU A 58 -9.30 -3.58 -5.53
C LEU A 58 -9.45 -5.06 -5.21
N THR A 59 -8.36 -5.66 -4.81
CA THR A 59 -8.29 -7.07 -4.51
C THR A 59 -7.39 -7.33 -3.30
N PRO A 60 -7.84 -8.12 -2.32
CA PRO A 60 -7.05 -8.42 -1.13
C PRO A 60 -5.78 -9.20 -1.45
N ASN A 61 -4.62 -8.61 -1.17
CA ASN A 61 -3.35 -9.27 -1.41
C ASN A 61 -2.92 -10.02 -0.15
N TYR A 62 -2.81 -11.34 -0.27
CA TYR A 62 -2.58 -12.19 0.89
C TYR A 62 -1.09 -12.39 1.18
N VAL A 63 -0.21 -11.98 0.26
CA VAL A 63 1.21 -12.18 0.45
C VAL A 63 1.79 -11.17 1.45
N LEU A 64 1.20 -9.98 1.46
CA LEU A 64 1.77 -8.86 2.17
C LEU A 64 1.31 -8.81 3.62
N LYS A 65 0.01 -9.03 3.82
CA LYS A 65 -0.64 -8.89 5.13
C LYS A 65 0.16 -9.55 6.25
N SER A 66 0.46 -10.83 6.09
CA SER A 66 1.14 -11.59 7.15
C SER A 66 2.53 -11.01 7.47
N LEU A 67 3.18 -10.44 6.47
CA LEU A 67 4.54 -9.95 6.63
C LEU A 67 4.56 -8.52 7.19
N ILE A 68 3.63 -7.70 6.73
CA ILE A 68 3.56 -6.31 7.19
C ILE A 68 2.93 -6.22 8.58
N ALA A 69 2.03 -7.14 8.87
CA ALA A 69 1.29 -7.13 10.14
C ALA A 69 2.20 -7.46 11.32
N LEU A 70 3.39 -7.97 11.04
CA LEU A 70 4.35 -8.29 12.09
C LEU A 70 5.28 -7.10 12.34
N TRP A 71 5.54 -6.31 11.30
CA TRP A 71 6.50 -5.21 11.42
C TRP A 71 5.87 -4.02 12.12
N CYS A 72 4.68 -3.63 11.67
CA CYS A 72 3.95 -2.51 12.27
C CYS A 72 3.71 -2.76 13.76
N GLU A 73 3.49 -4.02 14.09
CA GLU A 73 3.27 -4.45 15.47
C GLU A 73 4.50 -4.17 16.32
N SER A 74 5.67 -4.30 15.73
CA SER A 74 6.93 -4.20 16.46
C SER A 74 7.20 -2.77 16.92
N ASN A 75 6.92 -1.81 16.05
CA ASN A 75 7.32 -0.42 16.31
C ASN A 75 6.14 0.48 16.64
N GLY A 76 4.92 0.06 16.31
CA GLY A 76 3.78 0.93 16.46
C GLY A 76 3.88 2.12 15.52
N ILE A 77 4.10 1.81 14.25
CA ILE A 77 4.44 2.81 13.25
C ILE A 77 3.25 3.73 12.92
N GLU A 78 2.07 3.15 12.79
CA GLU A 78 0.88 3.90 12.41
C GLU A 78 0.05 4.17 13.66
N GLY A 1 19.76 -7.82 8.20
CA GLY A 1 18.37 -7.34 8.42
C GLY A 1 18.35 -5.89 8.87
N SER A 2 17.70 -5.04 8.10
CA SER A 2 17.60 -3.63 8.42
C SER A 2 16.14 -3.18 8.34
N PRO A 3 15.79 -2.01 8.91
CA PRO A 3 14.44 -1.43 8.80
C PRO A 3 13.99 -1.36 7.33
N GLU A 4 14.89 -0.89 6.47
CA GLU A 4 14.74 -1.00 5.02
C GLU A 4 13.70 -0.01 4.45
N PHE A 5 12.42 -0.27 4.73
CA PHE A 5 11.30 0.60 4.32
C PHE A 5 11.00 0.61 2.79
N PRO A 6 11.40 -0.37 1.96
CA PRO A 6 11.20 -0.29 0.52
C PRO A 6 10.04 -1.15 0.01
N GLU A 7 9.33 -0.61 -0.98
CA GLU A 7 8.32 -1.35 -1.76
C GLU A 7 7.26 -2.04 -0.89
N TYR A 8 7.55 -3.26 -0.47
CA TYR A 8 6.58 -4.07 0.27
C TYR A 8 6.36 -3.53 1.68
N PHE A 9 7.37 -2.90 2.26
CA PHE A 9 7.24 -2.40 3.63
C PHE A 9 6.45 -1.09 3.69
N ARG A 10 7.08 0.00 3.32
CA ARG A 10 6.50 1.31 3.57
C ARG A 10 5.41 1.67 2.58
N CYS A 11 4.25 2.03 3.10
CA CYS A 11 3.20 2.63 2.28
C CYS A 11 3.62 4.07 1.98
N PRO A 12 3.90 4.38 0.71
CA PRO A 12 4.46 5.67 0.30
C PRO A 12 3.41 6.77 0.20
N ILE A 13 2.30 6.59 0.89
CA ILE A 13 1.24 7.58 0.86
C ILE A 13 1.35 8.52 2.07
N SER A 14 1.56 7.95 3.24
CA SER A 14 1.77 8.76 4.45
C SER A 14 2.76 8.09 5.41
N LEU A 15 3.49 7.10 4.90
CA LEU A 15 4.36 6.25 5.72
C LEU A 15 3.54 5.69 6.88
N GLU A 16 2.33 5.26 6.56
CA GLU A 16 1.48 4.60 7.54
C GLU A 16 1.89 3.16 7.64
N LEU A 17 2.50 2.66 6.55
CA LEU A 17 2.92 1.27 6.44
C LEU A 17 1.73 0.36 6.70
N MET A 18 1.07 -0.01 5.60
CA MET A 18 -0.17 -0.77 5.63
C MET A 18 -0.16 -1.95 6.60
N LYS A 19 -1.33 -2.31 7.07
CA LYS A 19 -1.49 -3.43 7.99
C LYS A 19 -2.21 -4.56 7.26
N ASP A 20 -3.23 -4.17 6.51
CA ASP A 20 -3.97 -5.06 5.63
C ASP A 20 -4.01 -4.41 4.27
N PRO A 21 -3.17 -4.88 3.35
CA PRO A 21 -2.92 -4.20 2.08
C PRO A 21 -3.79 -4.70 0.94
N VAL A 22 -4.20 -3.77 0.10
CA VAL A 22 -4.97 -4.11 -1.08
C VAL A 22 -4.11 -3.96 -2.33
N ILE A 23 -4.16 -4.95 -3.19
CA ILE A 23 -3.50 -4.90 -4.47
C ILE A 23 -4.46 -4.31 -5.49
N VAL A 24 -3.92 -3.64 -6.47
CA VAL A 24 -4.73 -3.07 -7.52
C VAL A 24 -4.04 -3.33 -8.86
N SER A 25 -4.65 -2.91 -9.95
CA SER A 25 -4.04 -3.05 -11.27
C SER A 25 -2.70 -2.32 -11.32
N THR A 26 -1.94 -2.59 -12.39
CA THR A 26 -0.57 -2.08 -12.55
C THR A 26 0.40 -2.90 -11.71
N GLY A 27 0.07 -3.10 -10.44
CA GLY A 27 0.93 -3.87 -9.56
C GLY A 27 1.14 -3.18 -8.22
N GLN A 28 0.13 -2.44 -7.79
CA GLN A 28 0.19 -1.69 -6.55
C GLN A 28 -0.35 -2.50 -5.38
N THR A 29 0.30 -2.37 -4.22
CA THR A 29 -0.23 -2.96 -2.99
C THR A 29 0.01 -2.01 -1.81
N TYR A 30 -1.02 -1.26 -1.42
CA TYR A 30 -0.90 -0.25 -0.37
C TYR A 30 -2.11 -0.30 0.55
N GLU A 31 -2.12 0.56 1.57
CA GLU A 31 -3.22 0.61 2.53
C GLU A 31 -4.51 1.03 1.83
N ARG A 32 -5.54 0.22 2.00
CA ARG A 32 -6.83 0.45 1.35
C ARG A 32 -7.44 1.78 1.78
N SER A 33 -7.26 2.13 3.04
CA SER A 33 -7.84 3.34 3.60
C SER A 33 -7.09 4.56 3.06
N SER A 34 -5.90 4.32 2.53
CA SER A 34 -5.06 5.36 2.00
C SER A 34 -5.27 5.49 0.49
N ILE A 35 -5.31 4.36 -0.20
CA ILE A 35 -5.49 4.37 -1.65
C ILE A 35 -6.92 4.74 -2.04
N GLN A 36 -7.91 4.06 -1.47
CA GLN A 36 -9.29 4.30 -1.86
C GLN A 36 -9.75 5.66 -1.39
N LYS A 37 -9.02 6.20 -0.45
CA LYS A 37 -9.24 7.55 0.02
C LYS A 37 -9.15 8.54 -1.14
N TRP A 38 -8.16 8.35 -2.02
CA TRP A 38 -8.02 9.24 -3.16
C TRP A 38 -8.64 8.65 -4.43
N LEU A 39 -8.67 7.32 -4.54
CA LEU A 39 -9.38 6.66 -5.63
C LEU A 39 -10.83 7.10 -5.67
N ASP A 40 -11.46 7.10 -4.50
CA ASP A 40 -12.85 7.50 -4.37
C ASP A 40 -13.05 8.97 -4.74
N ALA A 41 -11.99 9.75 -4.62
CA ALA A 41 -12.02 11.16 -4.97
C ALA A 41 -12.16 11.35 -6.47
N GLY A 42 -11.86 10.31 -7.23
CA GLY A 42 -11.98 10.38 -8.68
C GLY A 42 -10.65 10.24 -9.38
N HIS A 43 -9.59 10.07 -8.61
CA HIS A 43 -8.26 9.92 -9.18
C HIS A 43 -7.79 8.48 -9.09
N LYS A 44 -7.08 8.03 -10.12
CA LYS A 44 -6.65 6.64 -10.18
C LYS A 44 -5.29 6.53 -10.85
N THR A 45 -4.24 6.80 -10.10
CA THR A 45 -2.89 6.70 -10.59
C THR A 45 -1.99 6.08 -9.53
N CYS A 46 -0.93 5.41 -9.96
CA CYS A 46 0.08 4.89 -9.05
C CYS A 46 0.70 6.03 -8.25
N PRO A 47 0.72 5.94 -6.92
CA PRO A 47 1.20 7.02 -6.05
C PRO A 47 2.66 7.40 -6.30
N LYS A 48 3.47 6.42 -6.68
CA LYS A 48 4.92 6.63 -6.73
C LYS A 48 5.39 7.12 -8.10
N SER A 49 4.62 6.82 -9.15
CA SER A 49 5.08 7.11 -10.50
C SER A 49 3.94 7.55 -11.43
N GLN A 50 2.73 7.64 -10.87
CA GLN A 50 1.56 8.07 -11.64
C GLN A 50 1.35 7.20 -12.88
N GLU A 51 1.50 5.89 -12.71
CA GLU A 51 1.38 4.93 -13.81
C GLU A 51 -0.06 4.81 -14.31
N THR A 52 -0.99 5.45 -13.59
CA THR A 52 -2.41 5.40 -13.93
C THR A 52 -2.99 4.00 -13.75
N LEU A 53 -3.81 3.84 -12.72
CA LEU A 53 -4.37 2.54 -12.42
C LEU A 53 -5.62 2.31 -13.28
N LEU A 54 -5.42 1.76 -14.47
CA LEU A 54 -6.53 1.50 -15.38
C LEU A 54 -7.44 0.41 -14.80
N HIS A 55 -8.68 0.79 -14.49
CA HIS A 55 -9.62 -0.08 -13.80
C HIS A 55 -9.12 -0.38 -12.38
N ALA A 56 -9.71 0.29 -11.40
CA ALA A 56 -9.30 0.08 -10.03
C ALA A 56 -9.89 -1.23 -9.51
N GLY A 57 -9.13 -2.30 -9.67
CA GLY A 57 -9.55 -3.60 -9.21
C GLY A 57 -8.93 -3.95 -7.88
N LEU A 58 -9.56 -3.50 -6.82
CA LEU A 58 -9.04 -3.68 -5.48
C LEU A 58 -9.13 -5.13 -5.05
N THR A 59 -7.96 -5.74 -4.93
CA THR A 59 -7.83 -7.16 -4.67
C THR A 59 -6.87 -7.39 -3.49
N PRO A 60 -7.33 -8.06 -2.43
CA PRO A 60 -6.49 -8.34 -1.25
C PRO A 60 -5.21 -9.09 -1.61
N ASN A 61 -4.06 -8.55 -1.19
CA ASN A 61 -2.78 -9.22 -1.43
C ASN A 61 -2.24 -9.81 -0.14
N TYR A 62 -2.06 -11.12 -0.15
CA TYR A 62 -1.75 -11.85 1.08
C TYR A 62 -0.25 -11.91 1.34
N VAL A 63 0.56 -11.62 0.33
CA VAL A 63 2.01 -11.68 0.48
C VAL A 63 2.49 -10.65 1.49
N LEU A 64 1.73 -9.57 1.59
CA LEU A 64 2.24 -8.39 2.24
C LEU A 64 1.86 -8.29 3.71
N LYS A 65 0.61 -8.62 4.05
CA LYS A 65 0.14 -8.46 5.42
C LYS A 65 1.02 -9.26 6.40
N SER A 66 1.61 -10.34 5.91
CA SER A 66 2.48 -11.17 6.73
C SER A 66 3.81 -10.46 6.99
N LEU A 67 4.24 -9.64 6.03
CA LEU A 67 5.53 -8.98 6.10
C LEU A 67 5.44 -7.59 6.72
N ILE A 68 4.31 -6.91 6.50
CA ILE A 68 4.13 -5.56 7.02
C ILE A 68 3.69 -5.61 8.49
N ALA A 69 2.84 -6.58 8.82
CA ALA A 69 2.31 -6.71 10.17
C ALA A 69 3.42 -6.95 11.18
N LEU A 70 4.49 -7.62 10.74
CA LEU A 70 5.60 -7.91 11.63
C LEU A 70 6.41 -6.65 11.91
N TRP A 71 6.36 -5.71 10.98
CA TRP A 71 7.12 -4.47 11.10
C TRP A 71 6.40 -3.51 12.02
N CYS A 72 5.11 -3.30 11.77
CA CYS A 72 4.30 -2.43 12.62
C CYS A 72 4.22 -3.01 14.03
N GLU A 73 4.40 -4.32 14.13
CA GLU A 73 4.45 -5.01 15.41
C GLU A 73 5.72 -4.62 16.18
N SER A 74 6.79 -4.36 15.45
CA SER A 74 8.06 -4.03 16.06
C SER A 74 8.12 -2.53 16.40
N ASN A 75 7.55 -1.71 15.53
CA ASN A 75 7.54 -0.27 15.73
C ASN A 75 6.18 0.31 15.37
N GLY A 76 5.62 1.12 16.26
CA GLY A 76 4.36 1.79 15.98
C GLY A 76 4.51 2.76 14.84
N ILE A 77 3.96 2.41 13.69
CA ILE A 77 4.22 3.14 12.47
C ILE A 77 3.00 3.99 12.07
N GLU A 78 1.82 3.55 12.43
CA GLU A 78 0.59 4.28 12.14
C GLU A 78 0.03 4.87 13.43
N GLY A 1 18.04 -1.85 10.81
CA GLY A 1 17.49 -1.81 9.44
C GLY A 1 16.84 -0.47 9.13
N SER A 2 17.25 0.13 8.02
CA SER A 2 16.72 1.42 7.61
C SER A 2 15.25 1.31 7.22
N PRO A 3 14.40 2.23 7.72
CA PRO A 3 12.95 2.20 7.46
C PRO A 3 12.59 2.60 6.03
N GLU A 4 12.98 1.77 5.07
CA GLU A 4 12.62 1.98 3.68
C GLU A 4 11.67 0.89 3.22
N PHE A 5 12.22 -0.33 3.10
CA PHE A 5 11.45 -1.55 2.78
C PHE A 5 10.47 -1.34 1.62
N PRO A 6 10.97 -1.10 0.41
CA PRO A 6 10.11 -0.86 -0.75
C PRO A 6 9.47 -2.16 -1.25
N GLU A 7 8.14 -2.13 -1.37
CA GLU A 7 7.38 -3.23 -1.99
C GLU A 7 7.36 -4.49 -1.13
N TYR A 8 7.77 -4.38 0.14
CA TYR A 8 7.78 -5.56 1.00
C TYR A 8 7.22 -5.24 2.38
N PHE A 9 7.42 -4.01 2.85
CA PHE A 9 6.91 -3.63 4.16
C PHE A 9 6.31 -2.22 4.16
N ARG A 10 7.16 -1.22 4.15
CA ARG A 10 6.73 0.14 4.46
C ARG A 10 5.91 0.76 3.35
N CYS A 11 4.71 1.19 3.71
CA CYS A 11 3.90 2.01 2.83
C CYS A 11 4.60 3.34 2.59
N PRO A 12 4.90 3.67 1.32
CA PRO A 12 5.64 4.86 0.95
C PRO A 12 4.74 6.09 0.81
N ILE A 13 3.53 6.01 1.34
CA ILE A 13 2.58 7.09 1.19
C ILE A 13 2.60 8.03 2.40
N SER A 14 2.48 7.48 3.60
CA SER A 14 2.51 8.30 4.80
C SER A 14 3.54 7.77 5.80
N LEU A 15 4.25 6.70 5.41
CA LEU A 15 5.12 5.95 6.32
C LEU A 15 4.25 5.39 7.43
N GLU A 16 3.07 4.95 7.05
CA GLU A 16 2.15 4.29 7.96
C GLU A 16 2.46 2.81 7.97
N LEU A 17 3.39 2.44 7.08
CA LEU A 17 3.89 1.07 6.92
C LEU A 17 2.85 0.19 6.24
N MET A 18 1.57 0.57 6.34
CA MET A 18 0.48 -0.19 5.75
C MET A 18 0.23 -1.47 6.56
N LYS A 19 -0.98 -1.59 7.06
CA LYS A 19 -1.34 -2.72 7.93
C LYS A 19 -2.20 -3.75 7.19
N ASP A 20 -3.01 -3.26 6.27
CA ASP A 20 -3.90 -4.12 5.49
C ASP A 20 -3.99 -3.58 4.07
N PRO A 21 -3.29 -4.21 3.13
CA PRO A 21 -3.15 -3.73 1.78
C PRO A 21 -4.14 -4.32 0.80
N VAL A 22 -4.75 -3.45 0.02
CA VAL A 22 -5.61 -3.88 -1.05
C VAL A 22 -4.90 -3.67 -2.37
N ILE A 23 -4.73 -4.75 -3.11
CA ILE A 23 -3.97 -4.69 -4.35
C ILE A 23 -4.88 -4.30 -5.49
N VAL A 24 -4.35 -3.60 -6.47
CA VAL A 24 -5.11 -3.27 -7.66
C VAL A 24 -4.28 -3.55 -8.88
N SER A 25 -4.86 -3.31 -10.04
CA SER A 25 -4.14 -3.47 -11.29
C SER A 25 -2.92 -2.53 -11.30
N THR A 26 -2.00 -2.79 -12.24
CA THR A 26 -0.70 -2.10 -12.30
C THR A 26 0.30 -2.78 -11.36
N GLY A 27 -0.21 -3.37 -10.28
CA GLY A 27 0.65 -4.04 -9.32
C GLY A 27 0.86 -3.19 -8.08
N GLN A 28 -0.18 -2.46 -7.72
CA GLN A 28 -0.16 -1.58 -6.57
C GLN A 28 -0.62 -2.33 -5.32
N THR A 29 0.21 -2.34 -4.28
CA THR A 29 -0.19 -2.92 -3.00
C THR A 29 0.16 -1.98 -1.85
N TYR A 30 -0.84 -1.25 -1.38
CA TYR A 30 -0.71 -0.33 -0.24
C TYR A 30 -1.95 -0.50 0.63
N GLU A 31 -1.95 0.03 1.84
CA GLU A 31 -3.10 -0.18 2.72
C GLU A 31 -4.27 0.66 2.28
N ARG A 32 -5.48 0.14 2.52
CA ARG A 32 -6.70 0.72 2.02
C ARG A 32 -6.89 2.17 2.46
N SER A 33 -6.46 2.48 3.67
CA SER A 33 -6.67 3.81 4.24
C SER A 33 -5.90 4.88 3.46
N SER A 34 -4.79 4.49 2.84
CA SER A 34 -3.97 5.43 2.11
C SER A 34 -4.32 5.43 0.63
N ILE A 35 -4.57 4.24 0.07
CA ILE A 35 -4.82 4.12 -1.35
C ILE A 35 -6.25 4.51 -1.71
N GLN A 36 -7.23 3.89 -1.06
CA GLN A 36 -8.63 4.13 -1.38
C GLN A 36 -9.03 5.55 -1.08
N LYS A 37 -8.40 6.13 -0.08
CA LYS A 37 -8.69 7.49 0.31
C LYS A 37 -8.48 8.44 -0.86
N TRP A 38 -7.51 8.14 -1.72
CA TRP A 38 -7.30 8.98 -2.91
C TRP A 38 -7.93 8.33 -4.15
N LEU A 39 -7.92 7.01 -4.24
CA LEU A 39 -8.58 6.32 -5.36
C LEU A 39 -10.05 6.64 -5.40
N ASP A 40 -10.66 6.71 -4.22
CA ASP A 40 -12.09 7.01 -4.12
C ASP A 40 -12.34 8.47 -4.49
N ALA A 41 -11.35 9.32 -4.24
CA ALA A 41 -11.42 10.72 -4.66
C ALA A 41 -11.50 10.81 -6.18
N GLY A 42 -10.82 9.89 -6.84
CA GLY A 42 -10.90 9.79 -8.28
C GLY A 42 -9.61 10.19 -8.97
N HIS A 43 -8.49 9.63 -8.54
CA HIS A 43 -7.21 9.95 -9.17
C HIS A 43 -6.67 8.78 -9.99
N LYS A 44 -7.10 7.56 -9.63
CA LYS A 44 -6.78 6.31 -10.35
C LYS A 44 -5.33 6.25 -10.88
N THR A 45 -4.36 6.55 -10.01
CA THR A 45 -2.95 6.53 -10.41
C THR A 45 -2.06 5.95 -9.32
N CYS A 46 -0.96 5.29 -9.71
CA CYS A 46 0.04 4.80 -8.77
C CYS A 46 0.90 5.95 -8.25
N PRO A 47 1.32 5.87 -6.98
CA PRO A 47 2.12 6.90 -6.32
C PRO A 47 3.61 6.84 -6.70
N LYS A 48 3.97 5.92 -7.60
CA LYS A 48 5.37 5.74 -7.97
C LYS A 48 5.75 6.57 -9.18
N SER A 49 5.09 6.33 -10.30
CA SER A 49 5.47 6.96 -11.56
C SER A 49 4.25 7.45 -12.30
N GLN A 50 3.10 7.39 -11.64
CA GLN A 50 1.83 7.85 -12.22
C GLN A 50 1.43 6.97 -13.39
N GLU A 51 1.69 5.68 -13.25
CA GLU A 51 1.43 4.70 -14.32
C GLU A 51 -0.06 4.63 -14.69
N THR A 52 -0.90 5.19 -13.83
CA THR A 52 -2.36 5.18 -14.03
C THR A 52 -2.92 3.79 -13.82
N LEU A 53 -3.73 3.65 -12.78
CA LEU A 53 -4.37 2.39 -12.52
C LEU A 53 -5.62 2.33 -13.37
N LEU A 54 -5.45 1.80 -14.57
CA LEU A 54 -6.50 1.76 -15.57
C LEU A 54 -7.71 0.98 -15.03
N HIS A 55 -7.43 -0.08 -14.29
CA HIS A 55 -8.47 -0.84 -13.64
C HIS A 55 -8.55 -0.44 -12.16
N ALA A 56 -9.47 0.46 -11.85
CA ALA A 56 -9.65 0.89 -10.46
C ALA A 56 -10.60 -0.06 -9.74
N GLY A 57 -10.02 -1.05 -9.09
CA GLY A 57 -10.78 -2.03 -8.34
C GLY A 57 -9.87 -2.81 -7.43
N LEU A 58 -10.32 -3.07 -6.22
CA LEU A 58 -9.43 -3.62 -5.21
C LEU A 58 -9.50 -5.16 -5.20
N THR A 59 -8.35 -5.77 -5.07
CA THR A 59 -8.23 -7.21 -4.96
C THR A 59 -7.54 -7.55 -3.62
N PRO A 60 -8.05 -8.56 -2.88
CA PRO A 60 -7.46 -8.99 -1.61
C PRO A 60 -6.00 -9.43 -1.77
N ASN A 61 -5.10 -8.74 -1.08
CA ASN A 61 -3.68 -9.06 -1.14
C ASN A 61 -3.24 -9.75 0.15
N TYR A 62 -2.96 -11.04 0.08
CA TYR A 62 -2.55 -11.79 1.27
C TYR A 62 -1.03 -11.76 1.47
N VAL A 63 -0.29 -11.57 0.38
CA VAL A 63 1.17 -11.62 0.45
C VAL A 63 1.75 -10.52 1.33
N LEU A 64 1.41 -9.28 1.05
CA LEU A 64 2.07 -8.16 1.68
C LEU A 64 1.57 -7.98 3.12
N LYS A 65 0.29 -8.28 3.35
CA LYS A 65 -0.30 -8.17 4.65
C LYS A 65 0.45 -9.01 5.66
N SER A 66 0.73 -10.24 5.29
CA SER A 66 1.43 -11.17 6.17
C SER A 66 2.83 -10.66 6.54
N LEU A 67 3.39 -9.83 5.66
CA LEU A 67 4.72 -9.29 5.85
C LEU A 67 4.68 -7.99 6.66
N ILE A 68 3.82 -7.08 6.24
CA ILE A 68 3.69 -5.79 6.91
C ILE A 68 3.14 -5.96 8.33
N ALA A 69 2.30 -6.97 8.51
CA ALA A 69 1.73 -7.28 9.82
C ALA A 69 2.83 -7.68 10.79
N LEU A 70 3.92 -8.17 10.22
CA LEU A 70 5.11 -8.53 10.97
C LEU A 70 5.78 -7.29 11.55
N TRP A 71 6.00 -6.29 10.69
CA TRP A 71 6.81 -5.14 11.07
C TRP A 71 6.04 -4.17 11.96
N CYS A 72 4.77 -3.92 11.62
CA CYS A 72 3.96 -2.95 12.38
C CYS A 72 3.65 -3.46 13.78
N GLU A 73 3.84 -4.76 13.98
CA GLU A 73 3.65 -5.37 15.28
C GLU A 73 4.91 -5.16 16.12
N SER A 74 6.05 -5.11 15.45
CA SER A 74 7.32 -5.01 16.12
C SER A 74 7.58 -3.57 16.58
N ASN A 75 6.98 -2.62 15.89
CA ASN A 75 7.19 -1.21 16.20
C ASN A 75 5.94 -0.39 15.88
N GLY A 76 5.52 0.46 16.81
CA GLY A 76 4.42 1.36 16.55
C GLY A 76 4.79 2.36 15.48
N ILE A 77 4.28 2.16 14.28
CA ILE A 77 4.73 2.92 13.12
C ILE A 77 3.74 4.00 12.72
N GLU A 78 2.46 3.74 12.95
CA GLU A 78 1.42 4.67 12.54
C GLU A 78 1.14 5.69 13.63
N GLY A 1 20.55 -1.73 14.54
CA GLY A 1 20.49 -2.46 13.24
C GLY A 1 19.74 -1.65 12.19
N SER A 2 19.64 -2.19 10.99
CA SER A 2 18.96 -1.50 9.90
C SER A 2 17.49 -1.92 9.82
N PRO A 3 16.56 -0.97 9.89
CA PRO A 3 15.13 -1.23 9.75
C PRO A 3 14.78 -1.77 8.37
N GLU A 4 15.49 -1.25 7.36
CA GLU A 4 15.35 -1.67 5.97
C GLU A 4 13.97 -1.38 5.39
N PHE A 5 13.93 -0.44 4.47
CA PHE A 5 12.73 -0.16 3.71
C PHE A 5 12.97 -0.35 2.21
N PRO A 6 13.08 -1.60 1.74
CA PRO A 6 13.27 -1.90 0.33
C PRO A 6 11.95 -1.93 -0.43
N GLU A 7 11.06 -2.82 0.00
CA GLU A 7 9.76 -2.96 -0.61
C GLU A 7 8.85 -3.80 0.30
N TYR A 8 7.64 -4.07 -0.17
CA TYR A 8 6.64 -4.89 0.54
C TYR A 8 6.45 -4.50 2.02
N PHE A 9 6.68 -3.22 2.34
CA PHE A 9 6.49 -2.75 3.71
C PHE A 9 5.60 -1.51 3.77
N ARG A 10 6.18 -0.36 3.48
CA ARG A 10 5.45 0.91 3.61
C ARG A 10 4.84 1.33 2.28
N CYS A 11 3.78 2.13 2.36
CA CYS A 11 3.22 2.73 1.17
C CYS A 11 4.08 3.91 0.76
N PRO A 12 4.00 4.32 -0.51
CA PRO A 12 4.69 5.50 -1.02
C PRO A 12 3.85 6.75 -0.82
N ILE A 13 2.81 6.61 -0.01
CA ILE A 13 1.83 7.66 0.18
C ILE A 13 2.14 8.51 1.41
N SER A 14 2.24 7.88 2.59
CA SER A 14 2.52 8.63 3.81
C SER A 14 3.30 7.83 4.85
N LEU A 15 3.90 6.71 4.44
CA LEU A 15 4.65 5.84 5.35
C LEU A 15 3.80 5.46 6.55
N GLU A 16 2.83 4.60 6.32
CA GLU A 16 1.93 4.14 7.37
C GLU A 16 2.27 2.72 7.80
N LEU A 17 2.97 2.01 6.91
CA LEU A 17 3.24 0.58 7.08
C LEU A 17 1.92 -0.16 7.29
N MET A 18 1.17 -0.21 6.20
CA MET A 18 -0.12 -0.91 6.11
C MET A 18 -0.18 -2.21 6.91
N LYS A 19 -1.38 -2.58 7.29
CA LYS A 19 -1.64 -3.83 8.00
C LYS A 19 -2.51 -4.73 7.13
N ASP A 20 -3.52 -4.13 6.53
CA ASP A 20 -4.36 -4.80 5.55
C ASP A 20 -4.26 -4.05 4.23
N PRO A 21 -3.50 -4.59 3.28
CA PRO A 21 -3.24 -3.95 2.00
C PRO A 21 -4.14 -4.46 0.89
N VAL A 22 -4.40 -3.60 -0.07
CA VAL A 22 -5.19 -3.99 -1.23
C VAL A 22 -4.37 -3.83 -2.50
N ILE A 23 -4.43 -4.83 -3.35
CA ILE A 23 -3.80 -4.76 -4.65
C ILE A 23 -4.75 -4.10 -5.63
N VAL A 24 -4.20 -3.28 -6.51
CA VAL A 24 -5.00 -2.64 -7.52
C VAL A 24 -4.26 -2.78 -8.85
N SER A 25 -4.90 -2.33 -9.92
CA SER A 25 -4.29 -2.37 -11.24
C SER A 25 -2.99 -1.54 -11.23
N THR A 26 -2.10 -1.87 -12.17
CA THR A 26 -0.75 -1.28 -12.25
C THR A 26 0.19 -2.00 -11.29
N GLY A 27 -0.36 -3.00 -10.60
CA GLY A 27 0.45 -3.82 -9.72
C GLY A 27 0.86 -3.10 -8.46
N GLN A 28 -0.10 -2.42 -7.85
CA GLN A 28 0.17 -1.76 -6.59
C GLN A 28 -0.48 -2.50 -5.43
N THR A 29 0.19 -2.53 -4.29
CA THR A 29 -0.36 -3.10 -3.07
C THR A 29 -0.13 -2.15 -1.90
N TYR A 30 -1.16 -1.39 -1.53
CA TYR A 30 -1.03 -0.37 -0.50
C TYR A 30 -2.23 -0.43 0.44
N GLU A 31 -2.17 0.25 1.58
CA GLU A 31 -3.26 0.21 2.54
C GLU A 31 -4.50 0.91 1.98
N ARG A 32 -5.64 0.25 2.14
CA ARG A 32 -6.91 0.75 1.63
C ARG A 32 -7.17 2.19 2.09
N SER A 33 -6.86 2.48 3.35
CA SER A 33 -7.17 3.77 3.93
C SER A 33 -6.34 4.88 3.30
N SER A 34 -5.21 4.53 2.71
CA SER A 34 -4.34 5.52 2.08
C SER A 34 -4.61 5.61 0.58
N ILE A 35 -4.88 4.46 -0.06
CA ILE A 35 -5.08 4.42 -1.50
C ILE A 35 -6.52 4.74 -1.87
N GLN A 36 -7.47 4.08 -1.22
CA GLN A 36 -8.87 4.24 -1.59
C GLN A 36 -9.38 5.58 -1.15
N LYS A 37 -8.63 6.20 -0.26
CA LYS A 37 -8.89 7.56 0.17
C LYS A 37 -8.89 8.51 -1.02
N TRP A 38 -7.93 8.35 -1.92
CA TRP A 38 -7.84 9.21 -3.08
C TRP A 38 -8.46 8.55 -4.30
N LEU A 39 -8.40 7.22 -4.37
CA LEU A 39 -9.03 6.49 -5.48
C LEU A 39 -10.53 6.74 -5.49
N ASP A 40 -11.15 6.71 -4.33
CA ASP A 40 -12.59 6.96 -4.21
C ASP A 40 -12.92 8.40 -4.55
N ALA A 41 -11.92 9.28 -4.44
CA ALA A 41 -12.10 10.68 -4.81
C ALA A 41 -12.20 10.81 -6.33
N GLY A 42 -11.71 9.82 -7.05
CA GLY A 42 -11.84 9.82 -8.49
C GLY A 42 -10.55 10.08 -9.22
N HIS A 43 -9.43 9.66 -8.64
CA HIS A 43 -8.14 9.78 -9.30
C HIS A 43 -7.51 8.40 -9.45
N LYS A 44 -7.70 7.79 -10.61
CA LYS A 44 -7.20 6.44 -10.84
C LYS A 44 -5.74 6.47 -11.30
N THR A 45 -4.84 6.67 -10.35
CA THR A 45 -3.41 6.73 -10.63
C THR A 45 -2.63 6.10 -9.49
N CYS A 46 -1.48 5.48 -9.80
CA CYS A 46 -0.65 4.89 -8.76
C CYS A 46 0.28 5.93 -8.15
N PRO A 47 0.62 5.79 -6.87
CA PRO A 47 1.53 6.72 -6.18
C PRO A 47 2.97 6.55 -6.64
N LYS A 48 3.18 5.57 -7.52
CA LYS A 48 4.50 5.26 -8.03
C LYS A 48 4.91 6.23 -9.13
N SER A 49 4.13 6.27 -10.20
CA SER A 49 4.41 7.16 -11.32
C SER A 49 3.13 7.73 -11.92
N GLN A 50 2.02 7.56 -11.19
CA GLN A 50 0.70 8.04 -11.64
C GLN A 50 0.36 7.48 -13.01
N GLU A 51 0.63 6.19 -13.20
CA GLU A 51 0.51 5.52 -14.50
C GLU A 51 -0.94 5.25 -14.91
N THR A 52 -1.88 5.75 -14.11
CA THR A 52 -3.30 5.48 -14.33
C THR A 52 -3.63 4.01 -14.07
N LEU A 53 -4.42 3.76 -13.05
CA LEU A 53 -4.82 2.40 -12.72
C LEU A 53 -6.00 2.00 -13.60
N LEU A 54 -5.71 1.29 -14.67
CA LEU A 54 -6.73 0.87 -15.61
C LEU A 54 -7.82 0.07 -14.89
N HIS A 55 -9.05 0.61 -14.93
CA HIS A 55 -10.20 0.09 -14.18
C HIS A 55 -9.81 -0.26 -12.73
N ALA A 56 -10.13 0.65 -11.81
CA ALA A 56 -9.71 0.48 -10.43
C ALA A 56 -10.60 -0.53 -9.71
N GLY A 57 -10.15 -1.77 -9.71
CA GLY A 57 -10.83 -2.82 -8.99
C GLY A 57 -9.98 -3.33 -7.85
N LEU A 58 -10.37 -2.98 -6.64
CA LEU A 58 -9.60 -3.32 -5.45
C LEU A 58 -9.55 -4.84 -5.27
N THR A 59 -8.34 -5.34 -5.10
CA THR A 59 -8.10 -6.76 -4.96
C THR A 59 -7.12 -7.04 -3.83
N PRO A 60 -7.61 -7.31 -2.61
CA PRO A 60 -6.75 -7.54 -1.44
C PRO A 60 -5.75 -8.68 -1.66
N ASN A 61 -4.46 -8.35 -1.59
CA ASN A 61 -3.43 -9.37 -1.77
C ASN A 61 -2.89 -9.82 -0.42
N TYR A 62 -2.72 -11.12 -0.25
CA TYR A 62 -2.35 -11.68 1.05
C TYR A 62 -0.84 -11.77 1.27
N VAL A 63 -0.03 -11.53 0.22
CA VAL A 63 1.43 -11.65 0.36
C VAL A 63 1.98 -10.58 1.29
N LEU A 64 1.34 -9.43 1.27
CA LEU A 64 1.86 -8.27 1.93
C LEU A 64 1.50 -8.25 3.40
N LYS A 65 0.26 -8.62 3.71
CA LYS A 65 -0.27 -8.58 5.08
C LYS A 65 0.68 -9.28 6.06
N SER A 66 1.14 -10.48 5.71
CA SER A 66 1.95 -11.26 6.63
C SER A 66 3.34 -10.64 6.82
N LEU A 67 3.74 -9.77 5.90
CA LEU A 67 5.06 -9.15 5.96
C LEU A 67 4.99 -7.79 6.65
N ILE A 68 3.99 -7.01 6.28
CA ILE A 68 3.83 -5.67 6.84
C ILE A 68 3.36 -5.72 8.29
N ALA A 69 2.53 -6.71 8.60
CA ALA A 69 1.94 -6.83 9.93
C ALA A 69 2.99 -7.09 11.00
N LEU A 70 4.11 -7.70 10.61
CA LEU A 70 5.15 -8.01 11.57
C LEU A 70 6.09 -6.82 11.78
N TRP A 71 6.19 -5.96 10.77
CA TRP A 71 7.11 -4.84 10.86
C TRP A 71 6.57 -3.78 11.80
N CYS A 72 5.31 -3.38 11.59
CA CYS A 72 4.68 -2.40 12.47
C CYS A 72 4.57 -2.95 13.89
N GLU A 73 4.41 -4.26 13.99
CA GLU A 73 4.34 -4.93 15.29
C GLU A 73 5.66 -4.75 16.06
N SER A 74 6.73 -4.55 15.31
CA SER A 74 8.06 -4.47 15.89
C SER A 74 8.48 -3.01 16.15
N ASN A 75 7.56 -2.07 15.95
CA ASN A 75 7.91 -0.66 16.11
C ASN A 75 6.70 0.15 16.55
N GLY A 76 5.70 0.22 15.69
CA GLY A 76 4.56 1.05 15.94
C GLY A 76 4.14 1.77 14.68
N ILE A 77 5.06 2.59 14.15
CA ILE A 77 4.87 3.32 12.89
C ILE A 77 3.51 4.04 12.85
N GLU A 78 3.06 4.44 11.65
CA GLU A 78 1.71 5.00 11.44
C GLU A 78 1.51 6.28 12.25
N GLY A 1 22.95 -1.21 12.88
CA GLY A 1 21.92 -0.15 12.86
C GLY A 1 21.04 -0.23 11.63
N SER A 2 19.88 0.44 11.70
CA SER A 2 18.92 0.48 10.60
C SER A 2 18.24 -0.88 10.41
N PRO A 3 16.90 -0.88 10.28
CA PRO A 3 16.13 -2.11 10.12
C PRO A 3 16.43 -2.83 8.81
N GLU A 4 16.81 -2.07 7.78
CA GLU A 4 17.10 -2.60 6.45
C GLU A 4 15.84 -3.22 5.85
N PHE A 5 15.07 -2.42 5.15
CA PHE A 5 13.80 -2.87 4.61
C PHE A 5 13.65 -2.48 3.15
N PRO A 6 13.32 -3.45 2.29
CA PRO A 6 13.04 -3.21 0.88
C PRO A 6 11.59 -2.79 0.64
N GLU A 7 11.27 -2.47 -0.60
CA GLU A 7 9.90 -2.18 -0.99
C GLU A 7 9.10 -3.48 -0.88
N TYR A 8 8.21 -3.53 0.10
CA TYR A 8 7.62 -4.80 0.56
C TYR A 8 6.92 -4.57 1.89
N PHE A 9 7.23 -3.45 2.54
CA PHE A 9 6.65 -3.11 3.84
C PHE A 9 6.21 -1.65 3.87
N ARG A 10 7.17 -0.77 3.61
CA ARG A 10 6.99 0.67 3.78
C ARG A 10 6.12 1.26 2.68
N CYS A 11 4.89 1.64 3.04
CA CYS A 11 3.99 2.29 2.10
C CYS A 11 4.44 3.72 1.80
N PRO A 12 4.66 4.02 0.51
CA PRO A 12 5.13 5.33 0.04
C PRO A 12 4.08 6.43 0.15
N ILE A 13 2.99 6.13 0.83
CA ILE A 13 1.92 7.10 1.00
C ILE A 13 2.28 8.09 2.09
N SER A 14 2.49 7.60 3.31
CA SER A 14 2.78 8.47 4.44
C SER A 14 3.52 7.71 5.54
N LEU A 15 4.18 6.60 5.19
CA LEU A 15 4.88 5.76 6.16
C LEU A 15 3.90 5.29 7.24
N GLU A 16 2.73 4.83 6.81
CA GLU A 16 1.73 4.36 7.75
C GLU A 16 1.93 2.88 8.01
N LEU A 17 2.84 2.29 7.24
CA LEU A 17 3.12 0.85 7.26
C LEU A 17 1.82 0.08 7.34
N MET A 18 1.13 0.02 6.20
CA MET A 18 -0.17 -0.64 6.03
C MET A 18 -0.33 -1.92 6.87
N LYS A 19 -1.57 -2.18 7.30
CA LYS A 19 -1.87 -3.39 8.05
C LYS A 19 -2.42 -4.47 7.11
N ASP A 20 -3.54 -4.14 6.47
CA ASP A 20 -4.16 -5.04 5.51
C ASP A 20 -4.25 -4.31 4.18
N PRO A 21 -3.38 -4.66 3.24
CA PRO A 21 -3.19 -3.90 2.02
C PRO A 21 -4.12 -4.32 0.90
N VAL A 22 -4.61 -3.35 0.16
CA VAL A 22 -5.47 -3.61 -0.96
C VAL A 22 -4.71 -3.37 -2.26
N ILE A 23 -4.83 -4.32 -3.16
CA ILE A 23 -4.14 -4.27 -4.43
C ILE A 23 -5.10 -3.83 -5.51
N VAL A 24 -4.57 -3.15 -6.52
CA VAL A 24 -5.38 -2.72 -7.64
C VAL A 24 -4.55 -2.90 -8.92
N SER A 25 -5.13 -2.58 -10.07
CA SER A 25 -4.44 -2.75 -11.34
C SER A 25 -3.14 -1.94 -11.35
N THR A 26 -2.24 -2.31 -12.27
CA THR A 26 -0.85 -1.84 -12.27
C THR A 26 -0.04 -2.60 -11.22
N GLY A 27 -0.74 -3.21 -10.26
CA GLY A 27 -0.08 -4.01 -9.25
C GLY A 27 0.19 -3.22 -7.99
N GLN A 28 -0.63 -2.22 -7.76
CA GLN A 28 -0.45 -1.31 -6.64
C GLN A 28 -0.98 -1.92 -5.35
N THR A 29 -0.10 -2.11 -4.37
CA THR A 29 -0.51 -2.63 -3.08
C THR A 29 -0.08 -1.72 -1.95
N TYR A 30 -1.01 -0.90 -1.46
CA TYR A 30 -0.72 0.04 -0.37
C TYR A 30 -1.86 0.04 0.63
N GLU A 31 -1.74 0.82 1.69
CA GLU A 31 -2.77 0.88 2.74
C GLU A 31 -4.09 1.36 2.15
N ARG A 32 -5.17 0.69 2.54
CA ARG A 32 -6.49 0.89 1.98
C ARG A 32 -6.98 2.33 2.13
N SER A 33 -6.89 2.87 3.33
CA SER A 33 -7.32 4.22 3.59
C SER A 33 -6.38 5.23 2.94
N SER A 34 -5.24 4.75 2.46
CA SER A 34 -4.25 5.59 1.82
C SER A 34 -4.42 5.58 0.31
N ILE A 35 -5.11 4.56 -0.22
CA ILE A 35 -5.38 4.46 -1.65
C ILE A 35 -6.84 4.78 -1.96
N GLN A 36 -7.75 4.07 -1.31
CA GLN A 36 -9.16 4.15 -1.65
C GLN A 36 -9.74 5.51 -1.33
N LYS A 37 -9.06 6.28 -0.50
CA LYS A 37 -9.54 7.60 -0.15
C LYS A 37 -9.43 8.54 -1.35
N TRP A 38 -8.43 8.29 -2.21
CA TRP A 38 -8.27 9.11 -3.40
C TRP A 38 -8.90 8.43 -4.61
N LEU A 39 -8.88 7.08 -4.64
CA LEU A 39 -9.61 6.35 -5.67
C LEU A 39 -11.08 6.70 -5.60
N ASP A 40 -11.53 7.01 -4.38
CA ASP A 40 -12.90 7.42 -4.13
C ASP A 40 -13.23 8.70 -4.90
N ALA A 41 -12.27 9.61 -4.94
CA ALA A 41 -12.43 10.88 -5.64
C ALA A 41 -12.56 10.67 -7.15
N GLY A 42 -12.15 9.50 -7.61
CA GLY A 42 -12.24 9.18 -9.02
C GLY A 42 -10.94 9.41 -9.75
N HIS A 43 -9.83 9.11 -9.09
CA HIS A 43 -8.51 9.26 -9.71
C HIS A 43 -7.78 7.93 -9.78
N LYS A 44 -7.92 7.25 -10.90
CA LYS A 44 -7.35 5.93 -11.06
C LYS A 44 -5.93 6.00 -11.64
N THR A 45 -4.98 6.30 -10.76
CA THR A 45 -3.57 6.37 -11.12
C THR A 45 -2.72 5.91 -9.94
N CYS A 46 -1.51 5.43 -10.22
CA CYS A 46 -0.61 5.00 -9.15
C CYS A 46 0.08 6.21 -8.52
N PRO A 47 0.37 6.14 -7.21
CA PRO A 47 1.05 7.22 -6.50
C PRO A 47 2.55 7.21 -6.75
N LYS A 48 3.01 6.22 -7.50
CA LYS A 48 4.43 6.03 -7.76
C LYS A 48 4.89 6.95 -8.89
N SER A 49 4.40 6.69 -10.10
CA SER A 49 4.71 7.54 -11.23
C SER A 49 3.43 7.91 -11.98
N GLN A 50 2.29 7.65 -11.33
CA GLN A 50 0.99 8.06 -11.82
C GLN A 50 0.57 7.28 -13.06
N GLU A 51 0.95 6.01 -13.10
CA GLU A 51 0.46 5.12 -14.13
C GLU A 51 -1.04 4.96 -13.95
N THR A 52 -1.79 5.26 -14.99
CA THR A 52 -3.24 5.15 -14.93
C THR A 52 -3.65 3.70 -14.66
N LEU A 53 -4.37 3.49 -13.56
CA LEU A 53 -4.78 2.14 -13.17
C LEU A 53 -5.79 1.58 -14.18
N LEU A 54 -6.32 2.48 -15.01
CA LEU A 54 -7.29 2.15 -16.04
C LEU A 54 -8.60 1.68 -15.44
N HIS A 55 -8.69 0.39 -15.15
CA HIS A 55 -9.88 -0.19 -14.55
C HIS A 55 -9.70 -0.27 -13.03
N ALA A 56 -10.41 0.59 -12.33
CA ALA A 56 -10.29 0.64 -10.88
C ALA A 56 -11.11 -0.46 -10.23
N GLY A 57 -10.44 -1.58 -9.98
CA GLY A 57 -11.05 -2.68 -9.28
C GLY A 57 -10.17 -3.13 -8.14
N LEU A 58 -10.66 -2.98 -6.92
CA LEU A 58 -9.86 -3.24 -5.74
C LEU A 58 -9.85 -4.74 -5.42
N THR A 59 -8.72 -5.21 -4.93
CA THR A 59 -8.54 -6.61 -4.60
C THR A 59 -7.71 -6.77 -3.32
N PRO A 60 -8.08 -7.67 -2.41
CA PRO A 60 -7.31 -7.94 -1.18
C PRO A 60 -5.95 -8.60 -1.49
N ASN A 61 -4.88 -8.06 -0.89
CA ASN A 61 -3.54 -8.58 -1.13
C ASN A 61 -2.99 -9.29 0.10
N TYR A 62 -2.89 -10.61 0.02
CA TYR A 62 -2.41 -11.40 1.14
C TYR A 62 -0.89 -11.61 1.15
N VAL A 63 -0.19 -11.14 0.11
CA VAL A 63 1.25 -11.34 0.05
C VAL A 63 1.96 -10.35 0.96
N LEU A 64 1.40 -9.16 1.10
CA LEU A 64 2.05 -8.09 1.81
C LEU A 64 1.63 -8.04 3.27
N LYS A 65 0.36 -8.34 3.52
CA LYS A 65 -0.23 -8.26 4.85
C LYS A 65 0.59 -9.01 5.89
N SER A 66 0.95 -10.24 5.58
CA SER A 66 1.67 -11.09 6.52
C SER A 66 3.04 -10.50 6.88
N LEU A 67 3.55 -9.66 5.98
CA LEU A 67 4.87 -9.07 6.16
C LEU A 67 4.80 -7.70 6.80
N ILE A 68 3.90 -6.86 6.31
CA ILE A 68 3.72 -5.53 6.89
C ILE A 68 3.25 -5.63 8.33
N ALA A 69 2.47 -6.67 8.61
CA ALA A 69 1.91 -6.88 9.92
C ALA A 69 2.97 -7.23 10.95
N LEU A 70 4.10 -7.78 10.49
CA LEU A 70 5.19 -8.12 11.40
C LEU A 70 6.13 -6.94 11.56
N TRP A 71 6.17 -6.06 10.57
CA TRP A 71 7.06 -4.91 10.62
C TRP A 71 6.50 -3.86 11.55
N CYS A 72 5.22 -3.53 11.40
CA CYS A 72 4.58 -2.55 12.27
C CYS A 72 4.49 -3.10 13.70
N GLU A 73 4.76 -4.39 13.84
CA GLU A 73 4.82 -5.03 15.15
C GLU A 73 6.18 -4.79 15.79
N SER A 74 7.21 -4.72 14.94
CA SER A 74 8.57 -4.46 15.41
C SER A 74 8.66 -3.04 15.97
N ASN A 75 7.91 -2.15 15.35
CA ASN A 75 7.86 -0.76 15.73
C ASN A 75 6.49 -0.19 15.44
N GLY A 76 5.78 0.25 16.48
CA GLY A 76 4.46 0.86 16.31
C GLY A 76 4.47 1.95 15.27
N ILE A 77 3.85 1.68 14.13
CA ILE A 77 3.89 2.61 13.01
C ILE A 77 2.57 2.61 12.24
N GLU A 78 1.97 3.80 12.18
CA GLU A 78 0.72 4.03 11.46
C GLU A 78 0.27 5.48 11.68
N GLY A 1 19.36 1.93 12.40
CA GLY A 1 18.71 1.05 11.41
C GLY A 1 18.18 1.83 10.22
N SER A 2 18.63 1.46 9.03
CA SER A 2 18.17 2.12 7.81
C SER A 2 17.15 1.23 7.10
N PRO A 3 15.88 1.66 7.05
CA PRO A 3 14.82 0.89 6.42
C PRO A 3 14.93 0.88 4.88
N GLU A 4 15.19 -0.31 4.34
CA GLU A 4 15.19 -0.49 2.90
C GLU A 4 13.81 -0.21 2.33
N PHE A 5 13.76 0.47 1.19
CA PHE A 5 12.47 0.85 0.62
C PHE A 5 12.28 0.29 -0.79
N PRO A 6 11.90 -0.99 -0.90
CA PRO A 6 11.49 -1.61 -2.14
C PRO A 6 9.97 -1.83 -2.16
N GLU A 7 9.23 -0.85 -1.65
CA GLU A 7 7.79 -1.00 -1.38
C GLU A 7 7.62 -2.11 -0.33
N TYR A 8 6.62 -2.97 -0.48
CA TYR A 8 6.43 -4.14 0.39
C TYR A 8 5.99 -3.73 1.80
N PHE A 9 6.92 -3.17 2.58
CA PHE A 9 6.64 -2.86 3.99
C PHE A 9 6.28 -1.38 4.18
N ARG A 10 7.31 -0.54 4.11
CA ARG A 10 7.18 0.88 4.44
C ARG A 10 6.20 1.56 3.50
N CYS A 11 5.11 2.09 4.06
CA CYS A 11 4.14 2.83 3.27
C CYS A 11 4.78 4.08 2.69
N PRO A 12 4.78 4.22 1.36
CA PRO A 12 5.36 5.39 0.68
C PRO A 12 4.55 6.66 0.94
N ILE A 13 3.37 6.49 1.49
CA ILE A 13 2.44 7.58 1.65
C ILE A 13 2.51 8.20 3.05
N SER A 14 2.15 7.45 4.08
CA SER A 14 2.06 8.01 5.42
C SER A 14 2.87 7.23 6.47
N LEU A 15 3.60 6.20 6.04
CA LEU A 15 4.42 5.38 6.94
C LEU A 15 3.57 4.77 8.06
N GLU A 16 2.30 4.51 7.79
CA GLU A 16 1.45 3.86 8.77
C GLU A 16 1.87 2.41 8.90
N LEU A 17 2.62 1.95 7.90
CA LEU A 17 3.00 0.56 7.76
C LEU A 17 1.75 -0.31 7.90
N MET A 18 0.91 -0.21 6.88
CA MET A 18 -0.35 -0.94 6.74
C MET A 18 -0.33 -2.31 7.42
N LYS A 19 -1.46 -2.68 8.01
CA LYS A 19 -1.61 -3.98 8.65
C LYS A 19 -2.55 -4.83 7.82
N ASP A 20 -3.46 -4.16 7.13
CA ASP A 20 -4.40 -4.81 6.24
C ASP A 20 -4.43 -3.99 4.94
N PRO A 21 -3.78 -4.48 3.89
CA PRO A 21 -3.66 -3.76 2.63
C PRO A 21 -4.67 -4.21 1.58
N VAL A 22 -4.83 -3.40 0.54
CA VAL A 22 -5.69 -3.74 -0.58
C VAL A 22 -4.97 -3.47 -1.90
N ILE A 23 -5.10 -4.40 -2.80
CA ILE A 23 -4.42 -4.35 -4.09
C ILE A 23 -5.36 -3.82 -5.18
N VAL A 24 -4.79 -3.20 -6.19
CA VAL A 24 -5.54 -2.88 -7.41
C VAL A 24 -4.68 -3.23 -8.61
N SER A 25 -5.20 -2.98 -9.80
CA SER A 25 -4.44 -3.26 -11.01
C SER A 25 -3.15 -2.44 -11.02
N THR A 26 -2.15 -2.92 -11.77
CA THR A 26 -0.78 -2.41 -11.73
C THR A 26 0.03 -3.19 -10.68
N GLY A 27 -0.65 -3.65 -9.65
CA GLY A 27 -0.01 -4.46 -8.63
C GLY A 27 0.45 -3.65 -7.44
N GLN A 28 -0.18 -2.50 -7.23
CA GLN A 28 0.15 -1.70 -6.06
C GLN A 28 -0.53 -2.29 -4.83
N THR A 29 0.09 -2.10 -3.68
CA THR A 29 -0.48 -2.57 -2.44
C THR A 29 -0.18 -1.61 -1.29
N TYR A 30 -1.15 -0.77 -0.93
CA TYR A 30 -0.98 0.16 0.16
C TYR A 30 -2.16 0.06 1.14
N GLU A 31 -2.11 0.83 2.21
CA GLU A 31 -3.17 0.82 3.21
C GLU A 31 -4.45 1.37 2.61
N ARG A 32 -5.58 0.75 2.94
CA ARG A 32 -6.87 1.03 2.30
C ARG A 32 -7.24 2.52 2.34
N SER A 33 -7.01 3.15 3.48
CA SER A 33 -7.36 4.56 3.64
C SER A 33 -6.36 5.45 2.94
N SER A 34 -5.21 4.88 2.62
CA SER A 34 -4.14 5.62 1.98
C SER A 34 -4.20 5.44 0.47
N ILE A 35 -4.80 4.36 0.02
CA ILE A 35 -5.02 4.14 -1.42
C ILE A 35 -6.41 4.61 -1.84
N GLN A 36 -7.43 4.08 -1.18
CA GLN A 36 -8.80 4.30 -1.60
C GLN A 36 -9.23 5.75 -1.42
N LYS A 37 -8.54 6.50 -0.58
CA LYS A 37 -8.91 7.88 -0.36
C LYS A 37 -8.61 8.72 -1.61
N TRP A 38 -7.64 8.28 -2.41
CA TRP A 38 -7.29 9.00 -3.62
C TRP A 38 -7.97 8.37 -4.83
N LEU A 39 -8.17 7.03 -4.80
CA LEU A 39 -8.94 6.39 -5.85
C LEU A 39 -10.39 6.86 -5.78
N ASP A 40 -10.82 7.13 -4.55
CA ASP A 40 -12.14 7.73 -4.28
C ASP A 40 -12.29 9.06 -5.00
N ALA A 41 -11.18 9.80 -5.10
CA ALA A 41 -11.17 11.10 -5.74
C ALA A 41 -11.34 10.99 -7.26
N GLY A 42 -11.28 9.76 -7.76
CA GLY A 42 -11.48 9.54 -9.19
C GLY A 42 -10.17 9.49 -9.95
N HIS A 43 -9.13 8.99 -9.32
CA HIS A 43 -7.84 8.84 -9.97
C HIS A 43 -7.57 7.37 -10.25
N LYS A 44 -6.57 7.10 -11.07
CA LYS A 44 -6.19 5.74 -11.40
C LYS A 44 -4.72 5.67 -11.80
N THR A 45 -3.88 6.06 -10.87
CA THR A 45 -2.43 6.04 -11.04
C THR A 45 -1.74 5.70 -9.72
N CYS A 46 -0.56 5.08 -9.78
CA CYS A 46 0.19 4.78 -8.57
C CYS A 46 0.96 6.02 -8.11
N PRO A 47 1.23 6.15 -6.81
CA PRO A 47 1.91 7.31 -6.25
C PRO A 47 3.40 7.29 -6.56
N LYS A 48 3.84 6.20 -7.17
CA LYS A 48 5.25 5.99 -7.47
C LYS A 48 5.64 6.71 -8.76
N SER A 49 5.12 6.23 -9.87
CA SER A 49 5.48 6.78 -11.17
C SER A 49 4.24 7.15 -11.98
N GLN A 50 3.08 7.14 -11.33
CA GLN A 50 1.80 7.38 -12.01
C GLN A 50 1.66 6.42 -13.19
N GLU A 51 1.98 5.16 -12.93
CA GLU A 51 2.07 4.12 -13.96
C GLU A 51 0.70 3.72 -14.50
N THR A 52 -0.33 4.48 -14.12
CA THR A 52 -1.71 4.25 -14.54
C THR A 52 -2.23 2.90 -14.06
N LEU A 53 -3.23 2.94 -13.20
CA LEU A 53 -3.78 1.72 -12.63
C LEU A 53 -4.81 1.12 -13.58
N LEU A 54 -5.05 1.83 -14.69
CA LEU A 54 -6.00 1.41 -15.72
C LEU A 54 -7.41 1.26 -15.15
N HIS A 55 -7.75 0.05 -14.73
CA HIS A 55 -9.07 -0.22 -14.21
C HIS A 55 -9.00 -0.28 -12.69
N ALA A 56 -9.58 0.70 -12.02
CA ALA A 56 -9.53 0.76 -10.58
C ALA A 56 -10.56 -0.19 -9.95
N GLY A 57 -10.09 -1.39 -9.66
CA GLY A 57 -10.90 -2.38 -8.99
C GLY A 57 -10.17 -2.93 -7.80
N LEU A 58 -10.68 -2.65 -6.61
CA LEU A 58 -9.97 -2.99 -5.39
C LEU A 58 -10.03 -4.50 -5.15
N THR A 59 -8.85 -5.09 -5.06
CA THR A 59 -8.71 -6.53 -4.88
C THR A 59 -8.01 -6.82 -3.56
N PRO A 60 -8.67 -7.56 -2.65
CA PRO A 60 -8.09 -7.92 -1.37
C PRO A 60 -6.94 -8.90 -1.52
N ASN A 61 -5.77 -8.53 -1.01
CA ASN A 61 -4.57 -9.33 -1.18
C ASN A 61 -4.08 -9.92 0.15
N TYR A 62 -3.63 -11.15 0.11
CA TYR A 62 -3.09 -11.81 1.29
C TYR A 62 -1.59 -11.59 1.41
N VAL A 63 -0.92 -11.49 0.25
CA VAL A 63 0.56 -11.47 0.17
C VAL A 63 1.22 -10.51 1.16
N LEU A 64 0.74 -9.28 1.22
CA LEU A 64 1.48 -8.24 1.90
C LEU A 64 1.17 -8.20 3.39
N LYS A 65 -0.07 -8.52 3.78
CA LYS A 65 -0.47 -8.40 5.17
C LYS A 65 0.34 -9.33 6.07
N SER A 66 0.75 -10.46 5.53
CA SER A 66 1.57 -11.39 6.30
C SER A 66 2.95 -10.77 6.59
N LEU A 67 3.37 -9.86 5.72
CA LEU A 67 4.69 -9.25 5.84
C LEU A 67 4.62 -7.92 6.59
N ILE A 68 3.68 -7.05 6.19
CA ILE A 68 3.55 -5.74 6.81
C ILE A 68 3.14 -5.85 8.28
N ALA A 69 2.31 -6.84 8.59
CA ALA A 69 1.88 -7.09 9.95
C ALA A 69 3.03 -7.65 10.78
N LEU A 70 4.09 -8.05 10.09
CA LEU A 70 5.30 -8.53 10.74
C LEU A 70 6.19 -7.36 11.13
N TRP A 71 6.20 -6.33 10.30
CA TRP A 71 7.07 -5.18 10.53
C TRP A 71 6.52 -4.30 11.66
N CYS A 72 5.23 -3.96 11.57
CA CYS A 72 4.59 -3.12 12.57
C CYS A 72 4.42 -3.88 13.88
N GLU A 73 4.60 -5.20 13.84
CA GLU A 73 4.54 -6.01 15.04
C GLU A 73 5.88 -5.98 15.75
N SER A 74 6.95 -5.81 14.98
CA SER A 74 8.28 -5.69 15.54
C SER A 74 8.42 -4.34 16.22
N ASN A 75 8.08 -3.29 15.48
CA ASN A 75 8.05 -1.94 16.02
C ASN A 75 6.68 -1.33 15.79
N GLY A 76 6.00 -0.98 16.87
CA GLY A 76 4.66 -0.42 16.78
C GLY A 76 4.62 0.84 15.94
N ILE A 77 4.19 0.70 14.70
CA ILE A 77 4.14 1.80 13.77
C ILE A 77 2.75 1.91 13.15
N GLU A 78 2.25 3.14 13.07
CA GLU A 78 0.93 3.41 12.51
C GLU A 78 0.68 4.92 12.54
N GLY A 1 15.74 -8.33 5.23
CA GLY A 1 14.49 -7.53 5.13
C GLY A 1 14.79 -6.10 4.75
N SER A 2 13.87 -5.48 4.01
CA SER A 2 14.05 -4.10 3.58
C SER A 2 13.40 -3.16 4.60
N PRO A 3 14.22 -2.46 5.40
CA PRO A 3 13.73 -1.63 6.50
C PRO A 3 13.21 -0.26 6.07
N GLU A 4 13.61 0.20 4.89
CA GLU A 4 13.30 1.55 4.47
C GLU A 4 11.94 1.65 3.77
N PHE A 5 11.93 1.64 2.44
CA PHE A 5 10.68 1.84 1.70
C PHE A 5 10.50 0.81 0.58
N PRO A 6 10.15 -0.43 0.94
CA PRO A 6 9.70 -1.43 -0.03
C PRO A 6 8.17 -1.50 -0.09
N GLU A 7 7.63 -1.92 -1.23
CA GLU A 7 6.18 -1.99 -1.38
C GLU A 7 5.59 -3.20 -0.64
N TYR A 8 6.40 -3.86 0.18
CA TYR A 8 5.90 -4.95 1.00
C TYR A 8 6.06 -4.64 2.48
N PHE A 9 6.32 -3.37 2.80
CA PHE A 9 6.46 -2.95 4.19
C PHE A 9 5.83 -1.58 4.45
N ARG A 10 6.61 -0.52 4.24
CA ARG A 10 6.20 0.81 4.66
C ARG A 10 5.40 1.51 3.58
N CYS A 11 4.19 1.91 3.94
CA CYS A 11 3.34 2.70 3.06
C CYS A 11 3.98 4.06 2.83
N PRO A 12 4.38 4.33 1.59
CA PRO A 12 5.10 5.56 1.23
C PRO A 12 4.18 6.78 1.21
N ILE A 13 2.94 6.59 1.60
CA ILE A 13 1.95 7.65 1.56
C ILE A 13 1.81 8.33 2.93
N SER A 14 1.32 7.59 3.91
CA SER A 14 1.01 8.17 5.22
C SER A 14 2.06 7.77 6.26
N LEU A 15 3.09 7.07 5.81
CA LEU A 15 4.12 6.51 6.71
C LEU A 15 3.46 5.69 7.81
N GLU A 16 2.67 4.73 7.40
CA GLU A 16 2.24 3.67 8.28
C GLU A 16 2.70 2.38 7.65
N LEU A 17 2.90 1.36 8.47
CA LEU A 17 3.48 0.13 7.99
C LEU A 17 2.39 -0.79 7.47
N MET A 18 1.26 -0.19 7.10
CA MET A 18 0.10 -0.92 6.61
C MET A 18 -0.38 -1.97 7.61
N LYS A 19 -1.48 -2.61 7.26
CA LYS A 19 -2.11 -3.61 8.12
C LYS A 19 -2.81 -4.64 7.24
N ASP A 20 -3.57 -4.12 6.30
CA ASP A 20 -4.26 -4.90 5.29
C ASP A 20 -4.01 -4.20 3.97
N PRO A 21 -3.11 -4.74 3.17
CA PRO A 21 -2.66 -4.10 1.95
C PRO A 21 -3.44 -4.56 0.72
N VAL A 22 -3.94 -3.59 -0.03
CA VAL A 22 -4.69 -3.89 -1.23
C VAL A 22 -3.88 -3.63 -2.47
N ILE A 23 -3.84 -4.62 -3.33
CA ILE A 23 -3.12 -4.53 -4.58
C ILE A 23 -4.06 -4.02 -5.65
N VAL A 24 -3.52 -3.29 -6.60
CA VAL A 24 -4.29 -2.76 -7.70
C VAL A 24 -3.51 -2.99 -8.98
N SER A 25 -4.07 -2.60 -10.12
CA SER A 25 -3.35 -2.70 -11.37
C SER A 25 -2.06 -1.88 -11.31
N THR A 26 -1.07 -2.27 -12.11
CA THR A 26 0.28 -1.69 -12.07
C THR A 26 1.13 -2.41 -11.01
N GLY A 27 0.46 -3.10 -10.08
CA GLY A 27 1.16 -3.89 -9.08
C GLY A 27 1.30 -3.15 -7.77
N GLN A 28 0.47 -2.15 -7.60
CA GLN A 28 0.48 -1.31 -6.41
C GLN A 28 -0.16 -2.00 -5.22
N THR A 29 0.51 -1.99 -4.07
CA THR A 29 -0.10 -2.54 -2.85
C THR A 29 0.12 -1.60 -1.67
N TYR A 30 -0.92 -0.86 -1.30
CA TYR A 30 -0.86 0.06 -0.16
C TYR A 30 -2.09 -0.14 0.71
N GLU A 31 -2.15 0.58 1.83
CA GLU A 31 -3.27 0.43 2.76
C GLU A 31 -4.47 1.25 2.28
N ARG A 32 -5.66 0.65 2.37
CA ARG A 32 -6.89 1.23 1.84
C ARG A 32 -7.12 2.65 2.31
N SER A 33 -6.95 2.91 3.59
CA SER A 33 -7.27 4.20 4.15
C SER A 33 -6.35 5.28 3.59
N SER A 34 -5.22 4.86 3.02
CA SER A 34 -4.31 5.77 2.36
C SER A 34 -4.59 5.81 0.86
N ILE A 35 -4.67 4.63 0.24
CA ILE A 35 -4.79 4.53 -1.21
C ILE A 35 -6.24 4.71 -1.70
N GLN A 36 -7.17 4.04 -1.05
CA GLN A 36 -8.55 4.04 -1.51
C GLN A 36 -9.23 5.33 -1.17
N LYS A 37 -8.60 6.07 -0.30
CA LYS A 37 -9.03 7.41 0.02
C LYS A 37 -9.04 8.27 -1.23
N TRP A 38 -7.99 8.15 -2.04
CA TRP A 38 -7.88 8.96 -3.24
C TRP A 38 -8.31 8.17 -4.48
N LEU A 39 -8.08 6.86 -4.51
CA LEU A 39 -8.56 6.03 -5.62
C LEU A 39 -10.08 6.13 -5.74
N ASP A 40 -10.75 6.14 -4.60
CA ASP A 40 -12.21 6.24 -4.57
C ASP A 40 -12.66 7.62 -5.05
N ALA A 41 -11.77 8.59 -4.94
CA ALA A 41 -12.04 9.95 -5.40
C ALA A 41 -11.98 10.06 -6.92
N GLY A 42 -11.54 8.98 -7.57
CA GLY A 42 -11.56 8.93 -9.02
C GLY A 42 -10.19 9.16 -9.64
N HIS A 43 -9.16 9.24 -8.80
CA HIS A 43 -7.81 9.47 -9.29
C HIS A 43 -7.04 8.16 -9.36
N LYS A 44 -7.10 7.52 -10.51
CA LYS A 44 -6.51 6.20 -10.69
C LYS A 44 -5.09 6.28 -11.24
N THR A 45 -4.16 6.63 -10.36
CA THR A 45 -2.74 6.70 -10.70
C THR A 45 -1.90 6.28 -9.50
N CYS A 46 -0.79 5.58 -9.74
CA CYS A 46 0.14 5.23 -8.67
C CYS A 46 0.82 6.48 -8.12
N PRO A 47 1.10 6.52 -6.80
CA PRO A 47 1.72 7.67 -6.16
C PRO A 47 3.23 7.73 -6.39
N LYS A 48 3.72 6.75 -7.15
CA LYS A 48 5.15 6.58 -7.35
C LYS A 48 5.63 7.43 -8.53
N SER A 49 5.08 7.17 -9.70
CA SER A 49 5.43 7.93 -10.90
C SER A 49 4.17 8.33 -11.63
N GLN A 50 3.04 8.19 -10.93
CA GLN A 50 1.72 8.50 -11.48
C GLN A 50 1.38 7.54 -12.61
N GLU A 51 1.90 6.33 -12.50
CA GLU A 51 1.54 5.25 -13.40
C GLU A 51 0.04 5.07 -13.34
N THR A 52 -0.64 5.43 -14.41
CA THR A 52 -2.08 5.40 -14.44
C THR A 52 -2.61 3.99 -14.24
N LEU A 53 -3.29 3.76 -13.12
CA LEU A 53 -3.88 2.48 -12.86
C LEU A 53 -5.13 2.36 -13.74
N LEU A 54 -4.93 1.84 -14.96
CA LEU A 54 -5.98 1.83 -15.99
C LEU A 54 -7.32 1.39 -15.44
N HIS A 55 -7.38 0.13 -15.02
CA HIS A 55 -8.60 -0.39 -14.43
C HIS A 55 -8.39 -0.59 -12.94
N ALA A 56 -9.07 0.21 -12.14
CA ALA A 56 -8.93 0.13 -10.70
C ALA A 56 -9.73 -1.04 -10.15
N GLY A 57 -9.07 -2.17 -10.04
CA GLY A 57 -9.68 -3.35 -9.47
C GLY A 57 -8.99 -3.74 -8.19
N LEU A 58 -9.49 -3.21 -7.08
CA LEU A 58 -8.83 -3.38 -5.80
C LEU A 58 -8.84 -4.85 -5.41
N THR A 59 -7.66 -5.40 -5.23
CA THR A 59 -7.50 -6.82 -4.98
C THR A 59 -6.70 -7.06 -3.69
N PRO A 60 -7.20 -7.91 -2.78
CA PRO A 60 -6.50 -8.23 -1.53
C PRO A 60 -5.14 -8.89 -1.78
N ASN A 61 -4.06 -8.24 -1.32
CA ASN A 61 -2.72 -8.79 -1.46
C ASN A 61 -2.32 -9.50 -0.17
N TYR A 62 -2.15 -10.80 -0.23
CA TYR A 62 -1.87 -11.59 0.97
C TYR A 62 -0.37 -11.71 1.25
N VAL A 63 0.49 -11.22 0.36
CA VAL A 63 1.92 -11.45 0.51
C VAL A 63 2.52 -10.67 1.68
N LEU A 64 2.24 -9.38 1.77
CA LEU A 64 2.94 -8.51 2.71
C LEU A 64 2.18 -8.30 4.03
N LYS A 65 0.94 -8.77 4.13
CA LYS A 65 0.16 -8.60 5.36
C LYS A 65 0.93 -9.20 6.54
N SER A 66 1.58 -10.33 6.31
CA SER A 66 2.36 -10.97 7.36
C SER A 66 3.66 -10.20 7.61
N LEU A 67 4.16 -9.56 6.54
CA LEU A 67 5.38 -8.75 6.62
C LEU A 67 5.11 -7.47 7.39
N ILE A 68 4.14 -6.69 6.92
CA ILE A 68 3.77 -5.44 7.56
C ILE A 68 3.31 -5.70 8.99
N ALA A 69 2.80 -6.90 9.21
CA ALA A 69 2.32 -7.31 10.51
C ALA A 69 3.47 -7.35 11.53
N LEU A 70 4.68 -7.64 11.05
CA LEU A 70 5.83 -7.79 11.94
C LEU A 70 6.50 -6.45 12.21
N TRP A 71 6.47 -5.54 11.26
CA TRP A 71 7.21 -4.28 11.41
C TRP A 71 6.41 -3.28 12.24
N CYS A 72 5.10 -3.17 11.95
CA CYS A 72 4.23 -2.30 12.73
C CYS A 72 4.06 -2.86 14.15
N GLU A 73 4.45 -4.12 14.30
CA GLU A 73 4.51 -4.76 15.61
C GLU A 73 5.78 -4.31 16.35
N SER A 74 6.88 -4.30 15.62
CA SER A 74 8.18 -3.98 16.18
C SER A 74 8.24 -2.53 16.64
N ASN A 75 7.64 -1.65 15.86
CA ASN A 75 7.64 -0.23 16.18
C ASN A 75 6.24 0.34 16.02
N GLY A 76 5.84 1.20 16.95
CA GLY A 76 4.55 1.85 16.86
C GLY A 76 4.52 2.86 15.75
N ILE A 77 4.20 2.39 14.55
CA ILE A 77 4.25 3.22 13.36
C ILE A 77 2.90 3.87 13.07
N GLU A 78 1.84 3.29 13.62
CA GLU A 78 0.51 3.85 13.47
C GLU A 78 -0.14 3.98 14.84
N GLY A 1 17.28 6.53 8.48
CA GLY A 1 16.58 5.42 9.18
C GLY A 1 17.45 4.18 9.29
N SER A 2 17.57 3.63 10.49
CA SER A 2 18.37 2.44 10.69
C SER A 2 17.74 1.20 10.02
N PRO A 3 16.45 0.89 10.31
CA PRO A 3 15.78 -0.27 9.68
C PRO A 3 15.60 -0.09 8.17
N GLU A 4 16.12 -1.06 7.42
CA GLU A 4 16.10 -1.04 5.97
C GLU A 4 14.70 -0.80 5.41
N PHE A 5 14.63 -0.37 4.15
CA PHE A 5 13.36 -0.09 3.51
C PHE A 5 13.07 -1.09 2.38
N PRO A 6 12.40 -2.21 2.72
CA PRO A 6 11.92 -3.16 1.74
C PRO A 6 10.52 -2.83 1.26
N GLU A 7 10.23 -3.15 0.01
CA GLU A 7 8.94 -2.81 -0.59
C GLU A 7 7.81 -3.64 0.01
N TYR A 8 8.15 -4.81 0.55
CA TYR A 8 7.13 -5.72 1.05
C TYR A 8 6.83 -5.45 2.52
N PHE A 9 7.20 -4.26 3.01
CA PHE A 9 6.91 -3.87 4.38
C PHE A 9 6.27 -2.49 4.46
N ARG A 10 7.10 -1.46 4.39
CA ARG A 10 6.61 -0.11 4.56
C ARG A 10 5.75 0.33 3.38
N CYS A 11 4.66 1.01 3.70
CA CYS A 11 3.81 1.56 2.69
C CYS A 11 4.45 2.83 2.14
N PRO A 12 4.79 2.82 0.84
CA PRO A 12 5.45 3.95 0.15
C PRO A 12 4.58 5.20 0.06
N ILE A 13 3.50 5.25 0.81
CA ILE A 13 2.63 6.41 0.80
C ILE A 13 3.10 7.44 1.85
N SER A 14 3.17 7.02 3.13
CA SER A 14 3.52 7.96 4.19
C SER A 14 4.12 7.28 5.43
N LEU A 15 4.77 6.12 5.26
CA LEU A 15 5.41 5.44 6.38
C LEU A 15 4.35 5.00 7.40
N GLU A 16 3.21 4.62 6.89
CA GLU A 16 2.11 4.20 7.74
C GLU A 16 2.06 2.69 7.81
N LEU A 17 2.92 2.09 7.00
CA LEU A 17 3.05 0.63 6.87
C LEU A 17 1.70 -0.08 6.93
N MET A 18 1.13 -0.26 5.75
CA MET A 18 -0.11 -1.01 5.56
C MET A 18 -0.15 -2.27 6.43
N LYS A 19 -1.30 -2.51 7.02
CA LYS A 19 -1.50 -3.70 7.84
C LYS A 19 -2.35 -4.69 7.06
N ASP A 20 -3.34 -4.15 6.38
CA ASP A 20 -4.14 -4.88 5.42
C ASP A 20 -4.08 -4.14 4.11
N PRO A 21 -3.27 -4.61 3.16
CA PRO A 21 -2.98 -3.89 1.94
C PRO A 21 -3.92 -4.24 0.81
N VAL A 22 -4.18 -3.27 -0.04
CA VAL A 22 -5.04 -3.50 -1.17
C VAL A 22 -4.25 -3.40 -2.48
N ILE A 23 -4.43 -4.41 -3.31
CA ILE A 23 -3.84 -4.44 -4.62
C ILE A 23 -4.85 -3.86 -5.60
N VAL A 24 -4.35 -3.10 -6.56
CA VAL A 24 -5.21 -2.49 -7.55
C VAL A 24 -4.64 -2.77 -8.93
N SER A 25 -5.48 -2.67 -9.95
CA SER A 25 -5.04 -2.91 -11.32
C SER A 25 -3.93 -1.94 -11.69
N THR A 26 -2.85 -2.51 -12.23
CA THR A 26 -1.55 -1.85 -12.47
C THR A 26 -0.46 -2.68 -11.81
N GLY A 27 -0.82 -3.26 -10.67
CA GLY A 27 0.14 -3.98 -9.87
C GLY A 27 0.54 -3.16 -8.66
N GLN A 28 -0.43 -2.45 -8.12
CA GLN A 28 -0.23 -1.63 -6.95
C GLN A 28 -0.68 -2.36 -5.69
N THR A 29 0.03 -2.20 -4.58
CA THR A 29 -0.46 -2.65 -3.29
C THR A 29 -0.04 -1.67 -2.19
N TYR A 30 -1.02 -0.93 -1.66
CA TYR A 30 -0.75 0.06 -0.61
C TYR A 30 -1.75 -0.08 0.53
N GLU A 31 -1.56 0.75 1.55
CA GLU A 31 -2.52 0.89 2.64
C GLU A 31 -3.80 1.51 2.11
N ARG A 32 -4.93 0.90 2.44
CA ARG A 32 -6.23 1.35 1.98
C ARG A 32 -6.54 2.76 2.44
N SER A 33 -6.15 3.07 3.66
CA SER A 33 -6.42 4.37 4.24
C SER A 33 -5.64 5.45 3.50
N SER A 34 -4.63 5.02 2.75
CA SER A 34 -3.80 5.91 1.98
C SER A 34 -4.29 5.99 0.53
N ILE A 35 -4.53 4.83 -0.07
CA ILE A 35 -4.91 4.75 -1.47
C ILE A 35 -6.38 5.07 -1.70
N GLN A 36 -7.26 4.44 -0.93
CA GLN A 36 -8.69 4.57 -1.16
C GLN A 36 -9.10 6.00 -0.91
N LYS A 37 -8.35 6.63 -0.02
CA LYS A 37 -8.52 8.02 0.31
C LYS A 37 -8.53 8.90 -0.94
N TRP A 38 -7.58 8.68 -1.84
CA TRP A 38 -7.50 9.52 -3.03
C TRP A 38 -8.15 8.85 -4.24
N LEU A 39 -8.22 7.52 -4.25
CA LEU A 39 -8.94 6.81 -5.31
C LEU A 39 -10.44 7.08 -5.25
N ASP A 40 -10.98 7.09 -4.04
CA ASP A 40 -12.41 7.35 -3.86
C ASP A 40 -12.76 8.76 -4.32
N ALA A 41 -11.74 9.64 -4.29
CA ALA A 41 -11.88 11.01 -4.76
C ALA A 41 -12.15 11.07 -6.26
N GLY A 42 -11.85 9.97 -6.96
CA GLY A 42 -12.11 9.91 -8.38
C GLY A 42 -10.83 9.88 -9.20
N HIS A 43 -9.73 9.52 -8.57
CA HIS A 43 -8.45 9.43 -9.26
C HIS A 43 -8.23 8.01 -9.76
N LYS A 44 -7.21 7.83 -10.60
CA LYS A 44 -6.95 6.53 -11.19
C LYS A 44 -5.48 6.38 -11.60
N THR A 45 -4.57 6.73 -10.70
CA THR A 45 -3.14 6.60 -10.99
C THR A 45 -2.35 6.18 -9.74
N CYS A 46 -1.29 5.40 -9.95
CA CYS A 46 -0.40 5.00 -8.86
C CYS A 46 0.76 5.98 -8.73
N PRO A 47 1.27 6.15 -7.50
CA PRO A 47 2.40 7.05 -7.22
C PRO A 47 3.73 6.50 -7.72
N LYS A 48 3.73 5.21 -8.07
CA LYS A 48 4.95 4.51 -8.46
C LYS A 48 5.56 5.13 -9.72
N SER A 49 4.87 4.99 -10.83
CA SER A 49 5.33 5.54 -12.09
C SER A 49 4.15 6.07 -12.91
N GLN A 50 3.03 6.31 -12.22
CA GLN A 50 1.82 6.84 -12.84
C GLN A 50 1.34 5.94 -13.97
N GLU A 51 1.42 4.63 -13.74
CA GLU A 51 1.02 3.64 -14.74
C GLU A 51 -0.47 3.70 -15.05
N THR A 52 -1.20 4.50 -14.27
CA THR A 52 -2.64 4.67 -14.45
C THR A 52 -3.39 3.39 -14.08
N LEU A 53 -4.15 3.45 -13.01
CA LEU A 53 -4.88 2.29 -12.56
C LEU A 53 -6.14 2.12 -13.39
N LEU A 54 -5.97 1.53 -14.56
CA LEU A 54 -7.08 1.30 -15.49
C LEU A 54 -8.17 0.49 -14.79
N HIS A 55 -9.40 1.01 -14.84
CA HIS A 55 -10.54 0.50 -14.07
C HIS A 55 -10.10 0.07 -12.66
N ALA A 56 -10.09 1.03 -11.75
CA ALA A 56 -9.49 0.83 -10.45
C ALA A 56 -10.37 0.00 -9.54
N GLY A 57 -10.06 -1.28 -9.45
CA GLY A 57 -10.76 -2.17 -8.57
C GLY A 57 -9.89 -2.54 -7.38
N LEU A 58 -10.42 -2.35 -6.19
CA LEU A 58 -9.67 -2.62 -4.97
C LEU A 58 -9.76 -4.10 -4.58
N THR A 59 -8.62 -4.76 -4.61
CA THR A 59 -8.53 -6.18 -4.30
C THR A 59 -7.53 -6.42 -3.18
N PRO A 60 -7.91 -7.10 -2.09
CA PRO A 60 -6.99 -7.42 -0.98
C PRO A 60 -5.79 -8.27 -1.43
N ASN A 61 -4.58 -7.82 -1.11
CA ASN A 61 -3.38 -8.56 -1.47
C ASN A 61 -2.88 -9.35 -0.26
N TYR A 62 -2.88 -10.67 -0.37
CA TYR A 62 -2.51 -11.53 0.76
C TYR A 62 -1.01 -11.82 0.80
N VAL A 63 -0.27 -11.42 -0.23
CA VAL A 63 1.18 -11.66 -0.24
C VAL A 63 1.86 -10.73 0.76
N LEU A 64 1.28 -9.55 0.92
CA LEU A 64 1.89 -8.50 1.69
C LEU A 64 1.41 -8.50 3.13
N LYS A 65 0.11 -8.73 3.31
CA LYS A 65 -0.54 -8.69 4.61
C LYS A 65 0.19 -9.56 5.64
N SER A 66 0.60 -10.75 5.21
CA SER A 66 1.28 -11.70 6.08
C SER A 66 2.64 -11.16 6.56
N LEU A 67 3.27 -10.33 5.74
CA LEU A 67 4.62 -9.83 6.03
C LEU A 67 4.56 -8.48 6.73
N ILE A 68 3.82 -7.53 6.17
CA ILE A 68 3.75 -6.19 6.71
C ILE A 68 3.21 -6.19 8.14
N ALA A 69 2.28 -7.09 8.41
CA ALA A 69 1.58 -7.11 9.68
C ALA A 69 2.51 -7.49 10.84
N LEU A 70 3.63 -8.13 10.53
CA LEU A 70 4.59 -8.50 11.57
C LEU A 70 5.53 -7.33 11.88
N TRP A 71 5.70 -6.45 10.90
CA TRP A 71 6.62 -5.33 11.07
C TRP A 71 5.98 -4.26 11.94
N CYS A 72 4.73 -3.91 11.62
CA CYS A 72 3.98 -2.94 12.43
C CYS A 72 3.57 -3.55 13.77
N GLU A 73 3.78 -4.86 13.91
CA GLU A 73 3.56 -5.53 15.18
C GLU A 73 4.78 -5.38 16.06
N SER A 74 5.95 -5.30 15.43
CA SER A 74 7.20 -5.09 16.13
C SER A 74 7.30 -3.65 16.62
N ASN A 75 7.04 -2.72 15.73
CA ASN A 75 7.07 -1.29 16.06
C ASN A 75 5.77 -0.65 15.61
N GLY A 76 5.25 0.28 16.40
CA GLY A 76 3.99 0.93 16.07
C GLY A 76 4.14 1.93 14.95
N ILE A 77 4.41 1.42 13.77
CA ILE A 77 4.62 2.25 12.60
C ILE A 77 3.29 2.65 11.95
N GLU A 78 2.71 3.69 12.52
CA GLU A 78 1.46 4.25 12.03
C GLU A 78 1.21 5.58 12.72
N GLY A 1 18.81 -1.90 15.15
CA GLY A 1 19.09 -0.47 14.92
C GLY A 1 19.21 -0.14 13.44
N SER A 2 18.24 0.63 12.95
CA SER A 2 18.23 1.12 11.56
C SER A 2 18.05 -0.01 10.55
N PRO A 3 16.79 -0.31 10.20
CA PRO A 3 16.45 -1.32 9.20
C PRO A 3 16.69 -0.81 7.79
N GLU A 4 17.01 -1.73 6.88
CA GLU A 4 17.29 -1.38 5.50
C GLU A 4 16.01 -0.97 4.77
N PHE A 5 14.89 -1.60 5.16
CA PHE A 5 13.62 -1.44 4.46
C PHE A 5 13.78 -1.76 2.98
N PRO A 6 13.93 -3.04 2.64
CA PRO A 6 14.07 -3.47 1.25
C PRO A 6 12.80 -3.18 0.45
N GLU A 7 11.70 -3.75 0.92
CA GLU A 7 10.39 -3.54 0.33
C GLU A 7 9.37 -4.36 1.11
N TYR A 8 8.15 -4.46 0.59
CA TYR A 8 7.05 -5.26 1.18
C TYR A 8 6.84 -4.97 2.67
N PHE A 9 7.13 -3.74 3.09
CA PHE A 9 6.88 -3.34 4.46
C PHE A 9 6.16 -2.00 4.52
N ARG A 10 6.89 -0.92 4.33
CA ARG A 10 6.33 0.41 4.46
C ARG A 10 5.69 0.87 3.17
N CYS A 11 4.70 1.73 3.28
CA CYS A 11 4.13 2.39 2.11
C CYS A 11 4.95 3.63 1.78
N PRO A 12 5.44 3.74 0.54
CA PRO A 12 6.28 4.86 0.11
C PRO A 12 5.53 6.20 0.10
N ILE A 13 4.25 6.17 0.45
CA ILE A 13 3.43 7.37 0.43
C ILE A 13 3.47 8.10 1.77
N SER A 14 3.43 7.36 2.87
CA SER A 14 3.30 8.00 4.18
C SER A 14 4.07 7.27 5.30
N LEU A 15 4.65 6.10 5.00
CA LEU A 15 5.24 5.26 6.04
C LEU A 15 4.19 4.93 7.12
N GLU A 16 2.97 4.68 6.68
CA GLU A 16 1.92 4.26 7.59
C GLU A 16 2.05 2.76 7.82
N LEU A 17 2.84 2.14 6.94
CA LEU A 17 3.11 0.70 6.94
C LEU A 17 1.81 -0.07 7.10
N MET A 18 1.20 -0.36 5.96
CA MET A 18 -0.09 -1.03 5.89
C MET A 18 -0.14 -2.26 6.79
N LYS A 19 -1.29 -2.46 7.40
CA LYS A 19 -1.54 -3.67 8.18
C LYS A 19 -2.37 -4.61 7.35
N ASP A 20 -3.22 -4.03 6.51
CA ASP A 20 -4.03 -4.77 5.55
C ASP A 20 -4.07 -3.97 4.25
N PRO A 21 -3.31 -4.41 3.24
CA PRO A 21 -3.11 -3.66 2.02
C PRO A 21 -4.09 -4.03 0.92
N VAL A 22 -4.26 -3.10 -0.01
CA VAL A 22 -5.12 -3.33 -1.15
C VAL A 22 -4.35 -3.17 -2.45
N ILE A 23 -4.45 -4.18 -3.29
CA ILE A 23 -3.87 -4.15 -4.61
C ILE A 23 -4.89 -3.63 -5.61
N VAL A 24 -4.45 -2.87 -6.58
CA VAL A 24 -5.31 -2.45 -7.67
C VAL A 24 -4.55 -2.59 -8.98
N SER A 25 -5.18 -2.21 -10.08
CA SER A 25 -4.56 -2.31 -11.38
C SER A 25 -3.26 -1.50 -11.40
N THR A 26 -2.38 -1.83 -12.36
CA THR A 26 -1.00 -1.32 -12.39
C THR A 26 -0.10 -2.19 -11.51
N GLY A 27 -0.70 -2.77 -10.48
CA GLY A 27 0.03 -3.70 -9.63
C GLY A 27 0.64 -3.02 -8.41
N GLN A 28 -0.07 -2.04 -7.86
CA GLN A 28 0.38 -1.37 -6.66
C GLN A 28 -0.10 -2.13 -5.43
N THR A 29 0.61 -1.99 -4.32
CA THR A 29 0.15 -2.52 -3.05
C THR A 29 0.50 -1.55 -1.90
N TYR A 30 -0.49 -0.76 -1.50
CA TYR A 30 -0.32 0.24 -0.45
C TYR A 30 -1.48 0.11 0.54
N GLU A 31 -1.48 0.93 1.59
CA GLU A 31 -2.59 0.91 2.53
C GLU A 31 -3.71 1.81 2.06
N ARG A 32 -4.93 1.41 2.41
CA ARG A 32 -6.15 2.07 1.99
C ARG A 32 -6.18 3.55 2.35
N SER A 33 -5.57 3.90 3.47
CA SER A 33 -5.66 5.26 3.96
C SER A 33 -4.97 6.25 3.01
N SER A 34 -4.00 5.74 2.26
CA SER A 34 -3.26 6.58 1.31
C SER A 34 -3.87 6.49 -0.09
N ILE A 35 -4.35 5.30 -0.45
CA ILE A 35 -4.84 5.07 -1.81
C ILE A 35 -6.35 5.27 -1.93
N GLN A 36 -7.11 4.64 -1.04
CA GLN A 36 -8.57 4.71 -1.12
C GLN A 36 -9.05 6.11 -0.87
N LYS A 37 -8.22 6.87 -0.18
CA LYS A 37 -8.45 8.27 0.05
C LYS A 37 -8.75 8.99 -1.27
N TRP A 38 -7.96 8.71 -2.30
CA TRP A 38 -8.16 9.37 -3.58
C TRP A 38 -8.91 8.46 -4.56
N LEU A 39 -8.73 7.15 -4.46
CA LEU A 39 -9.48 6.21 -5.30
C LEU A 39 -10.97 6.34 -5.07
N ASP A 40 -11.39 6.39 -3.81
CA ASP A 40 -12.79 6.47 -3.48
C ASP A 40 -13.34 7.85 -3.83
N ALA A 41 -12.43 8.80 -4.08
CA ALA A 41 -12.81 10.11 -4.58
C ALA A 41 -13.24 10.03 -6.04
N GLY A 42 -12.88 8.92 -6.69
CA GLY A 42 -13.30 8.70 -8.06
C GLY A 42 -12.21 8.97 -9.07
N HIS A 43 -11.02 8.44 -8.83
CA HIS A 43 -9.89 8.61 -9.76
C HIS A 43 -9.28 7.26 -10.08
N LYS A 44 -8.45 7.20 -11.11
CA LYS A 44 -7.87 5.94 -11.56
C LYS A 44 -6.44 6.13 -12.07
N THR A 45 -5.57 6.66 -11.24
CA THR A 45 -4.17 6.86 -11.62
C THR A 45 -3.25 6.57 -10.43
N CYS A 46 -2.20 5.78 -10.66
CA CYS A 46 -1.21 5.49 -9.61
C CYS A 46 -0.35 6.71 -9.29
N PRO A 47 0.23 6.75 -8.07
CA PRO A 47 1.03 7.88 -7.60
C PRO A 47 2.46 7.86 -8.09
N LYS A 48 2.79 6.88 -8.93
CA LYS A 48 4.15 6.74 -9.44
C LYS A 48 4.37 7.61 -10.67
N SER A 49 3.62 7.34 -11.73
CA SER A 49 3.81 8.02 -12.99
C SER A 49 2.45 8.26 -13.66
N GLN A 50 1.38 8.09 -12.88
CA GLN A 50 0.01 8.24 -13.38
C GLN A 50 -0.24 7.20 -14.46
N GLU A 51 0.20 5.98 -14.17
CA GLU A 51 0.13 4.86 -15.11
C GLU A 51 -1.30 4.53 -15.52
N THR A 52 -2.27 5.12 -14.83
CA THR A 52 -3.68 4.93 -15.10
C THR A 52 -4.13 3.52 -14.73
N LEU A 53 -4.99 3.42 -13.75
CA LEU A 53 -5.45 2.13 -13.27
C LEU A 53 -6.58 1.64 -14.14
N LEU A 54 -6.23 1.05 -15.27
CA LEU A 54 -7.20 0.42 -16.15
C LEU A 54 -7.94 -0.67 -15.39
N HIS A 55 -9.24 -0.47 -15.21
CA HIS A 55 -10.05 -1.27 -14.30
C HIS A 55 -9.69 -0.94 -12.85
N ALA A 56 -10.20 0.19 -12.37
CA ALA A 56 -9.95 0.62 -11.00
C ALA A 56 -10.82 -0.17 -10.03
N GLY A 57 -10.27 -1.25 -9.52
CA GLY A 57 -10.94 -2.05 -8.53
C GLY A 57 -9.94 -2.61 -7.55
N LEU A 58 -10.32 -2.66 -6.28
CA LEU A 58 -9.38 -3.06 -5.25
C LEU A 58 -9.45 -4.56 -4.99
N THR A 59 -8.29 -5.16 -5.02
CA THR A 59 -8.11 -6.58 -4.75
C THR A 59 -7.16 -6.76 -3.56
N PRO A 60 -7.67 -7.26 -2.44
CA PRO A 60 -6.86 -7.45 -1.23
C PRO A 60 -5.65 -8.34 -1.47
N ASN A 61 -4.49 -7.88 -1.02
CA ASN A 61 -3.24 -8.57 -1.29
C ASN A 61 -2.68 -9.23 -0.04
N TYR A 62 -2.48 -10.53 -0.10
CA TYR A 62 -2.04 -11.30 1.05
C TYR A 62 -0.51 -11.40 1.15
N VAL A 63 0.20 -11.28 0.02
CA VAL A 63 1.66 -11.39 0.04
C VAL A 63 2.28 -10.34 0.95
N LEU A 64 1.66 -9.17 0.96
CA LEU A 64 2.12 -8.06 1.75
C LEU A 64 1.60 -8.18 3.18
N LYS A 65 0.31 -8.50 3.29
CA LYS A 65 -0.39 -8.57 4.56
C LYS A 65 0.38 -9.38 5.60
N SER A 66 0.74 -10.61 5.25
CA SER A 66 1.41 -11.51 6.20
C SER A 66 2.80 -11.00 6.60
N LEU A 67 3.39 -10.14 5.78
CA LEU A 67 4.73 -9.64 6.04
C LEU A 67 4.68 -8.31 6.79
N ILE A 68 3.78 -7.43 6.38
CA ILE A 68 3.65 -6.12 7.01
C ILE A 68 3.03 -6.24 8.40
N ALA A 69 2.13 -7.21 8.56
CA ALA A 69 1.37 -7.36 9.79
C ALA A 69 2.26 -7.81 10.96
N LEU A 70 3.46 -8.29 10.64
CA LEU A 70 4.39 -8.71 11.68
C LEU A 70 5.36 -7.58 12.03
N TRP A 71 5.60 -6.69 11.07
CA TRP A 71 6.58 -5.63 11.29
C TRP A 71 5.95 -4.47 12.05
N CYS A 72 4.77 -4.05 11.60
CA CYS A 72 4.06 -2.96 12.27
C CYS A 72 3.77 -3.34 13.72
N GLU A 73 3.47 -4.62 13.92
CA GLU A 73 3.24 -5.19 15.24
C GLU A 73 4.51 -5.18 16.08
N SER A 74 5.64 -5.47 15.44
CA SER A 74 6.92 -5.58 16.11
C SER A 74 7.38 -4.23 16.66
N ASN A 75 7.10 -3.17 15.92
CA ASN A 75 7.60 -1.84 16.29
C ASN A 75 6.49 -0.92 16.79
N GLY A 76 5.54 -0.62 15.91
CA GLY A 76 4.58 0.42 16.19
C GLY A 76 4.81 1.61 15.28
N ILE A 77 4.07 1.66 14.19
CA ILE A 77 4.32 2.65 13.14
C ILE A 77 3.18 3.68 13.10
N GLU A 78 2.97 4.32 11.95
CA GLU A 78 2.04 5.45 11.81
C GLU A 78 2.47 6.61 12.70
N GLY A 1 21.34 -2.09 11.55
CA GLY A 1 20.36 -2.80 10.68
C GLY A 1 19.90 -1.93 9.55
N SER A 2 19.97 -2.45 8.33
CA SER A 2 19.57 -1.69 7.14
C SER A 2 18.05 -1.79 6.95
N PRO A 3 17.33 -0.68 7.22
CA PRO A 3 15.88 -0.64 7.12
C PRO A 3 15.42 -0.15 5.76
N GLU A 4 15.91 -0.79 4.71
CA GLU A 4 15.53 -0.42 3.36
C GLU A 4 14.07 -0.81 3.10
N PHE A 5 13.29 0.16 2.67
CA PHE A 5 11.86 -0.05 2.50
C PHE A 5 11.49 -0.24 1.03
N PRO A 6 11.16 -1.48 0.65
CA PRO A 6 10.59 -1.79 -0.66
C PRO A 6 9.07 -1.65 -0.63
N GLU A 7 8.40 -2.16 -1.65
CA GLU A 7 6.95 -2.00 -1.77
C GLU A 7 6.21 -2.89 -0.77
N TYR A 8 6.87 -3.92 -0.24
CA TYR A 8 6.21 -4.86 0.65
C TYR A 8 6.34 -4.44 2.11
N PHE A 9 6.54 -3.14 2.36
CA PHE A 9 6.60 -2.64 3.72
C PHE A 9 6.06 -1.23 3.84
N ARG A 10 6.89 -0.24 3.51
CA ARG A 10 6.58 1.15 3.79
C ARG A 10 5.54 1.68 2.82
N CYS A 11 4.34 1.92 3.35
CA CYS A 11 3.27 2.53 2.57
C CYS A 11 3.68 3.93 2.12
N PRO A 12 3.85 4.12 0.80
CA PRO A 12 4.34 5.39 0.23
C PRO A 12 3.27 6.48 0.21
N ILE A 13 2.17 6.24 0.92
CA ILE A 13 1.07 7.18 0.94
C ILE A 13 1.15 8.12 2.13
N SER A 14 1.19 7.57 3.34
CA SER A 14 1.30 8.40 4.54
C SER A 14 2.26 7.79 5.56
N LEU A 15 3.05 6.81 5.12
CA LEU A 15 4.03 6.12 5.97
C LEU A 15 3.36 5.59 7.24
N GLU A 16 2.18 5.02 7.07
CA GLU A 16 1.48 4.43 8.19
C GLU A 16 1.88 2.97 8.34
N LEU A 17 2.41 2.41 7.25
CA LEU A 17 2.69 0.98 7.17
C LEU A 17 1.37 0.23 7.23
N MET A 18 0.87 -0.12 6.04
CA MET A 18 -0.44 -0.75 5.87
C MET A 18 -0.69 -1.91 6.82
N LYS A 19 -1.97 -2.18 7.07
CA LYS A 19 -2.37 -3.31 7.87
C LYS A 19 -3.15 -4.29 7.01
N ASP A 20 -3.90 -3.74 6.09
CA ASP A 20 -4.63 -4.55 5.12
C ASP A 20 -4.38 -3.98 3.74
N PRO A 21 -3.49 -4.63 2.99
CA PRO A 21 -3.04 -4.14 1.71
C PRO A 21 -3.84 -4.71 0.55
N VAL A 22 -4.32 -3.83 -0.30
CA VAL A 22 -5.06 -4.25 -1.47
C VAL A 22 -4.20 -4.10 -2.71
N ILE A 23 -4.21 -5.13 -3.53
CA ILE A 23 -3.58 -5.07 -4.82
C ILE A 23 -4.54 -4.41 -5.79
N VAL A 24 -4.02 -3.58 -6.65
CA VAL A 24 -4.84 -2.91 -7.62
C VAL A 24 -4.17 -3.04 -8.98
N SER A 25 -4.81 -2.54 -10.02
CA SER A 25 -4.25 -2.59 -11.36
C SER A 25 -2.91 -1.86 -11.39
N THR A 26 -2.06 -2.25 -12.35
CA THR A 26 -0.65 -1.87 -12.37
C THR A 26 0.16 -2.81 -11.47
N GLY A 27 -0.50 -3.35 -10.45
CA GLY A 27 0.14 -4.33 -9.60
C GLY A 27 0.61 -3.74 -8.29
N GLN A 28 -0.06 -2.72 -7.81
CA GLN A 28 0.31 -2.08 -6.55
C GLN A 28 -0.31 -2.81 -5.37
N THR A 29 0.35 -2.78 -4.21
CA THR A 29 -0.20 -3.35 -2.99
C THR A 29 0.03 -2.42 -1.81
N TYR A 30 -1.00 -1.65 -1.43
CA TYR A 30 -0.86 -0.65 -0.37
C TYR A 30 -2.08 -0.67 0.56
N GLU A 31 -2.03 0.12 1.62
CA GLU A 31 -3.13 0.21 2.58
C GLU A 31 -4.40 0.71 1.91
N ARG A 32 -5.44 -0.12 1.97
CA ARG A 32 -6.72 0.16 1.33
C ARG A 32 -7.29 1.49 1.79
N SER A 33 -7.14 1.78 3.07
CA SER A 33 -7.74 2.96 3.67
C SER A 33 -7.00 4.22 3.19
N SER A 34 -5.79 4.03 2.71
CA SER A 34 -4.98 5.13 2.22
C SER A 34 -5.09 5.29 0.71
N ILE A 35 -5.14 4.16 0.00
CA ILE A 35 -5.19 4.18 -1.45
C ILE A 35 -6.58 4.50 -1.97
N GLN A 36 -7.59 3.83 -1.43
CA GLN A 36 -8.96 4.03 -1.89
C GLN A 36 -9.47 5.38 -1.44
N LYS A 37 -8.81 5.89 -0.41
CA LYS A 37 -9.08 7.21 0.08
C LYS A 37 -8.99 8.24 -1.05
N TRP A 38 -7.96 8.12 -1.88
CA TRP A 38 -7.79 9.04 -2.99
C TRP A 38 -8.31 8.43 -4.30
N LEU A 39 -8.21 7.11 -4.45
CA LEU A 39 -8.75 6.44 -5.64
C LEU A 39 -10.24 6.70 -5.77
N ASP A 40 -10.96 6.54 -4.67
CA ASP A 40 -12.40 6.75 -4.68
C ASP A 40 -12.73 8.23 -4.75
N ALA A 41 -11.73 9.07 -4.51
CA ALA A 41 -11.89 10.51 -4.61
C ALA A 41 -12.01 10.95 -6.08
N GLY A 42 -11.38 10.19 -6.96
CA GLY A 42 -11.44 10.51 -8.37
C GLY A 42 -10.09 10.46 -9.07
N HIS A 43 -9.04 10.20 -8.31
CA HIS A 43 -7.70 10.11 -8.89
C HIS A 43 -7.25 8.66 -8.95
N LYS A 44 -6.80 8.22 -10.11
CA LYS A 44 -6.41 6.83 -10.30
C LYS A 44 -4.97 6.71 -10.79
N THR A 45 -4.03 6.80 -9.86
CA THR A 45 -2.61 6.73 -10.20
C THR A 45 -1.83 6.02 -9.10
N CYS A 46 -0.82 5.24 -9.49
CA CYS A 46 0.11 4.65 -8.54
C CYS A 46 0.85 5.74 -7.77
N PRO A 47 0.96 5.61 -6.44
CA PRO A 47 1.60 6.61 -5.58
C PRO A 47 3.12 6.70 -5.77
N LYS A 48 3.65 5.87 -6.65
CA LYS A 48 5.08 5.79 -6.86
C LYS A 48 5.53 6.66 -8.04
N SER A 49 5.02 6.38 -9.23
CA SER A 49 5.43 7.11 -10.42
C SER A 49 4.23 7.51 -11.28
N GLN A 50 3.04 7.30 -10.73
CA GLN A 50 1.78 7.65 -11.40
C GLN A 50 1.67 6.97 -12.76
N GLU A 51 1.74 5.64 -12.77
CA GLU A 51 1.56 4.87 -13.99
C GLU A 51 0.12 4.93 -14.48
N THR A 52 -0.76 5.51 -13.66
CA THR A 52 -2.18 5.63 -13.96
C THR A 52 -2.87 4.27 -13.88
N LEU A 53 -3.69 4.09 -12.85
CA LEU A 53 -4.35 2.82 -12.64
C LEU A 53 -5.63 2.76 -13.48
N LEU A 54 -5.50 2.35 -14.73
CA LEU A 54 -6.65 2.24 -15.62
C LEU A 54 -7.57 1.12 -15.13
N HIS A 55 -8.78 1.51 -14.73
CA HIS A 55 -9.74 0.58 -14.10
C HIS A 55 -9.17 0.02 -12.82
N ALA A 56 -9.35 0.74 -11.73
CA ALA A 56 -8.77 0.36 -10.46
C ALA A 56 -9.56 -0.76 -9.80
N GLY A 57 -9.13 -1.99 -10.02
CA GLY A 57 -9.77 -3.13 -9.40
C GLY A 57 -9.12 -3.47 -8.08
N LEU A 58 -9.88 -3.32 -7.00
CA LEU A 58 -9.35 -3.58 -5.67
C LEU A 58 -9.32 -5.09 -5.40
N THR A 59 -8.12 -5.63 -5.36
CA THR A 59 -7.90 -7.05 -5.16
C THR A 59 -6.95 -7.29 -3.98
N PRO A 60 -7.49 -7.56 -2.78
CA PRO A 60 -6.68 -7.74 -1.56
C PRO A 60 -5.61 -8.83 -1.72
N ASN A 61 -4.35 -8.43 -1.58
CA ASN A 61 -3.24 -9.38 -1.63
C ASN A 61 -2.86 -9.80 -0.20
N TYR A 62 -3.02 -11.08 0.11
CA TYR A 62 -2.78 -11.56 1.47
C TYR A 62 -1.29 -11.82 1.74
N VAL A 63 -0.45 -11.68 0.73
CA VAL A 63 0.99 -11.92 0.91
C VAL A 63 1.59 -10.86 1.83
N LEU A 64 1.00 -9.68 1.79
CA LEU A 64 1.61 -8.52 2.41
C LEU A 64 1.11 -8.30 3.83
N LYS A 65 -0.13 -8.71 4.10
CA LYS A 65 -0.77 -8.48 5.39
C LYS A 65 0.07 -9.10 6.51
N SER A 66 0.60 -10.29 6.26
CA SER A 66 1.46 -10.95 7.24
C SER A 66 2.77 -10.19 7.43
N LEU A 67 3.32 -9.69 6.32
CA LEU A 67 4.63 -9.04 6.33
C LEU A 67 4.57 -7.65 6.97
N ILE A 68 3.59 -6.87 6.59
CA ILE A 68 3.42 -5.54 7.14
C ILE A 68 3.00 -5.61 8.60
N ALA A 69 2.32 -6.70 8.94
CA ALA A 69 1.85 -6.92 10.29
C ALA A 69 3.01 -7.01 11.28
N LEU A 70 4.12 -7.61 10.85
CA LEU A 70 5.25 -7.85 11.73
C LEU A 70 6.12 -6.61 11.89
N TRP A 71 6.13 -5.73 10.89
CA TRP A 71 7.03 -4.58 10.94
C TRP A 71 6.50 -3.52 11.89
N CYS A 72 5.20 -3.26 11.82
CA CYS A 72 4.56 -2.29 12.71
C CYS A 72 4.64 -2.75 14.16
N GLU A 73 5.02 -4.01 14.36
CA GLU A 73 5.27 -4.54 15.70
C GLU A 73 6.63 -4.04 16.22
N SER A 74 7.63 -4.06 15.34
CA SER A 74 8.98 -3.64 15.72
C SER A 74 9.00 -2.16 16.08
N ASN A 75 8.09 -1.39 15.49
CA ASN A 75 7.94 0.03 15.80
C ASN A 75 6.49 0.44 15.64
N GLY A 76 5.94 1.12 16.65
CA GLY A 76 4.58 1.62 16.57
C GLY A 76 4.42 2.69 15.51
N ILE A 77 4.34 2.26 14.27
CA ILE A 77 4.37 3.15 13.13
C ILE A 77 2.97 3.66 12.78
N GLU A 78 1.95 2.89 13.13
CA GLU A 78 0.57 3.27 12.88
C GLU A 78 -0.21 3.19 14.18
N GLY A 1 18.59 1.18 13.85
CA GLY A 1 18.38 0.43 12.59
C GLY A 1 17.47 1.17 11.65
N SER A 2 17.87 1.28 10.39
CA SER A 2 17.05 1.95 9.39
C SER A 2 16.36 0.91 8.50
N PRO A 3 15.05 0.74 8.65
CA PRO A 3 14.27 -0.16 7.80
C PRO A 3 14.20 0.38 6.37
N GLU A 4 13.36 1.39 6.16
CA GLU A 4 13.30 2.13 4.89
C GLU A 4 13.32 1.22 3.67
N PHE A 5 12.57 0.12 3.74
CA PHE A 5 12.51 -0.83 2.65
C PHE A 5 11.87 -0.18 1.42
N PRO A 6 12.58 -0.16 0.30
CA PRO A 6 12.06 0.38 -0.96
C PRO A 6 10.98 -0.51 -1.56
N GLU A 7 10.95 -1.76 -1.09
CA GLU A 7 10.01 -2.74 -1.59
C GLU A 7 9.40 -3.54 -0.45
N TYR A 8 8.73 -4.64 -0.82
CA TYR A 8 8.10 -5.55 0.12
C TYR A 8 6.97 -4.90 0.89
N PHE A 9 7.21 -4.54 2.15
CA PHE A 9 6.11 -4.20 3.05
C PHE A 9 6.23 -2.81 3.67
N ARG A 10 7.16 -2.01 3.19
CA ARG A 10 7.28 -0.64 3.70
C ARG A 10 6.52 0.30 2.79
N CYS A 11 5.35 0.74 3.25
CA CYS A 11 4.51 1.62 2.45
C CYS A 11 5.26 2.91 2.10
N PRO A 12 5.51 3.13 0.79
CA PRO A 12 6.28 4.27 0.30
C PRO A 12 5.53 5.61 0.39
N ILE A 13 4.30 5.57 0.89
CA ILE A 13 3.51 6.79 0.95
C ILE A 13 3.80 7.60 2.21
N SER A 14 3.53 7.04 3.39
CA SER A 14 3.77 7.77 4.63
C SER A 14 4.56 6.93 5.63
N LEU A 15 5.13 5.81 5.15
CA LEU A 15 5.84 4.87 6.02
C LEU A 15 4.86 4.30 7.05
N GLU A 16 3.60 4.23 6.66
CA GLU A 16 2.57 3.70 7.55
C GLU A 16 2.66 2.17 7.60
N LEU A 17 3.44 1.64 6.65
CA LEU A 17 3.78 0.22 6.59
C LEU A 17 2.59 -0.65 6.22
N MET A 18 1.39 -0.05 6.17
CA MET A 18 0.15 -0.77 5.86
C MET A 18 -0.24 -1.76 6.96
N LYS A 19 -1.53 -1.86 7.24
CA LYS A 19 -2.04 -2.85 8.17
C LYS A 19 -2.75 -3.97 7.40
N ASP A 20 -3.50 -3.55 6.39
CA ASP A 20 -4.20 -4.47 5.50
C ASP A 20 -4.19 -3.86 4.11
N PRO A 21 -3.33 -4.36 3.21
CA PRO A 21 -3.02 -3.69 1.96
C PRO A 21 -3.89 -4.13 0.79
N VAL A 22 -4.16 -3.17 -0.09
CA VAL A 22 -4.97 -3.43 -1.27
C VAL A 22 -4.13 -3.40 -2.53
N ILE A 23 -4.26 -4.45 -3.32
CA ILE A 23 -3.63 -4.53 -4.61
C ILE A 23 -4.59 -4.01 -5.67
N VAL A 24 -4.07 -3.42 -6.71
CA VAL A 24 -4.88 -2.90 -7.79
C VAL A 24 -4.20 -3.19 -9.13
N SER A 25 -4.83 -2.80 -10.22
CA SER A 25 -4.24 -2.93 -11.54
C SER A 25 -2.93 -2.16 -11.58
N THR A 26 -2.07 -2.53 -12.53
CA THR A 26 -0.71 -1.98 -12.65
C THR A 26 0.27 -2.81 -11.81
N GLY A 27 -0.23 -3.38 -10.71
CA GLY A 27 0.62 -4.14 -9.83
C GLY A 27 0.93 -3.35 -8.58
N GLN A 28 -0.09 -2.65 -8.09
CA GLN A 28 0.05 -1.78 -6.93
C GLN A 28 -0.48 -2.44 -5.66
N THR A 29 0.21 -2.24 -4.53
CA THR A 29 -0.32 -2.66 -3.23
C THR A 29 0.05 -1.64 -2.15
N TYR A 30 -0.94 -0.90 -1.66
CA TYR A 30 -0.72 0.14 -0.64
C TYR A 30 -1.83 0.11 0.42
N GLU A 31 -1.68 0.96 1.44
CA GLU A 31 -2.67 1.07 2.51
C GLU A 31 -3.87 1.87 2.03
N ARG A 32 -5.06 1.41 2.38
CA ARG A 32 -6.31 2.02 1.91
C ARG A 32 -6.39 3.48 2.28
N SER A 33 -6.01 3.79 3.50
CA SER A 33 -6.11 5.14 4.00
C SER A 33 -5.18 6.08 3.22
N SER A 34 -4.16 5.49 2.58
CA SER A 34 -3.19 6.22 1.80
C SER A 34 -3.52 6.20 0.30
N ILE A 35 -4.28 5.21 -0.14
CA ILE A 35 -4.56 5.07 -1.56
C ILE A 35 -6.04 5.30 -1.88
N GLN A 36 -6.92 4.59 -1.18
CA GLN A 36 -8.35 4.70 -1.39
C GLN A 36 -8.82 6.13 -1.11
N LYS A 37 -8.05 6.85 -0.32
CA LYS A 37 -8.34 8.23 -0.02
C LYS A 37 -8.49 9.03 -1.31
N TRP A 38 -7.56 8.84 -2.25
CA TRP A 38 -7.59 9.57 -3.50
C TRP A 38 -8.21 8.73 -4.62
N LEU A 39 -8.02 7.41 -4.61
CA LEU A 39 -8.70 6.53 -5.56
C LEU A 39 -10.21 6.68 -5.45
N ASP A 40 -10.74 6.53 -4.23
CA ASP A 40 -12.19 6.59 -4.03
C ASP A 40 -12.68 8.03 -4.20
N ALA A 41 -11.74 8.96 -4.11
CA ALA A 41 -12.03 10.37 -4.34
C ALA A 41 -12.52 10.59 -5.77
N GLY A 42 -12.04 9.75 -6.68
CA GLY A 42 -12.46 9.84 -8.07
C GLY A 42 -11.29 9.77 -9.02
N HIS A 43 -10.27 9.00 -8.66
CA HIS A 43 -9.09 8.86 -9.50
C HIS A 43 -8.67 7.40 -9.59
N LYS A 44 -7.70 7.13 -10.43
CA LYS A 44 -7.19 5.79 -10.63
C LYS A 44 -5.77 5.83 -11.17
N THR A 45 -4.81 6.04 -10.28
CA THR A 45 -3.41 6.17 -10.65
C THR A 45 -2.50 5.59 -9.57
N CYS A 46 -1.36 5.03 -9.97
CA CYS A 46 -0.38 4.59 -9.02
C CYS A 46 0.51 5.77 -8.63
N PRO A 47 0.82 5.94 -7.33
CA PRO A 47 1.60 7.08 -6.82
C PRO A 47 3.04 7.11 -7.36
N LYS A 48 3.43 6.04 -8.02
CA LYS A 48 4.81 5.89 -8.47
C LYS A 48 5.09 6.73 -9.72
N SER A 49 4.25 6.58 -10.74
CA SER A 49 4.49 7.26 -12.01
C SER A 49 3.18 7.66 -12.68
N GLN A 50 2.09 7.52 -11.94
CA GLN A 50 0.77 7.88 -12.44
C GLN A 50 0.43 7.10 -13.70
N GLU A 51 0.70 5.80 -13.66
CA GLU A 51 0.48 4.93 -14.82
C GLU A 51 -1.01 4.77 -15.13
N THR A 52 -1.86 5.26 -14.24
CA THR A 52 -3.30 5.14 -14.39
C THR A 52 -3.74 3.68 -14.21
N LEU A 53 -4.38 3.42 -13.08
CA LEU A 53 -4.87 2.09 -12.77
C LEU A 53 -6.16 1.85 -13.55
N LEU A 54 -6.02 1.25 -14.73
CA LEU A 54 -7.15 1.05 -15.64
C LEU A 54 -8.30 0.33 -14.92
N HIS A 55 -7.96 -0.68 -14.15
CA HIS A 55 -8.95 -1.40 -13.38
C HIS A 55 -8.99 -0.86 -11.95
N ALA A 56 -9.80 0.19 -11.74
CA ALA A 56 -9.99 0.72 -10.39
C ALA A 56 -10.98 -0.16 -9.64
N GLY A 57 -10.44 -1.11 -8.94
CA GLY A 57 -11.22 -2.07 -8.18
C GLY A 57 -10.29 -2.85 -7.29
N LEU A 58 -10.14 -2.39 -6.06
CA LEU A 58 -9.05 -2.82 -5.21
C LEU A 58 -9.30 -4.22 -4.64
N THR A 59 -8.20 -4.96 -4.57
CA THR A 59 -8.22 -6.36 -4.19
C THR A 59 -7.26 -6.59 -3.02
N PRO A 60 -7.72 -7.23 -1.93
CA PRO A 60 -6.87 -7.51 -0.77
C PRO A 60 -5.65 -8.37 -1.13
N ASN A 61 -4.45 -7.82 -0.92
CA ASN A 61 -3.23 -8.56 -1.24
C ASN A 61 -2.76 -9.33 -0.02
N TYR A 62 -2.87 -10.65 -0.08
CA TYR A 62 -2.58 -11.48 1.07
C TYR A 62 -1.09 -11.72 1.29
N VAL A 63 -0.27 -11.37 0.31
CA VAL A 63 1.17 -11.56 0.44
C VAL A 63 1.74 -10.62 1.49
N LEU A 64 1.20 -9.42 1.55
CA LEU A 64 1.80 -8.36 2.33
C LEU A 64 1.19 -8.25 3.71
N LYS A 65 -0.08 -8.61 3.83
CA LYS A 65 -0.82 -8.48 5.07
C LYS A 65 -0.13 -9.24 6.19
N SER A 66 0.44 -10.38 5.87
CA SER A 66 1.18 -11.16 6.86
C SER A 66 2.50 -10.49 7.22
N LEU A 67 3.20 -9.98 6.21
CA LEU A 67 4.52 -9.38 6.39
C LEU A 67 4.44 -8.05 7.13
N ILE A 68 3.48 -7.22 6.75
CA ILE A 68 3.29 -5.93 7.41
C ILE A 68 2.78 -6.13 8.83
N ALA A 69 1.94 -7.14 9.00
CA ALA A 69 1.33 -7.43 10.29
C ALA A 69 2.40 -7.82 11.30
N LEU A 70 3.32 -8.68 10.87
CA LEU A 70 4.36 -9.18 11.75
C LEU A 70 5.33 -8.06 12.15
N TRP A 71 5.53 -7.10 11.26
CA TRP A 71 6.53 -6.07 11.51
C TRP A 71 5.98 -4.94 12.35
N CYS A 72 4.76 -4.51 12.04
CA CYS A 72 4.14 -3.41 12.80
C CYS A 72 3.86 -3.86 14.23
N GLU A 73 3.81 -5.18 14.43
CA GLU A 73 3.67 -5.74 15.77
C GLU A 73 4.87 -5.38 16.64
N SER A 74 6.01 -5.14 16.00
CA SER A 74 7.26 -4.92 16.71
C SER A 74 7.54 -3.43 16.94
N ASN A 75 6.59 -2.56 16.60
CA ASN A 75 6.83 -1.13 16.72
C ASN A 75 5.54 -0.34 16.95
N GLY A 76 4.46 -0.78 16.31
CA GLY A 76 3.27 0.04 16.26
C GLY A 76 3.44 1.14 15.25
N ILE A 77 3.82 0.74 14.03
CA ILE A 77 4.21 1.69 13.00
C ILE A 77 3.05 2.07 12.11
N GLU A 78 2.85 3.37 11.99
CA GLU A 78 1.88 3.96 11.09
C GLU A 78 1.92 5.48 11.22
N GLY A 1 22.72 -2.32 10.99
CA GLY A 1 22.76 -0.85 10.89
C GLY A 1 21.39 -0.25 10.70
N SER A 2 21.11 0.20 9.49
CA SER A 2 19.82 0.80 9.19
C SER A 2 18.74 -0.28 9.05
N PRO A 3 17.48 0.07 9.33
CA PRO A 3 16.36 -0.87 9.22
C PRO A 3 16.13 -1.33 7.78
N GLU A 4 16.63 -0.55 6.82
CA GLU A 4 16.50 -0.86 5.39
C GLU A 4 15.05 -0.63 4.94
N PHE A 5 14.86 -0.36 3.66
CA PHE A 5 13.53 -0.12 3.12
C PHE A 5 13.09 -1.28 2.22
N PRO A 6 12.39 -2.26 2.79
CA PRO A 6 11.77 -3.33 2.02
C PRO A 6 10.41 -2.90 1.47
N GLU A 7 10.18 -3.18 0.19
CA GLU A 7 8.97 -2.73 -0.48
C GLU A 7 7.77 -3.59 -0.11
N TYR A 8 8.01 -4.65 0.65
CA TYR A 8 6.93 -5.52 1.09
C TYR A 8 6.53 -5.23 2.54
N PHE A 9 6.84 -4.02 3.00
CA PHE A 9 6.49 -3.61 4.36
C PHE A 9 5.80 -2.24 4.38
N ARG A 10 6.53 -1.21 3.99
CA ARG A 10 6.12 0.16 4.26
C ARG A 10 5.43 0.79 3.05
N CYS A 11 4.37 1.54 3.31
CA CYS A 11 3.70 2.31 2.28
C CYS A 11 4.45 3.62 2.03
N PRO A 12 4.86 3.86 0.77
CA PRO A 12 5.66 5.03 0.40
C PRO A 12 4.84 6.32 0.30
N ILE A 13 3.64 6.32 0.85
CA ILE A 13 2.78 7.50 0.77
C ILE A 13 2.89 8.36 2.04
N SER A 14 2.59 7.77 3.19
CA SER A 14 2.61 8.53 4.44
C SER A 14 3.49 7.84 5.47
N LEU A 15 4.24 6.83 5.05
CA LEU A 15 5.07 6.01 5.94
C LEU A 15 4.15 5.21 6.86
N GLU A 16 2.96 4.91 6.36
CA GLU A 16 2.03 4.09 7.09
C GLU A 16 2.34 2.64 6.78
N LEU A 17 2.23 1.77 7.76
CA LEU A 17 2.43 0.38 7.51
C LEU A 17 1.09 -0.32 7.50
N MET A 18 0.83 -1.01 6.41
CA MET A 18 -0.43 -1.71 6.23
C MET A 18 -0.52 -2.90 7.17
N LYS A 19 -1.74 -3.38 7.36
CA LYS A 19 -1.99 -4.60 8.10
C LYS A 19 -2.83 -5.51 7.22
N ASP A 20 -3.79 -4.88 6.57
CA ASP A 20 -4.58 -5.54 5.54
C ASP A 20 -4.45 -4.68 4.29
N PRO A 21 -3.62 -5.11 3.35
CA PRO A 21 -3.25 -4.29 2.21
C PRO A 21 -4.15 -4.50 1.00
N VAL A 22 -4.51 -3.41 0.36
CA VAL A 22 -5.35 -3.47 -0.81
C VAL A 22 -4.55 -3.22 -2.09
N ILE A 23 -4.62 -4.20 -2.97
CA ILE A 23 -3.93 -4.14 -4.24
C ILE A 23 -4.90 -3.66 -5.31
N VAL A 24 -4.38 -3.08 -6.36
CA VAL A 24 -5.16 -2.71 -7.52
C VAL A 24 -4.37 -3.03 -8.76
N SER A 25 -4.96 -2.77 -9.92
CA SER A 25 -4.25 -2.94 -11.17
C SER A 25 -3.03 -2.00 -11.19
N THR A 26 -2.03 -2.34 -12.01
CA THR A 26 -0.75 -1.63 -12.06
C THR A 26 0.24 -2.23 -11.05
N GLY A 27 -0.30 -2.99 -10.11
CA GLY A 27 0.55 -3.69 -9.15
C GLY A 27 0.79 -2.87 -7.91
N GLN A 28 -0.18 -2.05 -7.55
CA GLN A 28 -0.09 -1.22 -6.36
C GLN A 28 -0.71 -1.91 -5.16
N THR A 29 0.00 -1.92 -4.04
CA THR A 29 -0.59 -2.37 -2.78
C THR A 29 -0.24 -1.40 -1.66
N TYR A 30 -1.20 -0.54 -1.32
CA TYR A 30 -1.01 0.45 -0.27
C TYR A 30 -2.13 0.32 0.77
N GLU A 31 -2.08 1.13 1.81
CA GLU A 31 -3.13 1.13 2.82
C GLU A 31 -4.32 1.93 2.31
N ARG A 32 -5.51 1.50 2.69
CA ARG A 32 -6.76 2.08 2.21
C ARG A 32 -6.83 3.56 2.48
N SER A 33 -6.34 3.96 3.63
CA SER A 33 -6.40 5.35 4.04
C SER A 33 -5.62 6.23 3.07
N SER A 34 -4.71 5.63 2.32
CA SER A 34 -3.91 6.34 1.35
C SER A 34 -4.53 6.22 -0.04
N ILE A 35 -4.77 4.97 -0.46
CA ILE A 35 -5.24 4.69 -1.82
C ILE A 35 -6.73 4.99 -1.99
N GLN A 36 -7.55 4.53 -1.05
CA GLN A 36 -8.99 4.64 -1.23
C GLN A 36 -9.42 6.07 -1.00
N LYS A 37 -8.52 6.82 -0.39
CA LYS A 37 -8.70 8.24 -0.21
C LYS A 37 -8.87 8.93 -1.57
N TRP A 38 -8.03 8.54 -2.53
CA TRP A 38 -8.08 9.16 -3.85
C TRP A 38 -8.89 8.31 -4.84
N LEU A 39 -8.90 6.98 -4.66
CA LEU A 39 -9.77 6.12 -5.47
C LEU A 39 -11.23 6.53 -5.31
N ASP A 40 -11.63 6.81 -4.08
CA ASP A 40 -13.00 7.23 -3.80
C ASP A 40 -13.29 8.58 -4.44
N ALA A 41 -12.22 9.36 -4.63
CA ALA A 41 -12.33 10.67 -5.26
C ALA A 41 -12.62 10.54 -6.75
N GLY A 42 -12.38 9.36 -7.29
CA GLY A 42 -12.62 9.13 -8.71
C GLY A 42 -11.36 9.22 -9.53
N HIS A 43 -10.22 9.05 -8.88
CA HIS A 43 -8.94 9.07 -9.57
C HIS A 43 -8.36 7.67 -9.68
N LYS A 44 -7.62 7.43 -10.74
CA LYS A 44 -7.07 6.12 -11.02
C LYS A 44 -5.62 6.21 -11.49
N THR A 45 -4.77 6.73 -10.63
CA THR A 45 -3.36 6.90 -10.95
C THR A 45 -2.48 6.61 -9.73
N CYS A 46 -1.60 5.63 -9.86
CA CYS A 46 -0.63 5.34 -8.80
C CYS A 46 0.28 6.54 -8.58
N PRO A 47 0.62 6.85 -7.32
CA PRO A 47 1.36 8.07 -6.96
C PRO A 47 2.84 8.00 -7.35
N LYS A 48 3.20 6.91 -8.00
CA LYS A 48 4.59 6.66 -8.36
C LYS A 48 5.00 7.51 -9.55
N SER A 49 4.33 7.31 -10.68
CA SER A 49 4.59 8.09 -11.89
C SER A 49 3.30 8.31 -12.66
N GLN A 50 2.17 8.10 -11.96
CA GLN A 50 0.85 8.23 -12.56
C GLN A 50 0.69 7.27 -13.73
N GLU A 51 1.21 6.07 -13.55
CA GLU A 51 1.16 5.01 -14.57
C GLU A 51 -0.29 4.66 -14.93
N THR A 52 -1.23 5.17 -14.14
CA THR A 52 -2.65 5.04 -14.43
C THR A 52 -3.14 3.62 -14.17
N LEU A 53 -4.10 3.51 -13.27
CA LEU A 53 -4.67 2.22 -12.92
C LEU A 53 -5.89 1.99 -13.79
N LEU A 54 -5.69 1.30 -14.91
CA LEU A 54 -6.74 1.11 -15.92
C LEU A 54 -7.97 0.46 -15.29
N HIS A 55 -7.79 -0.75 -14.78
CA HIS A 55 -8.88 -1.43 -14.08
C HIS A 55 -8.87 -1.06 -12.61
N ALA A 56 -9.74 -0.13 -12.22
CA ALA A 56 -9.88 0.21 -10.82
C ALA A 56 -10.74 -0.85 -10.13
N GLY A 57 -10.06 -1.83 -9.57
CA GLY A 57 -10.73 -2.90 -8.87
C GLY A 57 -9.94 -3.34 -7.67
N LEU A 58 -10.30 -2.80 -6.52
CA LEU A 58 -9.56 -3.01 -5.30
C LEU A 58 -9.62 -4.49 -4.90
N THR A 59 -8.46 -5.05 -4.61
CA THR A 59 -8.33 -6.47 -4.31
C THR A 59 -7.45 -6.66 -3.06
N PRO A 60 -7.85 -7.54 -2.13
CA PRO A 60 -7.05 -7.84 -0.94
C PRO A 60 -5.75 -8.58 -1.30
N ASN A 61 -4.61 -7.99 -0.98
CA ASN A 61 -3.32 -8.60 -1.30
C ASN A 61 -2.87 -9.51 -0.17
N TYR A 62 -2.62 -10.77 -0.49
CA TYR A 62 -2.27 -11.77 0.50
C TYR A 62 -0.77 -11.85 0.75
N VAL A 63 0.04 -11.40 -0.22
CA VAL A 63 1.49 -11.53 -0.12
C VAL A 63 2.05 -10.60 0.95
N LEU A 64 1.38 -9.49 1.17
CA LEU A 64 1.92 -8.43 2.00
C LEU A 64 1.47 -8.56 3.44
N LYS A 65 0.22 -8.97 3.64
CA LYS A 65 -0.40 -9.05 4.95
C LYS A 65 0.45 -9.82 5.96
N SER A 66 1.01 -10.94 5.53
CA SER A 66 1.79 -11.78 6.42
C SER A 66 3.08 -11.07 6.88
N LEU A 67 3.56 -10.15 6.07
CA LEU A 67 4.79 -9.43 6.37
C LEU A 67 4.52 -8.10 7.09
N ILE A 68 3.68 -7.27 6.48
CA ILE A 68 3.40 -5.93 7.00
C ILE A 68 2.85 -5.98 8.43
N ALA A 69 2.03 -6.98 8.70
CA ALA A 69 1.41 -7.13 10.01
C ALA A 69 2.44 -7.55 11.05
N LEU A 70 3.61 -7.96 10.56
CA LEU A 70 4.71 -8.38 11.41
C LEU A 70 5.62 -7.20 11.75
N TRP A 71 5.80 -6.30 10.80
CA TRP A 71 6.75 -5.20 10.98
C TRP A 71 6.14 -4.11 11.86
N CYS A 72 4.86 -3.84 11.69
CA CYS A 72 4.17 -2.84 12.51
C CYS A 72 3.93 -3.39 13.92
N GLU A 73 4.12 -4.69 14.07
CA GLU A 73 4.08 -5.33 15.38
C GLU A 73 5.37 -5.03 16.15
N SER A 74 6.45 -4.92 15.40
CA SER A 74 7.74 -4.60 15.98
C SER A 74 7.76 -3.13 16.42
N ASN A 75 7.40 -2.25 15.50
CA ASN A 75 7.29 -0.83 15.79
C ASN A 75 5.92 -0.34 15.36
N GLY A 76 5.19 0.26 16.30
CA GLY A 76 3.86 0.77 15.99
C GLY A 76 3.89 1.84 14.92
N ILE A 77 3.78 1.41 13.67
CA ILE A 77 3.97 2.30 12.54
C ILE A 77 2.69 2.44 11.73
N GLU A 78 2.27 3.68 11.54
CA GLU A 78 1.07 4.00 10.78
C GLU A 78 0.88 5.52 10.76
N GLY A 1 16.70 4.33 6.42
CA GLY A 1 16.13 3.87 7.71
C GLY A 1 16.92 2.70 8.28
N SER A 2 16.48 2.17 9.42
CA SER A 2 17.14 1.03 10.03
C SER A 2 17.12 -0.17 9.07
N PRO A 3 15.94 -0.57 8.54
CA PRO A 3 15.85 -1.53 7.46
C PRO A 3 15.60 -0.84 6.12
N GLU A 4 15.77 -1.57 5.03
CA GLU A 4 15.44 -1.05 3.71
C GLU A 4 13.93 -0.99 3.56
N PHE A 5 13.43 0.03 2.87
CA PHE A 5 12.00 0.21 2.72
C PHE A 5 11.56 0.16 1.25
N PRO A 6 11.25 -1.04 0.75
CA PRO A 6 10.61 -1.21 -0.55
C PRO A 6 9.09 -1.35 -0.40
N GLU A 7 8.42 -1.83 -1.44
CA GLU A 7 6.98 -2.08 -1.38
C GLU A 7 6.73 -3.46 -0.78
N TYR A 8 7.68 -3.93 0.03
CA TYR A 8 7.60 -5.23 0.66
C TYR A 8 7.02 -5.08 2.07
N PHE A 9 7.04 -3.85 2.58
CA PHE A 9 6.55 -3.55 3.93
C PHE A 9 5.99 -2.13 4.00
N ARG A 10 6.82 -1.18 3.61
CA ARG A 10 6.54 0.22 3.83
C ARG A 10 5.61 0.79 2.77
N CYS A 11 4.50 1.37 3.23
CA CYS A 11 3.62 2.12 2.36
C CYS A 11 4.27 3.45 2.02
N PRO A 12 4.63 3.66 0.75
CA PRO A 12 5.41 4.83 0.31
C PRO A 12 4.61 6.13 0.31
N ILE A 13 3.45 6.10 0.94
CA ILE A 13 2.56 7.25 0.94
C ILE A 13 2.73 8.07 2.22
N SER A 14 2.60 7.44 3.38
CA SER A 14 2.77 8.15 4.64
C SER A 14 3.70 7.40 5.59
N LEU A 15 4.19 6.25 5.14
CA LEU A 15 4.94 5.33 5.99
C LEU A 15 4.03 4.85 7.12
N GLU A 16 2.76 4.69 6.79
CA GLU A 16 1.78 4.21 7.76
C GLU A 16 1.95 2.72 7.94
N LEU A 17 2.46 2.09 6.89
CA LEU A 17 2.65 0.65 6.85
C LEU A 17 1.33 -0.04 7.15
N MET A 18 0.61 -0.36 6.07
CA MET A 18 -0.72 -0.95 6.10
C MET A 18 -0.87 -2.07 7.13
N LYS A 19 -2.11 -2.28 7.56
CA LYS A 19 -2.46 -3.40 8.41
C LYS A 19 -3.17 -4.45 7.56
N ASP A 20 -3.98 -3.97 6.63
CA ASP A 20 -4.68 -4.80 5.67
C ASP A 20 -4.50 -4.21 4.29
N PRO A 21 -3.60 -4.79 3.50
CA PRO A 21 -3.22 -4.23 2.21
C PRO A 21 -4.07 -4.74 1.06
N VAL A 22 -4.46 -3.81 0.20
CA VAL A 22 -5.23 -4.15 -0.98
C VAL A 22 -4.39 -3.98 -2.23
N ILE A 23 -4.44 -4.98 -3.10
CA ILE A 23 -3.75 -4.93 -4.36
C ILE A 23 -4.66 -4.36 -5.44
N VAL A 24 -4.10 -3.58 -6.33
CA VAL A 24 -4.84 -3.06 -7.47
C VAL A 24 -3.97 -3.21 -8.72
N SER A 25 -4.55 -3.05 -9.88
CA SER A 25 -3.82 -3.16 -11.13
C SER A 25 -2.69 -2.12 -11.16
N THR A 26 -1.58 -2.49 -11.80
CA THR A 26 -0.27 -1.83 -11.68
C THR A 26 0.60 -2.65 -10.73
N GLY A 27 -0.06 -3.41 -9.86
CA GLY A 27 0.66 -4.30 -8.96
C GLY A 27 0.95 -3.65 -7.63
N GLN A 28 0.16 -2.66 -7.27
CA GLN A 28 0.35 -1.96 -6.01
C GLN A 28 -0.31 -2.68 -4.86
N THR A 29 0.25 -2.55 -3.67
CA THR A 29 -0.39 -3.05 -2.47
C THR A 29 -0.18 -2.05 -1.33
N TYR A 30 -1.19 -1.23 -1.07
CA TYR A 30 -1.11 -0.20 -0.04
C TYR A 30 -2.28 -0.34 0.94
N GLU A 31 -2.29 0.52 1.96
CA GLU A 31 -3.40 0.56 2.90
C GLU A 31 -4.56 1.33 2.30
N ARG A 32 -5.78 0.90 2.59
CA ARG A 32 -6.98 1.51 2.03
C ARG A 32 -7.08 2.97 2.40
N SER A 33 -6.72 3.28 3.63
CA SER A 33 -6.78 4.64 4.12
C SER A 33 -5.83 5.54 3.32
N SER A 34 -4.88 4.92 2.64
CA SER A 34 -3.94 5.64 1.82
C SER A 34 -4.42 5.65 0.36
N ILE A 35 -4.72 4.48 -0.18
CA ILE A 35 -5.07 4.32 -1.59
C ILE A 35 -6.49 4.78 -1.89
N GLN A 36 -7.45 4.28 -1.13
CA GLN A 36 -8.85 4.54 -1.42
C GLN A 36 -9.18 6.00 -1.16
N LYS A 37 -8.37 6.60 -0.30
CA LYS A 37 -8.46 8.02 -0.01
C LYS A 37 -8.37 8.85 -1.29
N TRP A 38 -7.43 8.51 -2.17
CA TRP A 38 -7.23 9.29 -3.38
C TRP A 38 -7.95 8.65 -4.56
N LEU A 39 -8.14 7.33 -4.52
CA LEU A 39 -8.95 6.66 -5.52
C LEU A 39 -10.37 7.21 -5.48
N ASP A 40 -10.86 7.43 -4.26
CA ASP A 40 -12.18 7.99 -4.05
C ASP A 40 -12.28 9.39 -4.66
N ALA A 41 -11.15 10.10 -4.67
CA ALA A 41 -11.08 11.45 -5.22
C ALA A 41 -11.23 11.44 -6.74
N GLY A 42 -11.03 10.28 -7.35
CA GLY A 42 -11.18 10.17 -8.78
C GLY A 42 -9.85 10.19 -9.51
N HIS A 43 -8.83 9.67 -8.87
CA HIS A 43 -7.51 9.58 -9.48
C HIS A 43 -7.11 8.12 -9.67
N LYS A 44 -6.75 7.78 -10.89
CA LYS A 44 -6.56 6.38 -11.29
C LYS A 44 -5.08 6.06 -11.52
N THR A 45 -4.21 6.56 -10.66
CA THR A 45 -2.77 6.33 -10.79
C THR A 45 -2.15 6.01 -9.43
N CYS A 46 -1.02 5.28 -9.44
CA CYS A 46 -0.25 5.09 -8.22
C CYS A 46 0.61 6.32 -7.95
N PRO A 47 1.04 6.52 -6.69
CA PRO A 47 1.80 7.70 -6.28
C PRO A 47 3.27 7.64 -6.72
N LYS A 48 3.60 6.61 -7.47
CA LYS A 48 4.99 6.33 -7.81
C LYS A 48 5.40 6.96 -9.14
N SER A 49 4.82 6.48 -10.24
CA SER A 49 5.23 6.94 -11.56
C SER A 49 4.04 7.39 -12.41
N GLN A 50 2.84 7.42 -11.81
CA GLN A 50 1.63 7.76 -12.55
C GLN A 50 1.43 6.78 -13.70
N GLU A 51 1.35 5.51 -13.33
CA GLU A 51 1.32 4.40 -14.26
C GLU A 51 -0.08 4.19 -14.79
N THR A 52 -1.04 4.76 -14.07
CA THR A 52 -2.46 4.56 -14.35
C THR A 52 -2.86 3.14 -14.00
N LEU A 53 -3.66 3.01 -12.96
CA LEU A 53 -4.11 1.72 -12.48
C LEU A 53 -5.11 1.10 -13.45
N LEU A 54 -5.50 1.89 -14.46
CA LEU A 54 -6.44 1.44 -15.48
C LEU A 54 -7.74 0.95 -14.87
N HIS A 55 -8.41 1.86 -14.16
CA HIS A 55 -9.66 1.56 -13.46
C HIS A 55 -9.41 0.64 -12.29
N ALA A 56 -9.48 1.21 -11.09
CA ALA A 56 -9.01 0.55 -9.90
C ALA A 56 -10.01 -0.48 -9.38
N GLY A 57 -9.73 -1.75 -9.67
CA GLY A 57 -10.45 -2.83 -9.06
C GLY A 57 -9.65 -3.43 -7.93
N LEU A 58 -10.09 -3.21 -6.70
CA LEU A 58 -9.30 -3.60 -5.54
C LEU A 58 -9.36 -5.11 -5.31
N THR A 59 -8.20 -5.67 -5.04
CA THR A 59 -8.03 -7.09 -4.80
C THR A 59 -7.10 -7.30 -3.60
N PRO A 60 -7.67 -7.59 -2.42
CA PRO A 60 -6.87 -7.77 -1.20
C PRO A 60 -5.84 -8.89 -1.36
N ASN A 61 -4.56 -8.55 -1.23
CA ASN A 61 -3.52 -9.56 -1.36
C ASN A 61 -3.01 -9.97 0.03
N TYR A 62 -2.79 -11.26 0.22
CA TYR A 62 -2.46 -11.78 1.53
C TYR A 62 -0.96 -11.77 1.83
N VAL A 63 -0.13 -11.64 0.79
CA VAL A 63 1.33 -11.70 1.00
C VAL A 63 1.78 -10.57 1.91
N LEU A 64 1.24 -9.39 1.68
CA LEU A 64 1.72 -8.20 2.36
C LEU A 64 1.18 -8.11 3.78
N LYS A 65 -0.04 -8.60 3.99
CA LYS A 65 -0.66 -8.56 5.32
C LYS A 65 0.23 -9.29 6.31
N SER A 66 0.68 -10.49 5.93
CA SER A 66 1.52 -11.30 6.79
C SER A 66 2.87 -10.62 7.03
N LEU A 67 3.33 -9.89 6.03
CA LEU A 67 4.61 -9.17 6.11
C LEU A 67 4.49 -7.94 6.99
N ILE A 68 3.56 -7.06 6.65
CA ILE A 68 3.36 -5.81 7.38
C ILE A 68 2.96 -6.08 8.83
N ALA A 69 2.24 -7.17 9.03
CA ALA A 69 1.76 -7.55 10.35
C ALA A 69 2.92 -7.81 11.31
N LEU A 70 3.97 -8.46 10.82
CA LEU A 70 5.12 -8.78 11.66
C LEU A 70 5.96 -7.53 11.92
N TRP A 71 5.98 -6.62 10.96
CA TRP A 71 6.82 -5.44 11.04
C TRP A 71 6.21 -4.41 11.98
N CYS A 72 4.92 -4.15 11.83
CA CYS A 72 4.24 -3.20 12.70
C CYS A 72 4.18 -3.74 14.13
N GLU A 73 4.24 -5.05 14.26
CA GLU A 73 4.26 -5.70 15.57
C GLU A 73 5.62 -5.50 16.24
N SER A 74 6.60 -5.11 15.45
CA SER A 74 7.94 -4.94 15.94
C SER A 74 8.26 -3.47 16.26
N ASN A 75 7.62 -2.54 15.56
CA ASN A 75 7.97 -1.13 15.69
C ASN A 75 6.74 -0.22 15.70
N GLY A 76 5.56 -0.81 15.93
CA GLY A 76 4.34 -0.03 15.92
C GLY A 76 3.89 0.32 14.52
N ILE A 77 4.36 1.47 14.05
CA ILE A 77 4.18 1.95 12.67
C ILE A 77 2.70 2.06 12.22
N GLU A 78 2.28 3.32 12.09
CA GLU A 78 0.99 3.69 11.51
C GLU A 78 0.79 5.20 11.68
N GLY A 1 21.14 -4.21 8.02
CA GLY A 1 19.74 -3.73 7.94
C GLY A 1 19.66 -2.24 7.73
N SER A 2 19.30 -1.84 6.52
CA SER A 2 19.09 -0.45 6.20
C SER A 2 17.60 -0.13 6.28
N PRO A 3 17.23 1.10 6.65
CA PRO A 3 15.82 1.51 6.75
C PRO A 3 15.14 1.64 5.38
N GLU A 4 15.83 1.21 4.35
CA GLU A 4 15.28 1.22 3.00
C GLU A 4 14.22 0.12 2.85
N PHE A 5 12.97 0.49 3.05
CA PHE A 5 11.88 -0.48 2.94
C PHE A 5 11.24 -0.39 1.56
N PRO A 6 11.20 -1.51 0.84
CA PRO A 6 10.43 -1.61 -0.40
C PRO A 6 8.94 -1.52 -0.10
N GLU A 7 8.10 -1.60 -1.13
CA GLU A 7 6.67 -1.38 -0.97
C GLU A 7 5.96 -2.62 -0.40
N TYR A 8 6.74 -3.57 0.13
CA TYR A 8 6.15 -4.71 0.83
C TYR A 8 6.19 -4.46 2.34
N PHE A 9 6.61 -3.26 2.71
CA PHE A 9 6.63 -2.85 4.11
C PHE A 9 6.15 -1.41 4.26
N ARG A 10 6.93 -0.46 3.76
CA ARG A 10 6.68 0.94 4.01
C ARG A 10 5.67 1.51 3.01
N CYS A 11 4.60 2.10 3.54
CA CYS A 11 3.63 2.80 2.72
C CYS A 11 4.11 4.22 2.46
N PRO A 12 4.16 4.64 1.20
CA PRO A 12 4.71 5.94 0.80
C PRO A 12 3.71 7.08 0.91
N ILE A 13 2.56 6.80 1.47
CA ILE A 13 1.48 7.78 1.54
C ILE A 13 1.57 8.60 2.83
N SER A 14 1.68 7.93 3.96
CA SER A 14 1.86 8.62 5.23
C SER A 14 2.93 7.95 6.08
N LEU A 15 3.59 6.95 5.49
CA LEU A 15 4.47 6.04 6.23
C LEU A 15 3.67 5.42 7.38
N GLU A 16 2.41 5.12 7.09
CA GLU A 16 1.54 4.49 8.06
C GLU A 16 1.91 3.03 8.20
N LEU A 17 2.63 2.54 7.19
CA LEU A 17 3.02 1.14 7.10
C LEU A 17 1.79 0.26 7.25
N MET A 18 1.14 0.02 6.12
CA MET A 18 -0.15 -0.69 6.05
C MET A 18 -0.20 -1.93 6.93
N LYS A 19 -1.38 -2.21 7.45
CA LYS A 19 -1.61 -3.40 8.25
C LYS A 19 -2.50 -4.36 7.46
N ASP A 20 -3.42 -3.78 6.71
CA ASP A 20 -4.25 -4.53 5.78
C ASP A 20 -4.23 -3.82 4.44
N PRO A 21 -3.46 -4.35 3.48
CA PRO A 21 -3.26 -3.73 2.20
C PRO A 21 -4.16 -4.27 1.12
N VAL A 22 -4.30 -3.51 0.04
CA VAL A 22 -5.03 -3.97 -1.12
C VAL A 22 -4.18 -3.79 -2.35
N ILE A 23 -4.32 -4.71 -3.28
CA ILE A 23 -3.58 -4.67 -4.52
C ILE A 23 -4.49 -4.22 -5.65
N VAL A 24 -3.98 -3.39 -6.53
CA VAL A 24 -4.73 -3.00 -7.71
C VAL A 24 -3.84 -3.12 -8.93
N SER A 25 -4.37 -2.80 -10.10
CA SER A 25 -3.59 -2.86 -11.32
C SER A 25 -2.38 -1.94 -11.22
N THR A 26 -1.33 -2.27 -11.98
CA THR A 26 0.00 -1.66 -11.83
C THR A 26 0.81 -2.44 -10.79
N GLY A 27 0.11 -3.15 -9.91
CA GLY A 27 0.80 -4.03 -8.98
C GLY A 27 1.20 -3.34 -7.69
N GLN A 28 0.46 -2.32 -7.31
CA GLN A 28 0.75 -1.61 -6.07
C GLN A 28 0.13 -2.35 -4.90
N THR A 29 0.76 -2.25 -3.74
CA THR A 29 0.22 -2.86 -2.53
C THR A 29 0.41 -1.92 -1.35
N TYR A 30 -0.63 -1.19 -0.98
CA TYR A 30 -0.53 -0.19 0.08
C TYR A 30 -1.75 -0.20 0.99
N GLU A 31 -1.73 0.65 2.01
CA GLU A 31 -2.81 0.74 2.98
C GLU A 31 -4.12 1.14 2.29
N ARG A 32 -5.15 0.34 2.51
CA ARG A 32 -6.43 0.48 1.83
C ARG A 32 -7.10 1.80 2.18
N SER A 33 -6.94 2.24 3.42
CA SER A 33 -7.54 3.47 3.88
C SER A 33 -6.79 4.67 3.30
N SER A 34 -5.59 4.43 2.80
CA SER A 34 -4.77 5.49 2.22
C SER A 34 -4.94 5.55 0.71
N ILE A 35 -5.03 4.38 0.06
CA ILE A 35 -5.15 4.32 -1.39
C ILE A 35 -6.58 4.63 -1.84
N GLN A 36 -7.54 3.96 -1.24
CA GLN A 36 -8.94 4.14 -1.62
C GLN A 36 -9.41 5.53 -1.22
N LYS A 37 -8.70 6.09 -0.27
CA LYS A 37 -8.94 7.46 0.14
C LYS A 37 -8.90 8.39 -1.07
N TRP A 38 -7.90 8.22 -1.94
CA TRP A 38 -7.77 9.10 -3.09
C TRP A 38 -8.38 8.46 -4.35
N LEU A 39 -8.35 7.13 -4.44
CA LEU A 39 -8.99 6.47 -5.57
C LEU A 39 -10.49 6.75 -5.58
N ASP A 40 -11.11 6.70 -4.40
CA ASP A 40 -12.53 7.00 -4.27
C ASP A 40 -12.83 8.47 -4.61
N ALA A 41 -11.80 9.31 -4.47
CA ALA A 41 -11.92 10.73 -4.78
C ALA A 41 -12.13 10.95 -6.27
N GLY A 42 -11.70 9.98 -7.08
CA GLY A 42 -11.87 10.08 -8.52
C GLY A 42 -10.55 10.12 -9.25
N HIS A 43 -9.69 9.16 -8.94
CA HIS A 43 -8.38 9.07 -9.58
C HIS A 43 -8.03 7.60 -9.80
N LYS A 44 -7.02 7.35 -10.61
CA LYS A 44 -6.54 5.98 -10.80
C LYS A 44 -5.10 5.97 -11.31
N THR A 45 -4.18 6.34 -10.43
CA THR A 45 -2.75 6.26 -10.69
C THR A 45 -2.04 5.70 -9.46
N CYS A 46 -0.84 5.15 -9.62
CA CYS A 46 -0.13 4.60 -8.49
C CYS A 46 0.74 5.67 -7.84
N PRO A 47 0.97 5.58 -6.52
CA PRO A 47 1.72 6.59 -5.78
C PRO A 47 3.23 6.55 -6.04
N LYS A 48 3.68 5.64 -6.88
CA LYS A 48 5.12 5.49 -7.14
C LYS A 48 5.51 6.20 -8.43
N SER A 49 5.07 5.65 -9.54
CA SER A 49 5.41 6.17 -10.86
C SER A 49 4.28 7.03 -11.40
N GLN A 50 3.16 7.04 -10.68
CA GLN A 50 1.95 7.76 -11.09
C GLN A 50 1.43 7.19 -12.39
N GLU A 51 1.70 5.92 -12.60
CA GLU A 51 1.16 5.18 -13.73
C GLU A 51 -0.33 4.97 -13.52
N THR A 52 -1.09 5.29 -14.54
CA THR A 52 -2.51 5.10 -14.51
C THR A 52 -2.83 3.62 -14.28
N LEU A 53 -3.63 3.36 -13.25
CA LEU A 53 -4.00 1.99 -12.91
C LEU A 53 -4.87 1.39 -14.01
N LEU A 54 -5.38 2.27 -14.87
CA LEU A 54 -6.25 1.92 -15.99
C LEU A 54 -7.62 1.50 -15.47
N HIS A 55 -7.71 0.30 -14.95
CA HIS A 55 -8.93 -0.17 -14.32
C HIS A 55 -8.80 -0.09 -12.81
N ALA A 56 -9.56 0.80 -12.20
CA ALA A 56 -9.51 0.94 -10.75
C ALA A 56 -10.31 -0.17 -10.08
N GLY A 57 -9.62 -1.26 -9.76
CA GLY A 57 -10.25 -2.38 -9.12
C GLY A 57 -9.32 -2.99 -8.08
N LEU A 58 -9.86 -3.31 -6.92
CA LEU A 58 -9.04 -3.80 -5.82
C LEU A 58 -9.04 -5.32 -5.76
N THR A 59 -7.85 -5.87 -5.90
CA THR A 59 -7.61 -7.29 -5.68
C THR A 59 -7.00 -7.49 -4.28
N PRO A 60 -7.72 -8.14 -3.37
CA PRO A 60 -7.22 -8.36 -2.01
C PRO A 60 -6.00 -9.26 -1.99
N ASN A 61 -4.92 -8.74 -1.46
CA ASN A 61 -3.66 -9.49 -1.45
C ASN A 61 -3.38 -10.04 -0.05
N TYR A 62 -3.12 -11.33 0.04
CA TYR A 62 -2.72 -11.93 1.31
C TYR A 62 -1.19 -11.95 1.43
N VAL A 63 -0.51 -11.55 0.36
CA VAL A 63 0.94 -11.58 0.32
C VAL A 63 1.57 -10.60 1.32
N LEU A 64 1.03 -9.39 1.40
CA LEU A 64 1.66 -8.33 2.15
C LEU A 64 1.22 -8.31 3.60
N LYS A 65 -0.06 -8.59 3.84
CA LYS A 65 -0.65 -8.49 5.17
C LYS A 65 0.14 -9.33 6.17
N SER A 66 0.56 -10.51 5.75
CA SER A 66 1.33 -11.41 6.63
C SER A 66 2.72 -10.83 6.93
N LEU A 67 3.21 -9.95 6.07
CA LEU A 67 4.55 -9.39 6.22
C LEU A 67 4.50 -8.05 6.96
N ILE A 68 3.74 -7.10 6.44
CA ILE A 68 3.65 -5.77 7.03
C ILE A 68 3.15 -5.83 8.47
N ALA A 69 2.26 -6.78 8.73
CA ALA A 69 1.68 -6.95 10.06
C ALA A 69 2.71 -7.46 11.06
N LEU A 70 3.86 -7.90 10.58
CA LEU A 70 4.92 -8.33 11.47
C LEU A 70 5.74 -7.11 11.90
N TRP A 71 5.92 -6.18 10.98
CA TRP A 71 6.83 -5.06 11.21
C TRP A 71 6.18 -3.98 12.05
N CYS A 72 4.96 -3.60 11.69
CA CYS A 72 4.29 -2.50 12.36
C CYS A 72 3.99 -2.85 13.82
N GLU A 73 3.70 -4.13 14.06
CA GLU A 73 3.44 -4.60 15.40
C GLU A 73 4.69 -4.61 16.24
N SER A 74 5.83 -4.75 15.58
CA SER A 74 7.08 -4.91 16.27
C SER A 74 7.51 -3.59 16.90
N ASN A 75 7.60 -2.55 16.07
CA ASN A 75 8.08 -1.25 16.53
C ASN A 75 6.93 -0.37 16.98
N GLY A 76 5.82 -0.45 16.27
CA GLY A 76 4.73 0.48 16.49
C GLY A 76 4.81 1.64 15.51
N ILE A 77 4.07 1.54 14.42
CA ILE A 77 4.14 2.53 13.37
C ILE A 77 2.78 2.77 12.72
N GLU A 78 2.23 3.91 13.04
CA GLU A 78 0.94 4.37 12.51
C GLU A 78 0.56 5.70 13.15
N GLY A 1 19.86 -1.24 12.76
CA GLY A 1 21.05 -1.03 11.90
C GLY A 1 20.68 -0.93 10.43
N SER A 2 20.35 0.29 10.01
CA SER A 2 19.88 0.55 8.63
C SER A 2 18.48 0.00 8.40
N PRO A 3 17.61 0.80 7.75
CA PRO A 3 16.21 0.41 7.49
C PRO A 3 16.11 -0.82 6.58
N GLU A 4 16.53 -0.66 5.33
CA GLU A 4 16.57 -1.74 4.35
C GLU A 4 15.19 -2.39 4.15
N PHE A 5 14.33 -1.77 3.35
CA PHE A 5 13.02 -2.34 3.06
C PHE A 5 12.47 -1.83 1.73
N PRO A 6 12.25 -2.75 0.78
CA PRO A 6 11.60 -2.46 -0.50
C PRO A 6 10.08 -2.27 -0.36
N GLU A 7 9.38 -2.15 -1.48
CA GLU A 7 7.94 -1.90 -1.45
C GLU A 7 7.15 -3.17 -1.14
N TYR A 8 7.26 -3.63 0.09
CA TYR A 8 6.34 -4.59 0.66
C TYR A 8 6.19 -4.32 2.15
N PHE A 9 6.88 -3.26 2.61
CA PHE A 9 6.74 -2.75 3.96
C PHE A 9 6.51 -1.25 3.96
N ARG A 10 6.38 -0.65 2.78
CA ARG A 10 6.29 0.79 2.71
C ARG A 10 5.05 1.27 1.97
N CYS A 11 4.32 2.16 2.62
CA CYS A 11 3.24 2.89 1.96
C CYS A 11 3.73 4.31 1.69
N PRO A 12 3.78 4.72 0.42
CA PRO A 12 4.39 6.00 0.01
C PRO A 12 3.47 7.19 0.29
N ILE A 13 2.34 6.90 0.91
CA ILE A 13 1.34 7.93 1.18
C ILE A 13 1.66 8.68 2.47
N SER A 14 1.93 7.94 3.54
CA SER A 14 2.32 8.57 4.80
C SER A 14 3.52 7.86 5.44
N LEU A 15 4.02 6.83 4.75
CA LEU A 15 4.99 5.88 5.33
C LEU A 15 4.40 5.35 6.64
N GLU A 16 3.12 5.08 6.59
CA GLU A 16 2.43 4.53 7.74
C GLU A 16 2.68 3.04 7.78
N LEU A 17 2.80 2.45 6.60
CA LEU A 17 2.88 1.01 6.44
C LEU A 17 1.56 0.37 6.85
N MET A 18 0.81 0.03 5.82
CA MET A 18 -0.53 -0.55 5.92
C MET A 18 -0.66 -1.66 6.97
N LYS A 19 -1.89 -1.86 7.43
CA LYS A 19 -2.22 -3.00 8.28
C LYS A 19 -2.91 -4.07 7.45
N ASP A 20 -3.83 -3.60 6.63
CA ASP A 20 -4.62 -4.47 5.77
C ASP A 20 -4.62 -3.83 4.39
N PRO A 21 -3.82 -4.37 3.46
CA PRO A 21 -3.59 -3.76 2.18
C PRO A 21 -4.52 -4.27 1.10
N VAL A 22 -4.78 -3.41 0.14
CA VAL A 22 -5.57 -3.79 -1.01
C VAL A 22 -4.77 -3.56 -2.28
N ILE A 23 -4.74 -4.58 -3.12
CA ILE A 23 -4.03 -4.52 -4.36
C ILE A 23 -4.91 -3.94 -5.46
N VAL A 24 -4.32 -3.13 -6.31
CA VAL A 24 -5.02 -2.60 -7.46
C VAL A 24 -4.16 -2.90 -8.68
N SER A 25 -4.72 -2.70 -9.87
CA SER A 25 -3.98 -2.94 -11.10
C SER A 25 -2.75 -2.03 -11.15
N THR A 26 -1.86 -2.30 -12.11
CA THR A 26 -0.52 -1.72 -12.17
C THR A 26 0.41 -2.51 -11.23
N GLY A 27 -0.15 -3.03 -10.16
CA GLY A 27 0.63 -3.77 -9.20
C GLY A 27 0.95 -2.94 -7.96
N GLN A 28 -0.06 -2.29 -7.42
CA GLN A 28 0.13 -1.51 -6.20
C GLN A 28 -0.50 -2.21 -5.01
N THR A 29 0.10 -2.02 -3.84
CA THR A 29 -0.40 -2.61 -2.61
C THR A 29 -0.17 -1.66 -1.44
N TYR A 30 -1.22 -0.95 -1.03
CA TYR A 30 -1.08 0.09 -0.02
C TYR A 30 -2.21 0.03 0.99
N GLU A 31 -2.11 0.87 2.02
CA GLU A 31 -3.12 0.95 3.07
C GLU A 31 -4.45 1.42 2.48
N ARG A 32 -5.48 0.61 2.68
CA ARG A 32 -6.80 0.84 2.08
C ARG A 32 -7.36 2.21 2.45
N SER A 33 -7.18 2.61 3.71
CA SER A 33 -7.72 3.87 4.18
C SER A 33 -6.91 5.05 3.63
N SER A 34 -5.75 4.75 3.07
CA SER A 34 -4.91 5.76 2.46
C SER A 34 -5.15 5.81 0.95
N ILE A 35 -5.26 4.64 0.32
CA ILE A 35 -5.38 4.55 -1.13
C ILE A 35 -6.81 4.77 -1.61
N GLN A 36 -7.75 4.04 -1.03
CA GLN A 36 -9.12 4.06 -1.52
C GLN A 36 -9.77 5.38 -1.18
N LYS A 37 -9.23 6.02 -0.18
CA LYS A 37 -9.64 7.34 0.21
C LYS A 37 -9.62 8.27 -1.00
N TRP A 38 -8.59 8.16 -1.84
CA TRP A 38 -8.50 9.00 -3.01
C TRP A 38 -8.97 8.27 -4.28
N LEU A 39 -8.79 6.94 -4.34
CA LEU A 39 -9.28 6.18 -5.49
C LEU A 39 -10.79 6.24 -5.61
N ASP A 40 -11.48 6.20 -4.46
CA ASP A 40 -12.94 6.31 -4.46
C ASP A 40 -13.37 7.70 -4.91
N ALA A 41 -12.51 8.70 -4.64
CA ALA A 41 -12.77 10.07 -5.04
C ALA A 41 -12.85 10.17 -6.56
N GLY A 42 -11.90 9.56 -7.25
CA GLY A 42 -11.95 9.53 -8.70
C GLY A 42 -10.61 9.76 -9.37
N HIS A 43 -9.57 9.12 -8.86
CA HIS A 43 -8.26 9.18 -9.49
C HIS A 43 -7.86 7.81 -10.02
N LYS A 44 -6.77 7.74 -10.76
CA LYS A 44 -6.43 6.51 -11.45
C LYS A 44 -4.92 6.36 -11.63
N THR A 45 -4.15 6.54 -10.57
CA THR A 45 -2.69 6.48 -10.68
C THR A 45 -2.05 5.90 -9.41
N CYS A 46 -0.86 5.31 -9.57
CA CYS A 46 -0.09 4.78 -8.44
C CYS A 46 0.67 5.89 -7.73
N PRO A 47 0.59 5.95 -6.39
CA PRO A 47 1.24 7.01 -5.60
C PRO A 47 2.77 7.00 -5.74
N LYS A 48 3.33 5.84 -6.04
CA LYS A 48 4.78 5.68 -6.10
C LYS A 48 5.39 6.55 -7.20
N SER A 49 5.10 6.23 -8.45
CA SER A 49 5.70 6.93 -9.57
C SER A 49 4.64 7.51 -10.50
N GLN A 50 3.38 7.38 -10.11
CA GLN A 50 2.26 7.89 -10.89
C GLN A 50 2.12 7.13 -12.20
N GLU A 51 1.44 6.01 -12.08
CA GLU A 51 1.14 5.15 -13.20
C GLU A 51 -0.35 4.92 -13.25
N THR A 52 -0.97 5.28 -14.36
CA THR A 52 -2.41 5.14 -14.51
C THR A 52 -2.85 3.70 -14.26
N LEU A 53 -3.63 3.51 -13.21
CA LEU A 53 -4.11 2.21 -12.82
C LEU A 53 -5.07 1.67 -13.89
N LEU A 54 -4.58 0.81 -14.76
CA LEU A 54 -5.38 0.27 -15.86
C LEU A 54 -6.52 -0.57 -15.29
N HIS A 55 -7.73 0.00 -15.29
CA HIS A 55 -8.89 -0.60 -14.64
C HIS A 55 -8.75 -0.53 -13.12
N ALA A 56 -9.36 0.46 -12.50
CA ALA A 56 -9.29 0.61 -11.06
C ALA A 56 -10.26 -0.37 -10.38
N GLY A 57 -9.74 -1.53 -10.05
CA GLY A 57 -10.52 -2.51 -9.32
C GLY A 57 -9.76 -2.96 -8.09
N LEU A 58 -10.41 -2.92 -6.94
CA LEU A 58 -9.74 -3.23 -5.70
C LEU A 58 -9.70 -4.74 -5.49
N THR A 59 -8.49 -5.28 -5.41
CA THR A 59 -8.28 -6.70 -5.25
C THR A 59 -7.58 -6.98 -3.92
N PRO A 60 -8.27 -7.60 -2.96
CA PRO A 60 -7.68 -7.92 -1.66
C PRO A 60 -6.53 -8.90 -1.77
N ASN A 61 -5.36 -8.47 -1.33
CA ASN A 61 -4.16 -9.28 -1.45
C ASN A 61 -3.74 -9.83 -0.09
N TYR A 62 -3.35 -11.08 -0.05
CA TYR A 62 -2.92 -11.71 1.19
C TYR A 62 -1.42 -11.56 1.41
N VAL A 63 -0.67 -11.43 0.32
CA VAL A 63 0.79 -11.38 0.36
C VAL A 63 1.33 -10.37 1.37
N LEU A 64 0.78 -9.17 1.38
CA LEU A 64 1.39 -8.07 2.10
C LEU A 64 0.92 -8.03 3.55
N LYS A 65 -0.31 -8.46 3.82
CA LYS A 65 -0.89 -8.39 5.16
C LYS A 65 -0.01 -9.12 6.16
N SER A 66 0.39 -10.34 5.81
CA SER A 66 1.23 -11.16 6.68
C SER A 66 2.58 -10.50 6.91
N LEU A 67 3.06 -9.75 5.92
CA LEU A 67 4.37 -9.12 5.99
C LEU A 67 4.30 -7.80 6.76
N ILE A 68 3.37 -6.94 6.35
CA ILE A 68 3.22 -5.63 6.98
C ILE A 68 2.83 -5.77 8.44
N ALA A 69 2.02 -6.79 8.73
CA ALA A 69 1.58 -7.06 10.09
C ALA A 69 2.76 -7.48 10.96
N LEU A 70 3.84 -7.86 10.30
CA LEU A 70 5.05 -8.29 10.99
C LEU A 70 5.97 -7.12 11.32
N TRP A 71 6.01 -6.13 10.41
CA TRP A 71 6.97 -5.03 10.54
C TRP A 71 6.48 -3.98 11.52
N CYS A 72 5.21 -3.58 11.42
CA CYS A 72 4.64 -2.56 12.29
C CYS A 72 4.64 -3.05 13.74
N GLU A 73 4.60 -4.37 13.90
CA GLU A 73 4.65 -4.99 15.22
C GLU A 73 6.06 -4.85 15.81
N SER A 74 7.05 -4.83 14.93
CA SER A 74 8.43 -4.70 15.36
C SER A 74 8.77 -3.25 15.71
N ASN A 75 8.31 -2.34 14.87
CA ASN A 75 8.57 -0.92 15.07
C ASN A 75 7.29 -0.13 14.86
N GLY A 76 6.93 0.69 15.84
CA GLY A 76 5.72 1.49 15.77
C GLY A 76 5.73 2.42 14.58
N ILE A 77 5.04 2.03 13.52
CA ILE A 77 5.04 2.78 12.29
C ILE A 77 3.63 3.30 11.97
N GLU A 78 2.63 2.50 12.31
CA GLU A 78 1.24 2.87 12.18
C GLU A 78 0.45 2.05 13.18
#